data_1O4B
# 
_entry.id   1O4B 
# 
_audit_conform.dict_name       mmcif_pdbx.dic 
_audit_conform.dict_version    5.376 
_audit_conform.dict_location   http://mmcif.pdb.org/dictionaries/ascii/mmcif_pdbx.dic 
# 
loop_
_database_2.database_id 
_database_2.database_code 
_database_2.pdbx_database_accession 
_database_2.pdbx_DOI 
PDB   1O4B         pdb_00001o4b 10.2210/pdb1o4b/pdb 
RCSB  RCSB001786   ?            ?                   
WWPDB D_1000001786 ?            ?                   
# 
_pdbx_database_status.status_code                     REL 
_pdbx_database_status.entry_id                        1O4B 
_pdbx_database_status.recvd_initial_deposition_date   2003-06-15 
_pdbx_database_status.deposit_site                    RCSB 
_pdbx_database_status.process_site                    RCSB 
_pdbx_database_status.SG_entry                        . 
_pdbx_database_status.pdb_format_compatible           Y 
_pdbx_database_status.status_code_mr                  ? 
_pdbx_database_status.status_code_sf                  ? 
_pdbx_database_status.status_code_cs                  ? 
_pdbx_database_status.status_code_nmr_data            ? 
_pdbx_database_status.methods_development_category    ? 
# 
loop_
_audit_author.name 
_audit_author.pdbx_ordinal 
'Lange, G.'  1 
'Loenze, P.' 2 
'Liesum, A.' 3 
# 
_citation.id                        primary 
_citation.title                     
;Requirements for specific binding of low affinity inhibitor fragments to the SH2 domain of (pp60)Src are identical to those for high affinity binding of full length inhibitors.
;
_citation.journal_abbrev            J.Med.Chem. 
_citation.journal_volume            46 
_citation.page_first                5184 
_citation.page_last                 5195 
_citation.year                      2003 
_citation.journal_id_ASTM           JMCMAR 
_citation.country                   US 
_citation.journal_id_ISSN           0022-2623 
_citation.journal_id_CSD            0151 
_citation.book_publisher            ? 
_citation.pdbx_database_id_PubMed   14613321 
_citation.pdbx_database_id_DOI      10.1021/jm020970s 
# 
loop_
_citation_author.citation_id 
_citation_author.name 
_citation_author.ordinal 
_citation_author.identifier_ORCID 
primary 'Lange, G.'       1  ? 
primary 'Lesuisse, D.'    2  ? 
primary 'Deprez, P.'      3  ? 
primary 'Schoot, B.'      4  ? 
primary 'Loenze, P.'      5  ? 
primary 'Benard, D.'      6  ? 
primary 'Marquette, J.P.' 7  ? 
primary 'Broto, P.'       8  ? 
primary 'Sarubbi, E.'     9  ? 
primary 'Mandine, E.'     10 ? 
# 
_cell.entry_id           1O4B 
_cell.length_a           26.406 
_cell.length_b           58.896 
_cell.length_c           63.221 
_cell.angle_alpha        90.00 
_cell.angle_beta         90.00 
_cell.angle_gamma        90.00 
_cell.Z_PDB              4 
_cell.pdbx_unique_axis   ? 
# 
_symmetry.entry_id                         1O4B 
_symmetry.space_group_name_H-M             'P 21 21 21' 
_symmetry.pdbx_full_space_group_name_H-M   ? 
_symmetry.cell_setting                     ? 
_symmetry.Int_Tables_number                19 
# 
loop_
_entity.id 
_entity.type 
_entity.src_method 
_entity.pdbx_description 
_entity.formula_weight 
_entity.pdbx_number_of_molecules 
_entity.pdbx_ec 
_entity.pdbx_mutation 
_entity.pdbx_fragment 
_entity.details 
1 polymer     man 'PROTO-ONCOGENE TYROSINE-PROTEIN KINASE SRC'                                                  12374.964 1   
2.7.1.112 ? 'SH2 DOMAIN' ? 
2 non-polymer syn "N-ACETYL-N-[1-(1,1'-BIPHENYL-4-YLMETHYL)-2-OXOAZEPAN-3-YL]-3,4-DIPHOSPHONOPHENYLALANINAMIDE" 643.561   1   ? ? 
?            ? 
3 water       nat water                                                                                         18.015    128 ? ? 
?            ? 
# 
_entity_name_com.entity_id   1 
_entity_name_com.name        'P60-SRC, C-SRC' 
# 
_entity_poly.entity_id                      1 
_entity_poly.type                           'polypeptide(L)' 
_entity_poly.nstd_linkage                   no 
_entity_poly.nstd_monomer                   no 
_entity_poly.pdbx_seq_one_letter_code       
;SIQAEEWYFGKITRRESERLLLNAENPRGTFLVRESETTKGAYCLSVSDFDNAKGLNVKHYKIRKLDSGGFYITSRTQFN
SLQQLVAYYSKHADGLCHRLTTVCPTSK
;
_entity_poly.pdbx_seq_one_letter_code_can   
;SIQAEEWYFGKITRRESERLLLNAENPRGTFLVRESETTKGAYCLSVSDFDNAKGLNVKHYKIRKLDSGGFYITSRTQFN
SLQQLVAYYSKHADGLCHRLTTVCPTSK
;
_entity_poly.pdbx_strand_id                 A 
_entity_poly.pdbx_target_identifier         ? 
# 
loop_
_entity_poly_seq.entity_id 
_entity_poly_seq.num 
_entity_poly_seq.mon_id 
_entity_poly_seq.hetero 
1 1   SER n 
1 2   ILE n 
1 3   GLN n 
1 4   ALA n 
1 5   GLU n 
1 6   GLU n 
1 7   TRP n 
1 8   TYR n 
1 9   PHE n 
1 10  GLY n 
1 11  LYS n 
1 12  ILE n 
1 13  THR n 
1 14  ARG n 
1 15  ARG n 
1 16  GLU n 
1 17  SER n 
1 18  GLU n 
1 19  ARG n 
1 20  LEU n 
1 21  LEU n 
1 22  LEU n 
1 23  ASN n 
1 24  ALA n 
1 25  GLU n 
1 26  ASN n 
1 27  PRO n 
1 28  ARG n 
1 29  GLY n 
1 30  THR n 
1 31  PHE n 
1 32  LEU n 
1 33  VAL n 
1 34  ARG n 
1 35  GLU n 
1 36  SER n 
1 37  GLU n 
1 38  THR n 
1 39  THR n 
1 40  LYS n 
1 41  GLY n 
1 42  ALA n 
1 43  TYR n 
1 44  CYS n 
1 45  LEU n 
1 46  SER n 
1 47  VAL n 
1 48  SER n 
1 49  ASP n 
1 50  PHE n 
1 51  ASP n 
1 52  ASN n 
1 53  ALA n 
1 54  LYS n 
1 55  GLY n 
1 56  LEU n 
1 57  ASN n 
1 58  VAL n 
1 59  LYS n 
1 60  HIS n 
1 61  TYR n 
1 62  LYS n 
1 63  ILE n 
1 64  ARG n 
1 65  LYS n 
1 66  LEU n 
1 67  ASP n 
1 68  SER n 
1 69  GLY n 
1 70  GLY n 
1 71  PHE n 
1 72  TYR n 
1 73  ILE n 
1 74  THR n 
1 75  SER n 
1 76  ARG n 
1 77  THR n 
1 78  GLN n 
1 79  PHE n 
1 80  ASN n 
1 81  SER n 
1 82  LEU n 
1 83  GLN n 
1 84  GLN n 
1 85  LEU n 
1 86  VAL n 
1 87  ALA n 
1 88  TYR n 
1 89  TYR n 
1 90  SER n 
1 91  LYS n 
1 92  HIS n 
1 93  ALA n 
1 94  ASP n 
1 95  GLY n 
1 96  LEU n 
1 97  CYS n 
1 98  HIS n 
1 99  ARG n 
1 100 LEU n 
1 101 THR n 
1 102 THR n 
1 103 VAL n 
1 104 CYS n 
1 105 PRO n 
1 106 THR n 
1 107 SER n 
1 108 LYS n 
# 
_entity_src_gen.entity_id                          1 
_entity_src_gen.pdbx_src_id                        1 
_entity_src_gen.pdbx_alt_source_flag               sample 
_entity_src_gen.pdbx_seq_type                      ? 
_entity_src_gen.pdbx_beg_seq_num                   ? 
_entity_src_gen.pdbx_end_seq_num                   ? 
_entity_src_gen.gene_src_common_name               human 
_entity_src_gen.gene_src_genus                     Homo 
_entity_src_gen.pdbx_gene_src_gene                 SRC 
_entity_src_gen.gene_src_species                   ? 
_entity_src_gen.gene_src_strain                    ? 
_entity_src_gen.gene_src_tissue                    ? 
_entity_src_gen.gene_src_tissue_fraction           ? 
_entity_src_gen.gene_src_details                   ? 
_entity_src_gen.pdbx_gene_src_fragment             ? 
_entity_src_gen.pdbx_gene_src_scientific_name      'Homo sapiens' 
_entity_src_gen.pdbx_gene_src_ncbi_taxonomy_id     9606 
_entity_src_gen.pdbx_gene_src_variant              ? 
_entity_src_gen.pdbx_gene_src_cell_line            ? 
_entity_src_gen.pdbx_gene_src_atcc                 ? 
_entity_src_gen.pdbx_gene_src_organ                ? 
_entity_src_gen.pdbx_gene_src_organelle            ? 
_entity_src_gen.pdbx_gene_src_cell                 ? 
_entity_src_gen.pdbx_gene_src_cellular_location    ? 
_entity_src_gen.host_org_common_name               ? 
_entity_src_gen.pdbx_host_org_scientific_name      'Escherichia coli' 
_entity_src_gen.pdbx_host_org_ncbi_taxonomy_id     562 
_entity_src_gen.host_org_genus                     Escherichia 
_entity_src_gen.pdbx_host_org_gene                 ? 
_entity_src_gen.pdbx_host_org_organ                ? 
_entity_src_gen.host_org_species                   ? 
_entity_src_gen.pdbx_host_org_tissue               ? 
_entity_src_gen.pdbx_host_org_tissue_fraction      ? 
_entity_src_gen.pdbx_host_org_strain               ? 
_entity_src_gen.pdbx_host_org_variant              ? 
_entity_src_gen.pdbx_host_org_cell_line            ? 
_entity_src_gen.pdbx_host_org_atcc                 ? 
_entity_src_gen.pdbx_host_org_culture_collection   ? 
_entity_src_gen.pdbx_host_org_cell                 ? 
_entity_src_gen.pdbx_host_org_organelle            ? 
_entity_src_gen.pdbx_host_org_cellular_location    ? 
_entity_src_gen.pdbx_host_org_vector_type          ? 
_entity_src_gen.pdbx_host_org_vector               ? 
_entity_src_gen.host_org_details                   ? 
_entity_src_gen.expression_system_id               ? 
_entity_src_gen.plasmid_name                       'BL21 (DE3)' 
_entity_src_gen.plasmid_details                    ? 
_entity_src_gen.pdbx_description                   ? 
# 
_struct_ref.id                         1 
_struct_ref.db_name                    UNP 
_struct_ref.db_code                    SRC_HUMAN 
_struct_ref.pdbx_db_accession          P12931 
_struct_ref.entity_id                  1 
_struct_ref.pdbx_seq_one_letter_code   
;SIQAEEWYFGKITRRESERLLLNAENPRGTFLVRESETTKGAYCLSVSDFDNAKGLNVKHYKIRKLDSGGFYITSRTQFN
SLQQLVAYYSKHADGLCHRLTTVCPTSK
;
_struct_ref.pdbx_align_begin           144 
_struct_ref.pdbx_db_isoform            ? 
# 
_struct_ref_seq.align_id                      1 
_struct_ref_seq.ref_id                        1 
_struct_ref_seq.pdbx_PDB_id_code              1O4B 
_struct_ref_seq.pdbx_strand_id                A 
_struct_ref_seq.seq_align_beg                 1 
_struct_ref_seq.pdbx_seq_align_beg_ins_code   ? 
_struct_ref_seq.seq_align_end                 108 
_struct_ref_seq.pdbx_seq_align_end_ins_code   ? 
_struct_ref_seq.pdbx_db_accession             P12931 
_struct_ref_seq.db_align_beg                  144 
_struct_ref_seq.pdbx_db_align_beg_ins_code    ? 
_struct_ref_seq.db_align_end                  251 
_struct_ref_seq.pdbx_db_align_end_ins_code    ? 
_struct_ref_seq.pdbx_auth_seq_align_beg       1 
_struct_ref_seq.pdbx_auth_seq_align_end       108 
# 
loop_
_chem_comp.id 
_chem_comp.type 
_chem_comp.mon_nstd_flag 
_chem_comp.name 
_chem_comp.pdbx_synonyms 
_chem_comp.formula 
_chem_comp.formula_weight 
876 non-polymer         . "N-ACETYL-N-[1-(1,1'-BIPHENYL-4-YLMETHYL)-2-OXOAZEPAN-3-YL]-3,4-DIPHOSPHONOPHENYLALANINAMIDE" RU83876 
'C30 H35 N3 O9 P2' 643.561 
ALA 'L-peptide linking' y ALANINE                                                                                       ?       
'C3 H7 N O2'       89.093  
ARG 'L-peptide linking' y ARGININE                                                                                      ?       
'C6 H15 N4 O2 1'   175.209 
ASN 'L-peptide linking' y ASPARAGINE                                                                                    ?       
'C4 H8 N2 O3'      132.118 
ASP 'L-peptide linking' y 'ASPARTIC ACID'                                                                               ?       
'C4 H7 N O4'       133.103 
CYS 'L-peptide linking' y CYSTEINE                                                                                      ?       
'C3 H7 N O2 S'     121.158 
GLN 'L-peptide linking' y GLUTAMINE                                                                                     ?       
'C5 H10 N2 O3'     146.144 
GLU 'L-peptide linking' y 'GLUTAMIC ACID'                                                                               ?       
'C5 H9 N O4'       147.129 
GLY 'peptide linking'   y GLYCINE                                                                                       ?       
'C2 H5 N O2'       75.067  
HIS 'L-peptide linking' y HISTIDINE                                                                                     ?       
'C6 H10 N3 O2 1'   156.162 
HOH non-polymer         . WATER                                                                                         ?       
'H2 O'             18.015  
ILE 'L-peptide linking' y ISOLEUCINE                                                                                    ?       
'C6 H13 N O2'      131.173 
LEU 'L-peptide linking' y LEUCINE                                                                                       ?       
'C6 H13 N O2'      131.173 
LYS 'L-peptide linking' y LYSINE                                                                                        ?       
'C6 H15 N2 O2 1'   147.195 
PHE 'L-peptide linking' y PHENYLALANINE                                                                                 ?       
'C9 H11 N O2'      165.189 
PRO 'L-peptide linking' y PROLINE                                                                                       ?       
'C5 H9 N O2'       115.130 
SER 'L-peptide linking' y SERINE                                                                                        ?       
'C3 H7 N O3'       105.093 
THR 'L-peptide linking' y THREONINE                                                                                     ?       
'C4 H9 N O3'       119.119 
TRP 'L-peptide linking' y TRYPTOPHAN                                                                                    ?       
'C11 H12 N2 O2'    204.225 
TYR 'L-peptide linking' y TYROSINE                                                                                      ?       
'C9 H11 N O3'      181.189 
VAL 'L-peptide linking' y VALINE                                                                                        ?       
'C5 H11 N O2'      117.146 
# 
_exptl.entry_id          1O4B 
_exptl.method            'X-RAY DIFFRACTION' 
_exptl.crystals_number   1 
# 
_exptl_crystal.id                    1 
_exptl_crystal.density_meas          ? 
_exptl_crystal.density_Matthews      2.2 
_exptl_crystal.density_percent_sol   41.9 
_exptl_crystal.description           ? 
# 
_exptl_crystal_grow.crystal_id      1 
_exptl_crystal_grow.method          ? 
_exptl_crystal_grow.temp            ? 
_exptl_crystal_grow.temp_details    ? 
_exptl_crystal_grow.pH              5.50 
_exptl_crystal_grow.pdbx_pH_range   ? 
_exptl_crystal_grow.pdbx_details    'pH 5.50' 
# 
_diffrn.id                     1 
_diffrn.ambient_temp           100.0 
_diffrn.ambient_temp_details   ? 
_diffrn.crystal_id             1 
# 
_diffrn_detector.diffrn_id              1 
_diffrn_detector.detector               'IMAGE PLATE' 
_diffrn_detector.type                   'MAR scanner 345 mm plate' 
_diffrn_detector.pdbx_collection_date   1999-05-12 
_diffrn_detector.details                ? 
# 
_diffrn_radiation.diffrn_id                        1 
_diffrn_radiation.wavelength_id                    1 
_diffrn_radiation.pdbx_monochromatic_or_laue_m_l   M 
_diffrn_radiation.monochromator                    GRAPHITE 
_diffrn_radiation.pdbx_diffrn_protocol             'SINGLE WAVELENGTH' 
_diffrn_radiation.pdbx_scattering_type             x-ray 
# 
_diffrn_radiation_wavelength.id           1 
_diffrn_radiation_wavelength.wavelength   1.5418 
_diffrn_radiation_wavelength.wt           1.0 
# 
_diffrn_source.diffrn_id                   1 
_diffrn_source.source                      'ROTATING ANODE' 
_diffrn_source.type                        'ELLIOTT GX-21' 
_diffrn_source.pdbx_synchrotron_site       ? 
_diffrn_source.pdbx_synchrotron_beamline   ? 
_diffrn_source.pdbx_wavelength             1.5418 
_diffrn_source.pdbx_wavelength_list        ? 
# 
_reflns.entry_id                     1O4B 
_reflns.observed_criterion_sigma_I   -3.000 
_reflns.observed_criterion_sigma_F   ? 
_reflns.d_resolution_low             40.000 
_reflns.d_resolution_high            1.85 
_reflns.number_obs                   9571 
_reflns.number_all                   ? 
_reflns.percent_possible_obs         98.1 
_reflns.pdbx_Rmerge_I_obs            0.053 
_reflns.pdbx_Rsym_value              ? 
_reflns.pdbx_netI_over_sigmaI        17 
_reflns.B_iso_Wilson_estimate        ? 
_reflns.pdbx_redundancy              ? 
_reflns.pdbx_diffrn_id               1 
_reflns.pdbx_ordinal                 1 
# 
_reflns_shell.d_res_high             1.85 
_reflns_shell.d_res_low              1.90 
_reflns_shell.percent_possible_all   99.7 
_reflns_shell.Rmerge_I_obs           0.24 
_reflns_shell.pdbx_Rsym_value        ? 
_reflns_shell.meanI_over_sigI_obs    4.7 
_reflns_shell.pdbx_redundancy        ? 
_reflns_shell.pdbx_diffrn_id         ? 
_reflns_shell.pdbx_ordinal           1 
# 
_refine.entry_id                                 1O4B 
_refine.ls_number_reflns_obs                     8742 
_refine.ls_number_reflns_all                     ? 
_refine.pdbx_ls_sigma_I                          ? 
_refine.pdbx_ls_sigma_F                          ? 
_refine.pdbx_data_cutoff_high_absF               1000000.000 
_refine.pdbx_data_cutoff_low_absF                0.1000 
_refine.pdbx_data_cutoff_high_rms_absF           ? 
_refine.ls_d_res_low                             8.00 
_refine.ls_d_res_high                            1.85 
_refine.ls_percent_reflns_obs                    98.1 
_refine.ls_R_factor_obs                          0.196 
_refine.ls_R_factor_all                          ? 
_refine.ls_R_factor_R_work                       0.196 
_refine.ls_R_factor_R_free                       ? 
_refine.ls_R_factor_R_free_error                 ? 
_refine.ls_R_factor_R_free_error_details         ? 
_refine.ls_percent_reflns_R_free                 ? 
_refine.ls_number_reflns_R_free                  ? 
_refine.ls_number_parameters                     ? 
_refine.ls_number_restraints                     ? 
_refine.occupancy_min                            ? 
_refine.occupancy_max                            ? 
_refine.correlation_coeff_Fo_to_Fc               ? 
_refine.correlation_coeff_Fo_to_Fc_free          ? 
_refine.B_iso_mean                               24.3 
_refine.aniso_B[1][1]                            ? 
_refine.aniso_B[2][2]                            ? 
_refine.aniso_B[3][3]                            ? 
_refine.aniso_B[1][2]                            ? 
_refine.aniso_B[1][3]                            ? 
_refine.aniso_B[2][3]                            ? 
_refine.solvent_model_details                    ? 
_refine.solvent_model_param_ksol                 ? 
_refine.solvent_model_param_bsol                 ? 
_refine.pdbx_solvent_vdw_probe_radii             ? 
_refine.pdbx_solvent_ion_probe_radii             ? 
_refine.pdbx_solvent_shrinkage_radii             ? 
_refine.pdbx_ls_cross_valid_method               ? 
_refine.details                                  ? 
_refine.pdbx_starting_model                      1SHD 
_refine.pdbx_method_to_determine_struct          MR 
_refine.pdbx_isotropic_thermal_model             ? 
_refine.pdbx_stereochemistry_target_values       ? 
_refine.pdbx_stereochem_target_val_spec_case     ? 
_refine.pdbx_R_Free_selection_details            ? 
_refine.pdbx_overall_ESU_R                       ? 
_refine.pdbx_overall_ESU_R_Free                  ? 
_refine.overall_SU_ML                            ? 
_refine.overall_SU_B                             ? 
_refine.pdbx_refine_id                           'X-RAY DIFFRACTION' 
_refine.pdbx_diffrn_id                           1 
_refine.pdbx_TLS_residual_ADP_flag               ? 
_refine.pdbx_overall_phase_error                 ? 
_refine.overall_SU_R_Cruickshank_DPI             ? 
_refine.pdbx_overall_SU_R_free_Cruickshank_DPI   ? 
_refine.pdbx_overall_SU_R_Blow_DPI               ? 
_refine.pdbx_overall_SU_R_free_Blow_DPI          ? 
# 
_refine_hist.pdbx_refine_id                   'X-RAY DIFFRACTION' 
_refine_hist.cycle_id                         LAST 
_refine_hist.pdbx_number_atoms_protein        856 
_refine_hist.pdbx_number_atoms_nucleic_acid   0 
_refine_hist.pdbx_number_atoms_ligand         88 
_refine_hist.number_atoms_solvent             128 
_refine_hist.number_atoms_total               1072 
_refine_hist.d_res_high                       1.85 
_refine_hist.d_res_low                        8.00 
# 
loop_
_refine_ls_restr.type 
_refine_ls_restr.dev_ideal 
_refine_ls_restr.dev_ideal_target 
_refine_ls_restr.weight 
_refine_ls_restr.number 
_refine_ls_restr.pdbx_refine_id 
_refine_ls_restr.pdbx_restraint_function 
x_bond_d                0.010 ? ? ? 'X-RAY DIFFRACTION' ? 
x_bond_d_na             ?     ? ? ? 'X-RAY DIFFRACTION' ? 
x_bond_d_prot           ?     ? ? ? 'X-RAY DIFFRACTION' ? 
x_angle_d               ?     ? ? ? 'X-RAY DIFFRACTION' ? 
x_angle_d_na            ?     ? ? ? 'X-RAY DIFFRACTION' ? 
x_angle_d_prot          ?     ? ? ? 'X-RAY DIFFRACTION' ? 
x_angle_deg             1.1   ? ? ? 'X-RAY DIFFRACTION' ? 
x_angle_deg_na          ?     ? ? ? 'X-RAY DIFFRACTION' ? 
x_angle_deg_prot        ?     ? ? ? 'X-RAY DIFFRACTION' ? 
x_dihedral_angle_d      ?     ? ? ? 'X-RAY DIFFRACTION' ? 
x_dihedral_angle_d_na   ?     ? ? ? 'X-RAY DIFFRACTION' ? 
x_dihedral_angle_d_prot ?     ? ? ? 'X-RAY DIFFRACTION' ? 
x_improper_angle_d      ?     ? ? ? 'X-RAY DIFFRACTION' ? 
x_improper_angle_d_na   ?     ? ? ? 'X-RAY DIFFRACTION' ? 
x_improper_angle_d_prot ?     ? ? ? 'X-RAY DIFFRACTION' ? 
x_mcbond_it             ?     ? ? ? 'X-RAY DIFFRACTION' ? 
x_mcangle_it            ?     ? ? ? 'X-RAY DIFFRACTION' ? 
x_scbond_it             ?     ? ? ? 'X-RAY DIFFRACTION' ? 
x_scangle_it            ?     ? ? ? 'X-RAY DIFFRACTION' ? 
# 
_struct.entry_id                  1O4B 
_struct.title                     'CRYSTAL STRUCTURE OF SH2 IN COMPLEX WITH RU83876.' 
_struct.pdbx_model_details        ? 
_struct.pdbx_CASP_flag            ? 
_struct.pdbx_model_type_details   ? 
# 
_struct_keywords.entry_id        1O4B 
_struct_keywords.pdbx_keywords   'SIGNALING PROTEIN' 
_struct_keywords.text            'SH2 DOMAIN FRAGMENT APPROACH, SIGNALING PROTEIN' 
# 
loop_
_struct_asym.id 
_struct_asym.pdbx_blank_PDB_chainid_flag 
_struct_asym.pdbx_modified 
_struct_asym.entity_id 
_struct_asym.details 
A N N 1 ? 
B N N 2 ? 
C N N 3 ? 
# 
_struct_biol.id   1 
# 
loop_
_struct_conf.conf_type_id 
_struct_conf.id 
_struct_conf.pdbx_PDB_helix_id 
_struct_conf.beg_label_comp_id 
_struct_conf.beg_label_asym_id 
_struct_conf.beg_label_seq_id 
_struct_conf.pdbx_beg_PDB_ins_code 
_struct_conf.end_label_comp_id 
_struct_conf.end_label_asym_id 
_struct_conf.end_label_seq_id 
_struct_conf.pdbx_end_PDB_ins_code 
_struct_conf.beg_auth_comp_id 
_struct_conf.beg_auth_asym_id 
_struct_conf.beg_auth_seq_id 
_struct_conf.end_auth_comp_id 
_struct_conf.end_auth_asym_id 
_struct_conf.end_auth_seq_id 
_struct_conf.pdbx_PDB_helix_class 
_struct_conf.details 
_struct_conf.pdbx_PDB_helix_length 
HELX_P HELX_P1 1 THR A 13 ? LEU A 22 ? THR A 13 LEU A 22 1 ? 10 
HELX_P HELX_P2 2 SER A 81 ? HIS A 92 ? SER A 81 HIS A 92 1 ? 12 
# 
_struct_conf_type.id          HELX_P 
_struct_conf_type.criteria    ? 
_struct_conf_type.reference   ? 
# 
_struct_sheet.id               A 
_struct_sheet.type             ? 
_struct_sheet.number_strands   5 
_struct_sheet.details          ? 
# 
loop_
_struct_sheet_order.sheet_id 
_struct_sheet_order.range_id_1 
_struct_sheet_order.range_id_2 
_struct_sheet_order.offset 
_struct_sheet_order.sense 
A 1 2 ? anti-parallel 
A 2 3 ? anti-parallel 
A 3 4 ? anti-parallel 
A 4 5 ? anti-parallel 
# 
loop_
_struct_sheet_range.sheet_id 
_struct_sheet_range.id 
_struct_sheet_range.beg_label_comp_id 
_struct_sheet_range.beg_label_asym_id 
_struct_sheet_range.beg_label_seq_id 
_struct_sheet_range.pdbx_beg_PDB_ins_code 
_struct_sheet_range.end_label_comp_id 
_struct_sheet_range.end_label_asym_id 
_struct_sheet_range.end_label_seq_id 
_struct_sheet_range.pdbx_end_PDB_ins_code 
_struct_sheet_range.beg_auth_comp_id 
_struct_sheet_range.beg_auth_asym_id 
_struct_sheet_range.beg_auth_seq_id 
_struct_sheet_range.end_auth_comp_id 
_struct_sheet_range.end_auth_asym_id 
_struct_sheet_range.end_auth_seq_id 
A 1 PHE A 31 ? GLU A 35 ? PHE A 31 GLU A 35 
A 2 TYR A 43 ? ASP A 51 ? TYR A 43 ASP A 51 
A 3 GLY A 55 ? LYS A 65 ? GLY A 55 LYS A 65 
A 4 PHE A 71 ? TYR A 72 ? PHE A 71 TYR A 72 
A 5 GLN A 78 ? PHE A 79 ? GLN A 78 PHE A 79 
# 
loop_
_pdbx_struct_sheet_hbond.sheet_id 
_pdbx_struct_sheet_hbond.range_id_1 
_pdbx_struct_sheet_hbond.range_id_2 
_pdbx_struct_sheet_hbond.range_1_label_atom_id 
_pdbx_struct_sheet_hbond.range_1_label_comp_id 
_pdbx_struct_sheet_hbond.range_1_label_asym_id 
_pdbx_struct_sheet_hbond.range_1_label_seq_id 
_pdbx_struct_sheet_hbond.range_1_PDB_ins_code 
_pdbx_struct_sheet_hbond.range_1_auth_atom_id 
_pdbx_struct_sheet_hbond.range_1_auth_comp_id 
_pdbx_struct_sheet_hbond.range_1_auth_asym_id 
_pdbx_struct_sheet_hbond.range_1_auth_seq_id 
_pdbx_struct_sheet_hbond.range_2_label_atom_id 
_pdbx_struct_sheet_hbond.range_2_label_comp_id 
_pdbx_struct_sheet_hbond.range_2_label_asym_id 
_pdbx_struct_sheet_hbond.range_2_label_seq_id 
_pdbx_struct_sheet_hbond.range_2_PDB_ins_code 
_pdbx_struct_sheet_hbond.range_2_auth_atom_id 
_pdbx_struct_sheet_hbond.range_2_auth_comp_id 
_pdbx_struct_sheet_hbond.range_2_auth_asym_id 
_pdbx_struct_sheet_hbond.range_2_auth_seq_id 
A 1 2 N ARG A 34 ? N ARG A 34 O CYS A 44 ? O CYS A 44 
A 2 3 N LEU A 45 ? N LEU A 45 O TYR A 61 ? O TYR A 61 
A 3 4 N ARG A 64 ? N ARG A 64 O TYR A 72 ? O TYR A 72 
A 4 5 N PHE A 71 ? N PHE A 71 O PHE A 79 ? O PHE A 79 
# 
_struct_site.id                   AC1 
_struct_site.pdbx_evidence_code   Software 
_struct_site.pdbx_auth_asym_id    A 
_struct_site.pdbx_auth_comp_id    876 
_struct_site.pdbx_auth_seq_id     300 
_struct_site.pdbx_auth_ins_code   ? 
_struct_site.pdbx_num_residues    22 
_struct_site.details              'BINDING SITE FOR RESIDUE 876 A 300' 
# 
loop_
_struct_site_gen.id 
_struct_site_gen.site_id 
_struct_site_gen.pdbx_num_res 
_struct_site_gen.label_comp_id 
_struct_site_gen.label_asym_id 
_struct_site_gen.label_seq_id 
_struct_site_gen.pdbx_auth_ins_code 
_struct_site_gen.auth_comp_id 
_struct_site_gen.auth_asym_id 
_struct_site_gen.auth_seq_id 
_struct_site_gen.label_atom_id 
_struct_site_gen.label_alt_id 
_struct_site_gen.symmetry 
_struct_site_gen.details 
1  AC1 22 ARG A 14  ? ARG A 14  . ? 1_555 ? 
2  AC1 22 ARG A 28  ? ARG A 28  . ? 4_556 ? 
3  AC1 22 ARG A 34  ? ARG A 34  . ? 1_555 ? 
4  AC1 22 SER A 36  ? SER A 36  . ? 1_555 ? 
5  AC1 22 GLU A 37  ? GLU A 37  . ? 1_555 ? 
6  AC1 22 THR A 38  ? THR A 38  . ? 1_555 ? 
7  AC1 22 CYS A 44  ? CYS A 44  . ? 1_555 ? 
8  AC1 22 HIS A 60  ? HIS A 60  . ? 1_555 ? 
9  AC1 22 TYR A 61  ? TYR A 61  . ? 1_555 ? 
10 AC1 22 LYS A 62  ? LYS A 62  . ? 1_555 ? 
11 AC1 22 ILE A 73  ? ILE A 73  . ? 1_555 ? 
12 AC1 22 GLY A 95  ? GLY A 95  . ? 1_555 ? 
13 AC1 22 LEU A 96  ? LEU A 96  . ? 1_555 ? 
14 AC1 22 VAL A 103 ? VAL A 103 . ? 1_655 ? 
15 AC1 22 PRO A 105 ? PRO A 105 . ? 1_655 ? 
16 AC1 22 THR A 106 ? THR A 106 . ? 1_655 ? 
17 AC1 22 HOH C .   ? HOH A 333 . ? 1_655 ? 
18 AC1 22 HOH C .   ? HOH A 340 . ? 1_655 ? 
19 AC1 22 HOH C .   ? HOH A 360 . ? 1_555 ? 
20 AC1 22 HOH C .   ? HOH A 363 . ? 1_555 ? 
21 AC1 22 HOH C .   ? HOH A 374 . ? 1_555 ? 
22 AC1 22 HOH C .   ? HOH A 399 . ? 4_556 ? 
# 
_atom_sites.entry_id                    1O4B 
_atom_sites.fract_transf_matrix[1][1]   -0.02813808 
_atom_sites.fract_transf_matrix[1][2]   0.00021648 
_atom_sites.fract_transf_matrix[1][3]   -0.02534439 
_atom_sites.fract_transf_matrix[2][1]   0.00505169 
_atom_sites.fract_transf_matrix[2][2]   0.01525634 
_atom_sites.fract_transf_matrix[2][3]   -0.00547822 
_atom_sites.fract_transf_matrix[3][1]   0.00948293 
_atom_sites.fract_transf_matrix[3][2]   -0.00694173 
_atom_sites.fract_transf_matrix[3][3]   -0.01058752 
_atom_sites.fract_transf_vector[1]      0.388231 
_atom_sites.fract_transf_vector[2]      0.329323 
_atom_sites.fract_transf_vector[3]      0.311327 
# 
loop_
_atom_type.symbol 
C 
N 
O 
P 
S 
# 
loop_
_atom_site.group_PDB 
_atom_site.id 
_atom_site.type_symbol 
_atom_site.label_atom_id 
_atom_site.label_alt_id 
_atom_site.label_comp_id 
_atom_site.label_asym_id 
_atom_site.label_entity_id 
_atom_site.label_seq_id 
_atom_site.pdbx_PDB_ins_code 
_atom_site.Cartn_x 
_atom_site.Cartn_y 
_atom_site.Cartn_z 
_atom_site.occupancy 
_atom_site.B_iso_or_equiv 
_atom_site.pdbx_formal_charge 
_atom_site.auth_seq_id 
_atom_site.auth_comp_id 
_atom_site.auth_asym_id 
_atom_site.auth_atom_id 
_atom_site.pdbx_PDB_model_num 
ATOM   1    N N   . SER A 1 1   ? -4.398  1.743   16.181  1.00 56.38 ? 1   SER A N   1 
ATOM   2    C CA  . SER A 1 1   ? -3.970  2.993   15.470  1.00 56.18 ? 1   SER A CA  1 
ATOM   3    C C   . SER A 1 1   ? -2.983  2.746   14.333  1.00 54.37 ? 1   SER A C   1 
ATOM   4    O O   . SER A 1 1   ? -1.972  2.044   14.483  1.00 54.76 ? 1   SER A O   1 
ATOM   5    C CB  . SER A 1 1   ? -3.370  4.012   16.450  1.00 57.47 ? 1   SER A CB  1 
ATOM   6    O OG  . SER A 1 1   ? -2.916  5.188   15.776  1.00 59.69 ? 1   SER A OG  1 
ATOM   7    N N   . ILE A 1 2   ? -3.257  3.419   13.219  1.00 51.85 ? 2   ILE A N   1 
ATOM   8    C CA  . ILE A 1 2   ? -2.449  3.327   12.005  1.00 49.41 ? 2   ILE A CA  1 
ATOM   9    C C   . ILE A 1 2   ? -1.220  4.225   12.071  1.00 47.15 ? 2   ILE A C   1 
ATOM   10   O O   . ILE A 1 2   ? -0.173  3.877   11.542  1.00 45.94 ? 2   ILE A O   1 
ATOM   11   C CB  . ILE A 1 2   ? -3.255  3.752   10.764  1.00 48.88 ? 2   ILE A CB  1 
ATOM   12   C CG1 . ILE A 1 2   ? -3.610  5.229   10.881  1.00 47.13 ? 2   ILE A CG1 1 
ATOM   13   C CG2 . ILE A 1 2   ? -4.522  2.908   10.641  1.00 48.65 ? 2   ILE A CG2 1 
ATOM   14   C CD1 . ILE A 1 2   ? -4.165  5.811   9.655   1.00 49.60 ? 2   ILE A CD1 1 
ATOM   15   N N   . GLN A 1 3   ? -1.346  5.373   12.729  1.00 45.47 ? 3   GLN A N   1 
ATOM   16   C CA  . GLN A 1 3   ? -0.228  6.305   12.823  1.00 44.82 ? 3   GLN A CA  1 
ATOM   17   C C   . GLN A 1 3   ? 0.958   5.740   13.595  1.00 43.05 ? 3   GLN A C   1 
ATOM   18   O O   . GLN A 1 3   ? 2.098   6.200   13.465  1.00 42.32 ? 3   GLN A O   1 
ATOM   19   C CB  . GLN A 1 3   ? -0.691  7.640   13.395  1.00 46.44 ? 3   GLN A CB  1 
ATOM   20   C CG  . GLN A 1 3   ? -1.558  8.450   12.404  1.00 49.43 ? 3   GLN A CG  1 
ATOM   21   C CD  . GLN A 1 3   ? -1.939  9.817   12.922  1.00 52.29 ? 3   GLN A CD  1 
ATOM   22   O OE1 . GLN A 1 3   ? -1.878  10.822  12.190  1.00 52.97 ? 3   GLN A OE1 1 
ATOM   23   N NE2 . GLN A 1 3   ? -2.356  9.872   14.193  1.00 53.38 ? 3   GLN A NE2 1 
ATOM   24   N N   . ALA A 1 4   ? 0.665   4.717   14.391  1.00 40.43 ? 4   ALA A N   1 
ATOM   25   C CA  . ALA A 1 4   ? 1.661   4.028   15.201  1.00 37.50 ? 4   ALA A CA  1 
ATOM   26   C C   . ALA A 1 4   ? 2.309   2.918   14.374  1.00 34.67 ? 4   ALA A C   1 
ATOM   27   O O   . ALA A 1 4   ? 3.398   2.441   14.696  1.00 34.82 ? 4   ALA A O   1 
ATOM   28   C CB  . ALA A 1 4   ? 0.995   3.433   16.455  1.00 37.65 ? 4   ALA A CB  1 
ATOM   29   N N   . GLU A 1 5   ? 1.626   2.504   13.308  1.00 29.62 ? 5   GLU A N   1 
ATOM   30   C CA  . GLU A 1 5   ? 2.127   1.450   12.446  1.00 25.19 ? 5   GLU A CA  1 
ATOM   31   C C   . GLU A 1 5   ? 3.391   1.873   11.725  1.00 22.15 ? 5   GLU A C   1 
ATOM   32   O O   . GLU A 1 5   ? 3.459   2.941   11.113  1.00 21.32 ? 5   GLU A O   1 
ATOM   33   C CB  . GLU A 1 5   ? 1.071   1.079   11.413  1.00 26.48 ? 5   GLU A CB  1 
ATOM   34   C CG  . GLU A 1 5   ? -0.220  0.648   12.012  1.00 27.83 ? 5   GLU A CG  1 
ATOM   35   C CD  . GLU A 1 5   ? -0.056  -0.539  12.909  1.00 28.10 ? 5   GLU A CD  1 
ATOM   36   O OE1 . GLU A 1 5   ? -0.748  -0.582  13.939  1.00 28.89 ? 5   GLU A OE1 1 
ATOM   37   O OE2 . GLU A 1 5   ? 0.762   -1.427  12.584  1.00 28.86 ? 5   GLU A OE2 1 
ATOM   38   N N   . GLU A 1 6   ? 4.380   0.992   11.720  1.00 18.10 ? 6   GLU A N   1 
ATOM   39   C CA  . GLU A 1 6   ? 5.625   1.308   11.043  1.00 16.43 ? 6   GLU A CA  1 
ATOM   40   C C   . GLU A 1 6   ? 5.471   1.466   9.525   1.00 16.73 ? 6   GLU A C   1 
ATOM   41   O O   . GLU A 1 6   ? 6.330   2.081   8.899   1.00 16.18 ? 6   GLU A O   1 
ATOM   42   C CB  . GLU A 1 6   ? 6.718   0.274   11.390  1.00 13.53 ? 6   GLU A CB  1 
ATOM   43   C CG  . GLU A 1 6   ? 6.598   -1.089  10.728  1.00 13.56 ? 6   GLU A CG  1 
ATOM   44   C CD  . GLU A 1 6   ? 5.629   -2.035  11.402  1.00 11.05 ? 6   GLU A CD  1 
ATOM   45   O OE1 . GLU A 1 6   ? 5.534   -3.197  10.940  1.00 10.69 ? 6   GLU A OE1 1 
ATOM   46   O OE2 . GLU A 1 6   ? 4.949   -1.635  12.363  1.00 13.96 ? 6   GLU A OE2 1 
ATOM   47   N N   . TRP A 1 7   ? 4.426   0.886   8.931   1.00 15.84 ? 7   TRP A N   1 
ATOM   48   C CA  . TRP A 1 7   ? 4.232   1.008   7.486   1.00 16.16 ? 7   TRP A CA  1 
ATOM   49   C C   . TRP A 1 7   ? 3.354   2.207   7.109   1.00 16.96 ? 7   TRP A C   1 
ATOM   50   O O   . TRP A 1 7   ? 3.028   2.389   5.916   1.00 15.16 ? 7   TRP A O   1 
ATOM   51   C CB  . TRP A 1 7   ? 3.646   -0.281  6.887   1.00 14.87 ? 7   TRP A CB  1 
ATOM   52   C CG  . TRP A 1 7   ? 2.595   -0.956  7.723   1.00 16.95 ? 7   TRP A CG  1 
ATOM   53   C CD1 . TRP A 1 7   ? 2.758   -2.118  8.451   1.00 18.89 ? 7   TRP A CD1 1 
ATOM   54   C CD2 . TRP A 1 7   ? 1.234   -0.540  7.937   1.00 18.31 ? 7   TRP A CD2 1 
ATOM   55   N NE1 . TRP A 1 7   ? 1.600   -2.430  9.102   1.00 19.35 ? 7   TRP A NE1 1 
ATOM   56   C CE2 . TRP A 1 7   ? 0.642   -1.482  8.822   1.00 19.58 ? 7   TRP A CE2 1 
ATOM   57   C CE3 . TRP A 1 7   ? 0.447   0.540   7.487   1.00 18.46 ? 7   TRP A CE3 1 
ATOM   58   C CZ2 . TRP A 1 7   ? -0.686  -1.387  9.251   1.00 19.92 ? 7   TRP A CZ2 1 
ATOM   59   C CZ3 . TRP A 1 7   ? -0.886  0.638   7.920   1.00 19.35 ? 7   TRP A CZ3 1 
ATOM   60   C CH2 . TRP A 1 7   ? -1.431  -0.317  8.800   1.00 20.07 ? 7   TRP A CH2 1 
ATOM   61   N N   . TYR A 1 8   ? 2.928   2.984   8.100   1.00 15.04 ? 8   TYR A N   1 
ATOM   62   C CA  . TYR A 1 8   ? 2.103   4.153   7.805   1.00 17.66 ? 8   TYR A CA  1 
ATOM   63   C C   . TYR A 1 8   ? 2.986   5.409   7.697   1.00 18.28 ? 8   TYR A C   1 
ATOM   64   O O   . TYR A 1 8   ? 3.471   5.936   8.716   1.00 19.89 ? 8   TYR A O   1 
ATOM   65   C CB  . TYR A 1 8   ? 1.007   4.346   8.862   1.00 17.98 ? 8   TYR A CB  1 
ATOM   66   C CG  . TYR A 1 8   ? 0.056   5.437   8.473   1.00 18.29 ? 8   TYR A CG  1 
ATOM   67   C CD1 . TYR A 1 8   ? -0.810  5.277   7.371   1.00 21.69 ? 8   TYR A CD1 1 
ATOM   68   C CD2 . TYR A 1 8   ? 0.058   6.656   9.138   1.00 17.99 ? 8   TYR A CD2 1 
ATOM   69   C CE1 . TYR A 1 8   ? -1.649  6.327   6.945   1.00 18.95 ? 8   TYR A CE1 1 
ATOM   70   C CE2 . TYR A 1 8   ? -0.767  7.703   8.733   1.00 17.48 ? 8   TYR A CE2 1 
ATOM   71   C CZ  . TYR A 1 8   ? -1.616  7.526   7.632   1.00 18.32 ? 8   TYR A CZ  1 
ATOM   72   O OH  . TYR A 1 8   ? -2.416  8.555   7.229   1.00 20.70 ? 8   TYR A OH  1 
ATOM   73   N N   . PHE A 1 9   ? 3.158   5.898   6.469   1.00 16.67 ? 9   PHE A N   1 
ATOM   74   C CA  . PHE A 1 9   ? 3.994   7.058   6.179   1.00 15.10 ? 9   PHE A CA  1 
ATOM   75   C C   . PHE A 1 9   ? 3.251   8.376   6.124   1.00 14.50 ? 9   PHE A C   1 
ATOM   76   O O   . PHE A 1 9   ? 3.840   9.386   5.767   1.00 14.07 ? 9   PHE A O   1 
ATOM   77   C CB  . PHE A 1 9   ? 4.765   6.857   4.876   1.00 13.69 ? 9   PHE A CB  1 
ATOM   78   C CG  . PHE A 1 9   ? 5.856   5.825   4.966   1.00 16.81 ? 9   PHE A CG  1 
ATOM   79   C CD1 . PHE A 1 9   ? 5.752   4.746   5.836   1.00 18.14 ? 9   PHE A CD1 1 
ATOM   80   C CD2 . PHE A 1 9   ? 6.957   5.892   4.137   1.00 17.81 ? 9   PHE A CD2 1 
ATOM   81   C CE1 . PHE A 1 9   ? 6.735   3.739   5.868   1.00 18.36 ? 9   PHE A CE1 1 
ATOM   82   C CE2 . PHE A 1 9   ? 7.955   4.883   4.160   1.00 18.96 ? 9   PHE A CE2 1 
ATOM   83   C CZ  . PHE A 1 9   ? 7.831   3.806   5.040   1.00 19.38 ? 9   PHE A CZ  1 
ATOM   84   N N   . GLY A 1 10  ? 1.970   8.342   6.435   1.00 14.56 ? 10  GLY A N   1 
ATOM   85   C CA  . GLY A 1 10  ? 1.170   9.548   6.448   1.00 16.96 ? 10  GLY A CA  1 
ATOM   86   C C   . GLY A 1 10  ? 1.065   10.353  5.174   1.00 17.87 ? 10  GLY A C   1 
ATOM   87   O O   . GLY A 1 10  ? 0.873   9.829   4.080   1.00 17.71 ? 10  GLY A O   1 
ATOM   88   N N   . LYS A 1 11  ? 1.222   11.666  5.329   1.00 17.90 ? 11  LYS A N   1 
ATOM   89   C CA  . LYS A 1 11  ? 1.107   12.595  4.229   1.00 18.42 ? 11  LYS A CA  1 
ATOM   90   C C   . LYS A 1 11  ? 2.366   12.762  3.430   1.00 19.42 ? 11  LYS A C   1 
ATOM   91   O O   . LYS A 1 11  ? 3.162   13.642  3.766   1.00 23.18 ? 11  LYS A O   1 
ATOM   92   C CB  . LYS A 1 11  ? 0.721   13.949  4.799   1.00 21.12 ? 11  LYS A CB  1 
ATOM   93   C CG  . LYS A 1 11  ? 0.469   15.037  3.819   1.00 21.06 ? 11  LYS A CG  1 
ATOM   94   C CD  . LYS A 1 11  ? -0.178  16.212  4.572   1.00 23.79 ? 11  LYS A CD  1 
ATOM   95   C CE  . LYS A 1 11  ? -0.683  17.275  3.610   1.00 27.70 ? 11  LYS A CE  1 
ATOM   96   N NZ  . LYS A 1 11  ? 0.459   17.976  2.969   1.00 31.00 ? 11  LYS A NZ  1 
ATOM   97   N N   . ILE A 1 12  ? 2.608   11.897  2.451   1.00 17.88 ? 12  ILE A N   1 
ATOM   98   C CA  . ILE A 1 12  ? 3.770   12.045  1.579   1.00 16.15 ? 12  ILE A CA  1 
ATOM   99   C C   . ILE A 1 12  ? 3.149   11.907  0.191   1.00 15.51 ? 12  ILE A C   1 
ATOM   100  O O   . ILE A 1 12  ? 2.089   11.303  0.043   1.00 16.24 ? 12  ILE A O   1 
ATOM   101  C CB  . ILE A 1 12  ? 4.907   11.006  1.839   1.00 17.57 ? 12  ILE A CB  1 
ATOM   102  C CG1 . ILE A 1 12  ? 4.441   9.564   1.600   1.00 14.27 ? 12  ILE A CG1 1 
ATOM   103  C CG2 . ILE A 1 12  ? 5.390   11.130  3.258   1.00 18.62 ? 12  ILE A CG2 1 
ATOM   104  C CD1 . ILE A 1 12  ? 5.584   8.604   1.494   1.00 14.40 ? 12  ILE A CD1 1 
ATOM   105  N N   . THR A 1 13  ? 3.746   12.538  -0.799  1.00 14.00 ? 13  THR A N   1 
ATOM   106  C CA  . THR A 1 13  ? 3.217   12.530  -2.147  1.00 13.71 ? 13  THR A CA  1 
ATOM   107  C C   . THR A 1 13  ? 3.468   11.215  -2.889  1.00 13.35 ? 13  THR A C   1 
ATOM   108  O O   . THR A 1 13  ? 4.242   10.353  -2.476  1.00 13.80 ? 13  THR A O   1 
ATOM   109  C CB  . THR A 1 13  ? 3.861   13.697  -2.970  1.00 11.56 ? 13  THR A CB  1 
ATOM   110  O OG1 . THR A 1 13  ? 5.270   13.462  -3.098  1.00 11.83 ? 13  THR A OG1 1 
ATOM   111  C CG2 . THR A 1 13  ? 3.666   15.026  -2.279  1.00 12.50 ? 13  THR A CG2 1 
ATOM   112  N N   . ARG A 1 14  ? 2.848   11.098  -4.049  1.00 11.37 ? 14  ARG A N   1 
ATOM   113  C CA  . ARG A 1 14  ? 3.016   9.940   -4.899  1.00 14.50 ? 14  ARG A CA  1 
ATOM   114  C C   . ARG A 1 14  ? 4.460   9.914   -5.414  1.00 13.77 ? 14  ARG A C   1 
ATOM   115  O O   . ARG A 1 14  ? 5.025   8.850   -5.527  1.00 11.87 ? 14  ARG A O   1 
ATOM   116  C CB  . ARG A 1 14  ? 2.044   10.030  -6.087  1.00 16.45 ? 14  ARG A CB  1 
ATOM   117  C CG  . ARG A 1 14  ? 2.054   8.837   -7.011  1.00 20.28 ? 14  ARG A CG  1 
ATOM   118  C CD  . ARG A 1 14  ? 0.878   8.940   -8.017  1.00 24.17 ? 14  ARG A CD  1 
ATOM   119  N NE  . ARG A 1 14  ? 0.924   7.867   -9.020  1.00 30.84 ? 14  ARG A NE  1 
ATOM   120  C CZ  . ARG A 1 14  ? 1.796   7.810   -10.047 1.00 33.94 ? 14  ARG A CZ  1 
ATOM   121  N NH1 . ARG A 1 14  ? 2.700   8.778   -10.210 1.00 33.10 ? 14  ARG A NH1 1 
ATOM   122  N NH2 . ARG A 1 14  ? 1.796   6.771   -10.906 1.00 35.23 ? 14  ARG A NH2 1 
ATOM   123  N N   . ARG A 1 15  ? 5.022   11.085  -5.730  1.00 13.95 ? 15  ARG A N   1 
ATOM   124  C CA  . ARG A 1 15  ? 6.394   11.184  -6.222  1.00 13.89 ? 15  ARG A CA  1 
ATOM   125  C C   . ARG A 1 15  ? 7.380   10.746  -5.162  1.00 13.52 ? 15  ARG A C   1 
ATOM   126  O O   . ARG A 1 15  ? 8.369   10.112  -5.491  1.00 15.40 ? 15  ARG A O   1 
ATOM   127  C CB  . ARG A 1 15  ? 6.737   12.613  -6.640  1.00 15.52 ? 15  ARG A CB  1 
ATOM   128  C CG  . ARG A 1 15  ? 8.179   12.769  -7.121  1.00 16.93 ? 15  ARG A CG  1 
ATOM   129  C CD  . ARG A 1 15  ? 8.472   14.211  -7.682  1.00 19.65 ? 15  ARG A CD  1 
ATOM   130  N NE  . ARG A 1 15  ? 9.866   14.400  -8.084  1.00 19.11 ? 15  ARG A NE  1 
ATOM   131  C CZ  . ARG A 1 15  ? 10.370  14.030  -9.265  1.00 21.16 ? 15  ARG A CZ  1 
ATOM   132  N NH1 . ARG A 1 15  ? 9.593   13.445  -10.175 1.00 22.13 ? 15  ARG A NH1 1 
ATOM   133  N NH2 . ARG A 1 15  ? 11.654  14.255  -9.546  1.00 21.87 ? 15  ARG A NH2 1 
ATOM   134  N N   . GLU A 1 16  ? 7.133   11.128  -3.915  1.00 13.78 ? 16  GLU A N   1 
ATOM   135  C CA  . GLU A 1 16  ? 8.001   10.759  -2.810  1.00 15.70 ? 16  GLU A CA  1 
ATOM   136  C C   . GLU A 1 16  ? 7.872   9.281   -2.509  1.00 15.55 ? 16  GLU A C   1 
ATOM   137  O O   . GLU A 1 16  ? 8.902   8.651   -2.273  1.00 16.16 ? 16  GLU A O   1 
ATOM   138  C CB  . GLU A 1 16  ? 7.681   11.607  -1.579  1.00 18.13 ? 16  GLU A CB  1 
ATOM   139  C CG  . GLU A 1 16  ? 8.430   11.206  -0.239  1.00 19.65 ? 16  GLU A CG  1 
ATOM   140  C CD  . GLU A 1 16  ? 9.942   11.317  -0.315  1.00 21.79 ? 16  GLU A CD  1 
ATOM   141  O OE1 . GLU A 1 16  ? 10.625  10.697  0.531   1.00 25.44 ? 16  GLU A OE1 1 
ATOM   142  O OE2 . GLU A 1 16  ? 10.457  12.017  -1.189  1.00 21.63 ? 16  GLU A OE2 1 
ATOM   143  N N   . SER A 1 17  ? 6.653   8.727   -2.541  1.00 14.34 ? 17  SER A N   1 
ATOM   144  C CA  . SER A 1 17  ? 6.478   7.310   -2.290  1.00 11.56 ? 17  SER A CA  1 
ATOM   145  C C   . SER A 1 17  ? 7.257   6.555   -3.341  1.00 11.28 ? 17  SER A C   1 
ATOM   146  O O   . SER A 1 17  ? 7.877   5.534   -2.998  1.00 11.79 ? 17  SER A O   1 
ATOM   147  C CB  . SER A 1 17  ? 4.995   6.914   -2.288  1.00 11.37 ? 17  SER A CB  1 
ATOM   148  O OG  . SER A 1 17  ? 4.439   6.948   -3.602  1.00 13.22 ? 17  SER A OG  1 
ATOM   149  N N   . GLU A 1 18  ? 7.268   7.039   -4.589  1.00 9.62  ? 18  GLU A N   1 
ATOM   150  C CA  . GLU A 1 18  ? 8.017   6.368   -5.650  1.00 11.78 ? 18  GLU A CA  1 
ATOM   151  C C   . GLU A 1 18  ? 9.507   6.551   -5.437  1.00 13.02 ? 18  GLU A C   1 
ATOM   152  O O   . GLU A 1 18  ? 10.285  5.654   -5.753  1.00 13.66 ? 18  GLU A O   1 
ATOM   153  C CB  . GLU A 1 18  ? 7.627   6.854   -7.056  1.00 12.65 ? 18  GLU A CB  1 
ATOM   154  C CG  . GLU A 1 18  ? 6.230   6.465   -7.376  1.00 15.59 ? 18  GLU A CG  1 
ATOM   155  C CD  . GLU A 1 18  ? 5.750   6.856   -8.738  1.00 20.32 ? 18  GLU A CD  1 
ATOM   156  O OE1 . GLU A 1 18  ? 4.585   6.554   -9.035  1.00 21.87 ? 18  GLU A OE1 1 
ATOM   157  O OE2 . GLU A 1 18  ? 6.493   7.456   -9.529  1.00 24.03 ? 18  GLU A OE2 1 
ATOM   158  N N   . ARG A 1 19  ? 9.899   7.699   -4.891  1.00 13.49 ? 19  ARG A N   1 
ATOM   159  C CA  . ARG A 1 19  ? 11.312  7.922   -4.644  1.00 15.46 ? 19  ARG A CA  1 
ATOM   160  C C   . ARG A 1 19  ? 11.790  6.826   -3.675  1.00 15.52 ? 19  ARG A C   1 
ATOM   161  O O   . ARG A 1 19  ? 12.791  6.168   -3.923  1.00 17.90 ? 19  ARG A O   1 
ATOM   162  C CB  . ARG A 1 19  ? 11.557  9.325   -4.052  1.00 14.33 ? 19  ARG A CB  1 
ATOM   163  C CG  . ARG A 1 19  ? 13.067  9.765   -4.111  1.00 14.26 ? 19  ARG A CG  1 
ATOM   164  C CD  . ARG A 1 19  ? 13.303  11.088  -3.312  1.00 16.20 ? 19  ARG A CD  1 
ATOM   165  N NE  . ARG A 1 19  ? 13.024  10.953  -1.881  1.00 17.96 ? 19  ARG A NE  1 
ATOM   166  C CZ  . ARG A 1 19  ? 13.795  10.295  -1.010  1.00 19.40 ? 19  ARG A CZ  1 
ATOM   167  N NH1 . ARG A 1 19  ? 14.923  9.705   -1.409  1.00 20.70 ? 19  ARG A NH1 1 
ATOM   168  N NH2 . ARG A 1 19  ? 13.416  10.196  0.259   1.00 19.86 ? 19  ARG A NH2 1 
ATOM   169  N N   . LEU A 1 20  ? 11.018  6.586   -2.627  1.00 14.69 ? 20  LEU A N   1 
ATOM   170  C CA  . LEU A 1 20  ? 11.365  5.594   -1.607  1.00 14.19 ? 20  LEU A CA  1 
ATOM   171  C C   . LEU A 1 20  ? 11.326  4.149   -2.063  1.00 14.43 ? 20  LEU A C   1 
ATOM   172  O O   . LEU A 1 20  ? 12.198  3.331   -1.738  1.00 14.78 ? 20  LEU A O   1 
ATOM   173  C CB  . LEU A 1 20  ? 10.457  5.755   -0.391  1.00 13.23 ? 20  LEU A CB  1 
ATOM   174  C CG  . LEU A 1 20  ? 10.579  7.062   0.387   1.00 12.02 ? 20  LEU A CG  1 
ATOM   175  C CD1 . LEU A 1 20  ? 9.545   7.101   1.447   1.00 13.61 ? 20  LEU A CD1 1 
ATOM   176  C CD2 . LEU A 1 20  ? 11.957  7.182   1.019   1.00 15.55 ? 20  LEU A CD2 1 
ATOM   177  N N   . LEU A 1 21  ? 10.308  3.823   -2.848  1.00 14.26 ? 21  LEU A N   1 
ATOM   178  C CA  . LEU A 1 21  ? 10.138  2.467   -3.338  1.00 11.93 ? 21  LEU A CA  1 
ATOM   179  C C   . LEU A 1 21  ? 11.060  2.095   -4.490  1.00 12.36 ? 21  LEU A C   1 
ATOM   180  O O   . LEU A 1 21  ? 11.357  0.904   -4.650  1.00 11.90 ? 21  LEU A O   1 
ATOM   181  C CB  . LEU A 1 21  ? 8.661   2.233   -3.688  1.00 10.58 ? 21  LEU A CB  1 
ATOM   182  C CG  . LEU A 1 21  ? 7.784   2.234   -2.436  1.00 12.72 ? 21  LEU A CG  1 
ATOM   183  C CD1 . LEU A 1 21  ? 6.327   2.610   -2.774  1.00 14.72 ? 21  LEU A CD1 1 
ATOM   184  C CD2 . LEU A 1 21  ? 7.863   0.871   -1.722  1.00 11.74 ? 21  LEU A CD2 1 
ATOM   185  N N   . LEU A 1 22  ? 11.541  3.064   -5.267  1.00 13.51 ? 22  LEU A N   1 
ATOM   186  C CA  . LEU A 1 22  ? 12.432  2.739   -6.380  1.00 15.26 ? 22  LEU A CA  1 
ATOM   187  C C   . LEU A 1 22  ? 13.879  2.647   -5.967  1.00 17.42 ? 22  LEU A C   1 
ATOM   188  O O   . LEU A 1 22  ? 14.748  3.361   -6.461  1.00 21.85 ? 22  LEU A O   1 
ATOM   189  C CB  . LEU A 1 22  ? 12.306  3.742   -7.511  1.00 15.35 ? 22  LEU A CB  1 
ATOM   190  C CG  . LEU A 1 22  ? 11.017  3.722   -8.312  1.00 16.28 ? 22  LEU A CG  1 
ATOM   191  C CD1 . LEU A 1 22  ? 10.972  4.964   -9.185  1.00 15.13 ? 22  LEU A CD1 1 
ATOM   192  C CD2 . LEU A 1 22  ? 10.980  2.471   -9.156  1.00 14.85 ? 22  LEU A CD2 1 
ATOM   193  N N   . ASN A 1 23  ? 14.147  1.736   -5.056  1.00 18.65 ? 23  ASN A N   1 
ATOM   194  C CA  . ASN A 1 23  ? 15.491  1.514   -4.558  1.00 16.25 ? 23  ASN A CA  1 
ATOM   195  C C   . ASN A 1 23  ? 15.797  0.096   -5.029  1.00 16.86 ? 23  ASN A C   1 
ATOM   196  O O   . ASN A 1 23  ? 14.934  -0.780  -4.862  1.00 15.22 ? 23  ASN A O   1 
ATOM   197  C CB  . ASN A 1 23  ? 15.438  1.629   -3.043  1.00 19.62 ? 23  ASN A CB  1 
ATOM   198  C CG  . ASN A 1 23  ? 16.752  1.333   -2.399  1.00 20.35 ? 23  ASN A CG  1 
ATOM   199  O OD1 . ASN A 1 23  ? 17.425  0.383   -2.774  1.00 20.49 ? 23  ASN A OD1 1 
ATOM   200  N ND2 . ASN A 1 23  ? 17.138  2.156   -1.433  1.00 22.24 ? 23  ASN A ND2 1 
ATOM   201  N N   . ALA A 1 24  ? 16.922  -0.105  -5.706  1.00 14.01 ? 24  ALA A N   1 
ATOM   202  C CA  . ALA A 1 24  ? 17.283  -1.415  -6.228  1.00 16.62 ? 24  ALA A CA  1 
ATOM   203  C C   . ALA A 1 24  ? 17.319  -2.528  -5.191  1.00 18.53 ? 24  ALA A C   1 
ATOM   204  O O   . ALA A 1 24  ? 17.263  -3.684  -5.587  1.00 19.78 ? 24  ALA A O   1 
ATOM   205  C CB  . ALA A 1 24  ? 18.615  -1.351  -6.918  1.00 19.57 ? 24  ALA A CB  1 
ATOM   206  N N   . GLU A 1 25  ? 17.456  -2.197  -3.910  1.00 17.05 ? 25  GLU A N   1 
ATOM   207  C CA  . GLU A 1 25  ? 17.502  -3.199  -2.856  1.00 17.86 ? 25  GLU A CA  1 
ATOM   208  C C   . GLU A 1 25  ? 16.123  -3.660  -2.407  1.00 15.51 ? 25  GLU A C   1 
ATOM   209  O O   . GLU A 1 25  ? 16.012  -4.627  -1.657  1.00 15.72 ? 25  GLU A O   1 
ATOM   210  C CB  . GLU A 1 25  ? 18.260  -2.646  -1.655  1.00 20.88 ? 25  GLU A CB  1 
ATOM   211  C CG  . GLU A 1 25  ? 19.773  -2.463  -1.938  1.00 28.38 ? 25  GLU A CG  1 
ATOM   212  C CD  . GLU A 1 25  ? 20.526  -1.781  -0.790  1.00 31.94 ? 25  GLU A CD  1 
ATOM   213  O OE1 . GLU A 1 25  ? 21.674  -1.328  -1.026  1.00 34.13 ? 25  GLU A OE1 1 
ATOM   214  O OE2 . GLU A 1 25  ? 19.961  -1.676  0.331   1.00 35.09 ? 25  GLU A OE2 1 
ATOM   215  N N   . ASN A 1 26  ? 15.078  -2.955  -2.813  1.00 12.81 ? 26  ASN A N   1 
ATOM   216  C CA  . ASN A 1 26  ? 13.736  -3.340  -2.400  1.00 11.89 ? 26  ASN A CA  1 
ATOM   217  C C   . ASN A 1 26  ? 13.222  -4.535  -3.199  1.00 11.77 ? 26  ASN A C   1 
ATOM   218  O O   . ASN A 1 26  ? 13.239  -4.503  -4.442  1.00 12.05 ? 26  ASN A O   1 
ATOM   219  C CB  . ASN A 1 26  ? 12.730  -2.203  -2.626  1.00 10.55 ? 26  ASN A CB  1 
ATOM   220  C CG  . ASN A 1 26  ? 12.912  -1.063  -1.682  1.00 14.48 ? 26  ASN A CG  1 
ATOM   221  O OD1 . ASN A 1 26  ? 13.424  -1.236  -0.576  1.00 14.75 ? 26  ASN A OD1 1 
ATOM   222  N ND2 . ASN A 1 26  ? 12.415  0.115   -2.067  1.00 11.16 ? 26  ASN A ND2 1 
ATOM   223  N N   . PRO A 1 27  ? 12.857  -5.633  -2.523  1.00 12.45 ? 27  PRO A N   1 
ATOM   224  C CA  . PRO A 1 27  ? 12.339  -6.763  -3.301  1.00 12.32 ? 27  PRO A CA  1 
ATOM   225  C C   . PRO A 1 27  ? 10.847  -6.502  -3.624  1.00 12.44 ? 27  PRO A C   1 
ATOM   226  O O   . PRO A 1 27  ? 10.243  -5.544  -3.059  1.00 10.54 ? 27  PRO A O   1 
ATOM   227  C CB  . PRO A 1 27  ? 12.518  -7.969  -2.355  1.00 13.55 ? 27  PRO A CB  1 
ATOM   228  C CG  . PRO A 1 27  ? 12.517  -7.364  -0.974  1.00 15.27 ? 27  PRO A CG  1 
ATOM   229  C CD  . PRO A 1 27  ? 13.280  -6.059  -1.155  1.00 13.22 ? 27  PRO A CD  1 
ATOM   230  N N   . ARG A 1 28  ? 10.261  -7.334  -4.504  1.00 12.72 ? 28  ARG A N   1 
ATOM   231  C CA  . ARG A 1 28  ? 8.837   -7.221  -4.850  1.00 12.17 ? 28  ARG A CA  1 
ATOM   232  C C   . ARG A 1 28  ? 7.968   -7.208  -3.610  1.00 11.08 ? 28  ARG A C   1 
ATOM   233  O O   . ARG A 1 28  ? 8.226   -7.911  -2.604  1.00 11.39 ? 28  ARG A O   1 
ATOM   234  C CB  . ARG A 1 28  ? 8.401   -8.381  -5.747  1.00 12.95 ? 28  ARG A CB  1 
ATOM   235  C CG  . ARG A 1 28  ? 9.041   -8.412  -7.138  1.00 16.26 ? 28  ARG A CG  1 
ATOM   236  C CD  . ARG A 1 28  ? 8.484   -9.611  -7.963  1.00 20.82 ? 28  ARG A CD  1 
ATOM   237  N NE  . ARG A 1 28  ? 9.496   -10.659 -8.099  1.00 31.74 ? 28  ARG A NE  1 
ATOM   238  C CZ  . ARG A 1 28  ? 9.270   -11.939 -8.439  1.00 33.54 ? 28  ARG A CZ  1 
ATOM   239  N NH1 . ARG A 1 28  ? 8.034   -12.383 -8.681  1.00 36.03 ? 28  ARG A NH1 1 
ATOM   240  N NH2 . ARG A 1 28  ? 10.297  -12.778 -8.584  1.00 32.24 ? 28  ARG A NH2 1 
ATOM   241  N N   . GLY A 1 29  ? 6.962   -6.342  -3.630  1.00 7.53  ? 29  GLY A N   1 
ATOM   242  C CA  . GLY A 1 29  ? 6.064   -6.244  -2.488  1.00 9.02  ? 29  GLY A CA  1 
ATOM   243  C C   . GLY A 1 29  ? 6.477   -5.290  -1.371  1.00 6.84  ? 29  GLY A C   1 
ATOM   244  O O   . GLY A 1 29  ? 5.763   -5.177  -0.387  1.00 7.08  ? 29  GLY A O   1 
ATOM   245  N N   . THR A 1 30  ? 7.629   -4.629  -1.491  1.00 7.77  ? 30  THR A N   1 
ATOM   246  C CA  . THR A 1 30  ? 8.028   -3.661  -0.485  1.00 8.56  ? 30  THR A CA  1 
ATOM   247  C C   . THR A 1 30  ? 6.899   -2.639  -0.499  1.00 7.97  ? 30  THR A C   1 
ATOM   248  O O   . THR A 1 30  ? 6.457   -2.289  -1.581  1.00 9.07  ? 30  THR A O   1 
ATOM   249  C CB  . THR A 1 30  ? 9.359   -3.013  -0.836  1.00 8.39  ? 30  THR A CB  1 
ATOM   250  O OG1 . THR A 1 30  ? 10.373  -4.021  -0.864  1.00 8.30  ? 30  THR A OG1 1 
ATOM   251  C CG2 . THR A 1 30  ? 9.714   -1.986  0.199   1.00 8.54  ? 30  THR A CG2 1 
ATOM   252  N N   . PHE A 1 31  ? 6.448   -2.144  0.645   1.00 8.27  ? 31  PHE A N   1 
ATOM   253  C CA  . PHE A 1 31  ? 5.297   -1.244  0.625   1.00 8.24  ? 31  PHE A CA  1 
ATOM   254  C C   . PHE A 1 31  ? 5.260   -0.198  1.719   1.00 9.44  ? 31  PHE A C   1 
ATOM   255  O O   . PHE A 1 31  ? 6.007   -0.234  2.697   1.00 11.10 ? 31  PHE A O   1 
ATOM   256  C CB  . PHE A 1 31  ? 4.010   -2.094  0.753   1.00 8.44  ? 31  PHE A CB  1 
ATOM   257  C CG  . PHE A 1 31  ? 3.799   -2.657  2.149   1.00 8.07  ? 31  PHE A CG  1 
ATOM   258  C CD1 . PHE A 1 31  ? 2.901   -2.052  3.017   1.00 8.22  ? 31  PHE A CD1 1 
ATOM   259  C CD2 . PHE A 1 31  ? 4.550   -3.757  2.603   1.00 8.09  ? 31  PHE A CD2 1 
ATOM   260  C CE1 . PHE A 1 31  ? 2.755   -2.502  4.319   1.00 9.31  ? 31  PHE A CE1 1 
ATOM   261  C CE2 . PHE A 1 31  ? 4.427   -4.231  3.902   1.00 7.48  ? 31  PHE A CE2 1 
ATOM   262  C CZ  . PHE A 1 31  ? 3.525   -3.613  4.771   1.00 8.21  ? 31  PHE A CZ  1 
ATOM   263  N N   . LEU A 1 32  ? 4.286   0.693   1.577   1.00 8.44  ? 32  LEU A N   1 
ATOM   264  C CA  . LEU A 1 32  ? 4.021   1.751   2.513   1.00 8.30  ? 32  LEU A CA  1 
ATOM   265  C C   . LEU A 1 32  ? 2.572   2.205   2.294   1.00 10.42 ? 32  LEU A C   1 
ATOM   266  O O   . LEU A 1 32  ? 2.043   2.003   1.200   1.00 10.79 ? 32  LEU A O   1 
ATOM   267  C CB  . LEU A 1 32  ? 5.022   2.918   2.289   1.00 8.60  ? 32  LEU A CB  1 
ATOM   268  C CG  . LEU A 1 32  ? 5.074   3.686   0.959   1.00 8.02  ? 32  LEU A CG  1 
ATOM   269  C CD1 . LEU A 1 32  ? 3.977   4.741   0.968   1.00 6.61  ? 32  LEU A CD1 1 
ATOM   270  C CD2 . LEU A 1 32  ? 6.443   4.326   0.741   1.00 8.28  ? 32  LEU A CD2 1 
ATOM   271  N N   . VAL A 1 33  ? 1.917   2.716   3.335   1.00 10.03 ? 33  VAL A N   1 
ATOM   272  C CA  . VAL A 1 33  ? 0.549   3.219   3.222   1.00 10.41 ? 33  VAL A CA  1 
ATOM   273  C C   . VAL A 1 33  ? 0.666   4.706   3.526   1.00 11.84 ? 33  VAL A C   1 
ATOM   274  O O   . VAL A 1 33  ? 1.373   5.127   4.451   1.00 10.36 ? 33  VAL A O   1 
ATOM   275  C CB  . VAL A 1 33  ? -0.449  2.534   4.232   1.00 10.04 ? 33  VAL A CB  1 
ATOM   276  C CG1 . VAL A 1 33  ? -1.854  3.180   4.132   1.00 9.69  ? 33  VAL A CG1 1 
ATOM   277  C CG2 . VAL A 1 33  ? -0.569  1.002   3.946   1.00 10.06 ? 33  VAL A CG2 1 
ATOM   278  N N   . ARG A 1 34  ? 0.026   5.518   2.696   1.00 11.25 ? 34  ARG A N   1 
ATOM   279  C CA  . ARG A 1 34  ? 0.066   6.971   2.854   1.00 12.38 ? 34  ARG A CA  1 
ATOM   280  C C   . ARG A 1 34  ? -1.320  7.545   2.671   1.00 13.22 ? 34  ARG A C   1 
ATOM   281  O O   . ARG A 1 34  ? -2.228  6.803   2.321   1.00 11.40 ? 34  ARG A O   1 
ATOM   282  C CB  . ARG A 1 34  ? 0.989   7.563   1.800   1.00 9.36  ? 34  ARG A CB  1 
ATOM   283  C CG  . ARG A 1 34  ? 0.648   7.116   0.444   1.00 10.24 ? 34  ARG A CG  1 
ATOM   284  C CD  . ARG A 1 34  ? 1.635   7.663   -0.549  1.00 10.23 ? 34  ARG A CD  1 
ATOM   285  N NE  . ARG A 1 34  ? 1.354   7.212   -1.900  1.00 12.38 ? 34  ARG A NE  1 
ATOM   286  C CZ  . ARG A 1 34  ? 0.709   7.938   -2.811  1.00 12.51 ? 34  ARG A CZ  1 
ATOM   287  N NH1 . ARG A 1 34  ? 0.489   7.422   -4.012  1.00 12.35 ? 34  ARG A NH1 1 
ATOM   288  N NH2 . ARG A 1 34  ? 0.319   9.182   -2.531  1.00 13.15 ? 34  ARG A NH2 1 
ATOM   289  N N   . GLU A 1 35  ? -1.504  8.833   2.939   1.00 13.75 ? 35  GLU A N   1 
ATOM   290  C CA  . GLU A 1 35  ? -2.817  9.431   2.726   1.00 16.91 ? 35  GLU A CA  1 
ATOM   291  C C   . GLU A 1 35  ? -3.062  9.479   1.211   1.00 16.59 ? 35  GLU A C   1 
ATOM   292  O O   . GLU A 1 35  ? -2.166  9.543   0.370   1.00 15.72 ? 35  GLU A O   1 
ATOM   293  C CB  . GLU A 1 35  ? -2.886  10.886  3.211   1.00 17.81 ? 35  GLU A CB  1 
ATOM   294  C CG  . GLU A 1 35  ? -2.845  11.114  4.680   1.00 18.51 ? 35  GLU A CG  1 
ATOM   295  C CD  . GLU A 1 35  ? -3.001  12.588  5.008   1.00 20.36 ? 35  GLU A CD  1 
ATOM   296  O OE1 . GLU A 1 35  ? -2.930  12.934  6.202   1.00 22.97 ? 35  GLU A OE1 1 
ATOM   297  O OE2 . GLU A 1 35  ? -3.183  13.407  4.078   1.00 20.00 ? 35  GLU A OE2 1 
ATOM   298  N N   . SER A 1 36  ? -4.346  9.447   0.885   1.00 22.31 ? 36  SER A N   1 
ATOM   299  C CA  . SER A 1 36  ? -4.843  9.571   -0.477  1.00 25.93 ? 36  SER A CA  1 
ATOM   300  C C   . SER A 1 36  ? -4.656  11.061  -0.850  1.00 28.43 ? 36  SER A C   1 
ATOM   301  O O   . SER A 1 36  ? -5.163  11.929  -0.145  1.00 27.99 ? 36  SER A O   1 
ATOM   302  C CB  . SER A 1 36  ? -6.333  9.222   -0.459  1.00 27.81 ? 36  SER A CB  1 
ATOM   303  O OG  . SER A 1 36  ? -7.051  9.830   -1.521  1.00 31.27 ? 36  SER A OG  1 
ATOM   304  N N   . GLU A 1 37  ? -3.879  11.367  -1.880  1.00 31.40 ? 37  GLU A N   1 
ATOM   305  C CA  . GLU A 1 37  ? -3.660  12.753  -2.281  1.00 34.67 ? 37  GLU A CA  1 
ATOM   306  C C   . GLU A 1 37  ? -4.955  13.529  -2.580  1.00 37.81 ? 37  GLU A C   1 
ATOM   307  O O   . GLU A 1 37  ? -4.974  14.774  -2.487  1.00 38.14 ? 37  GLU A O   1 
ATOM   308  C CB  . GLU A 1 37  ? -2.786  12.819  -3.524  1.00 35.02 ? 37  GLU A CB  1 
ATOM   309  C CG  . GLU A 1 37  ? -1.299  12.635  -3.355  1.00 37.82 ? 37  GLU A CG  1 
ATOM   310  C CD  . GLU A 1 37  ? -0.573  12.988  -4.640  1.00 39.61 ? 37  GLU A CD  1 
ATOM   311  O OE1 . GLU A 1 37  ? -1.254  13.025  -5.681  1.00 43.34 ? 37  GLU A OE1 1 
ATOM   312  O OE2 . GLU A 1 37  ? 0.649   13.261  -4.647  1.00 41.36 ? 37  GLU A OE2 1 
ATOM   313  N N   . THR A 1 38  ? -6.034  12.851  -2.960  1.00 40.25 ? 38  THR A N   1 
ATOM   314  C CA  . THR A 1 38  ? -7.235  13.606  -3.269  1.00 42.76 ? 38  THR A CA  1 
ATOM   315  C C   . THR A 1 38  ? -8.536  13.103  -2.688  1.00 44.46 ? 38  THR A C   1 
ATOM   316  O O   . THR A 1 38  ? -9.545  13.815  -2.637  1.00 45.83 ? 38  THR A O   1 
ATOM   317  C CB  . THR A 1 38  ? -7.362  13.861  -4.776  1.00 42.57 ? 38  THR A CB  1 
ATOM   318  O OG1 . THR A 1 38  ? -7.274  12.632  -5.464  1.00 41.30 ? 38  THR A OG1 1 
ATOM   319  C CG2 . THR A 1 38  ? -6.237  14.815  -5.269  1.00 42.22 ? 38  THR A CG2 1 
ATOM   320  N N   . THR A 1 39  ? -8.537  11.886  -2.188  1.00 45.39 ? 39  THR A N   1 
ATOM   321  C CA  . THR A 1 39  ? -9.772  11.435  -1.596  1.00 45.32 ? 39  THR A CA  1 
ATOM   322  C C   . THR A 1 39  ? -9.680  11.518  -0.090  1.00 44.99 ? 39  THR A C   1 
ATOM   323  O O   . THR A 1 39  ? -8.913  10.813  0.554   1.00 45.42 ? 39  THR A O   1 
ATOM   324  C CB  . THR A 1 39  ? -10.137 10.037  -2.083  1.00 46.26 ? 39  THR A CB  1 
ATOM   325  O OG1 . THR A 1 39  ? -10.018 9.991   -3.510  1.00 46.57 ? 39  THR A OG1 1 
ATOM   326  C CG2 . THR A 1 39  ? -11.563 9.709   -1.671  1.00 46.18 ? 39  THR A CG2 1 
ATOM   327  N N   . LYS A 1 40  ? -10.423 12.457  0.482   1.00 44.34 ? 40  LYS A N   1 
ATOM   328  C CA  . LYS A 1 40  ? -10.435 12.662  1.932   1.00 44.46 ? 40  LYS A CA  1 
ATOM   329  C C   . LYS A 1 40  ? -10.844 11.368  2.644   1.00 42.46 ? 40  LYS A C   1 
ATOM   330  O O   . LYS A 1 40  ? -11.673 10.586  2.148   1.00 44.05 ? 40  LYS A O   1 
ATOM   331  C CB  . LYS A 1 40  ? -11.355 13.834  2.326   1.00 47.03 ? 40  LYS A CB  1 
ATOM   332  C CG  . LYS A 1 40  ? -12.482 14.155  1.280   1.00 50.75 ? 40  LYS A CG  1 
ATOM   333  C CD  . LYS A 1 40  ? -13.882 14.195  1.933   1.00 54.14 ? 40  LYS A CD  1 
ATOM   334  C CE  . LYS A 1 40  ? -14.313 12.800  2.474   1.00 56.37 ? 40  LYS A CE  1 
ATOM   335  N NZ  . LYS A 1 40  ? -15.084 12.882  3.761   1.00 58.07 ? 40  LYS A NZ  1 
ATOM   336  N N   . GLY A 1 41  ? -10.205 11.112  3.785   1.00 39.10 ? 41  GLY A N   1 
ATOM   337  C CA  . GLY A 1 41  ? -10.488 9.900   4.535   1.00 35.40 ? 41  GLY A CA  1 
ATOM   338  C C   . GLY A 1 41  ? -9.964  8.612   3.904   1.00 32.73 ? 41  GLY A C   1 
ATOM   339  O O   . GLY A 1 41  ? -9.943  7.598   4.602   1.00 32.76 ? 41  GLY A O   1 
ATOM   340  N N   . ALA A 1 42  ? -9.571  8.639   2.617   1.00 29.13 ? 42  ALA A N   1 
ATOM   341  C CA  . ALA A 1 42  ? -9.037  7.452   1.914   1.00 25.61 ? 42  ALA A CA  1 
ATOM   342  C C   . ALA A 1 42  ? -7.513  7.342   2.021   1.00 23.26 ? 42  ALA A C   1 
ATOM   343  O O   . ALA A 1 42  ? -6.842  8.323   2.327   1.00 25.56 ? 42  ALA A O   1 
ATOM   344  C CB  . ALA A 1 42  ? -9.445  7.459   0.461   1.00 23.35 ? 42  ALA A CB  1 
ATOM   345  N N   . TYR A 1 43  ? -6.971  6.160   1.752   1.00 19.86 ? 43  TYR A N   1 
ATOM   346  C CA  . TYR A 1 43  ? -5.536  5.947   1.838   1.00 17.11 ? 43  TYR A CA  1 
ATOM   347  C C   . TYR A 1 43  ? -5.004  5.420   0.530   1.00 16.66 ? 43  TYR A C   1 
ATOM   348  O O   . TYR A 1 43  ? -5.756  5.172   -0.417  1.00 17.16 ? 43  TYR A O   1 
ATOM   349  C CB  . TYR A 1 43  ? -5.196  4.956   2.958   1.00 18.04 ? 43  TYR A CB  1 
ATOM   350  C CG  . TYR A 1 43  ? -5.647  5.409   4.319   1.00 20.98 ? 43  TYR A CG  1 
ATOM   351  C CD1 . TYR A 1 43  ? -6.905  5.070   4.805   1.00 21.81 ? 43  TYR A CD1 1 
ATOM   352  C CD2 . TYR A 1 43  ? -4.829  6.204   5.105   1.00 23.21 ? 43  TYR A CD2 1 
ATOM   353  C CE1 . TYR A 1 43  ? -7.349  5.521   6.045   1.00 25.16 ? 43  TYR A CE1 1 
ATOM   354  C CE2 . TYR A 1 43  ? -5.255  6.667   6.339   1.00 26.04 ? 43  TYR A CE2 1 
ATOM   355  C CZ  . TYR A 1 43  ? -6.525  6.326   6.808   1.00 26.24 ? 43  TYR A CZ  1 
ATOM   356  O OH  . TYR A 1 43  ? -6.968  6.838   8.013   1.00 27.21 ? 43  TYR A OH  1 
ATOM   357  N N   . CYS A 1 44  ? -3.689  5.298   0.461   1.00 13.40 ? 44  CYS A N   1 
ATOM   358  C CA  . CYS A 1 44  ? -3.052  4.776   -0.703  1.00 13.43 ? 44  CYS A CA  1 
ATOM   359  C C   . CYS A 1 44  ? -2.024  3.744   -0.288  1.00 13.40 ? 44  CYS A C   1 
ATOM   360  O O   . CYS A 1 44  ? -1.290  3.965   0.669   1.00 13.66 ? 44  CYS A O   1 
ATOM   361  C CB  . CYS A 1 44  ? -2.403  5.899   -1.501  1.00 13.58 ? 44  CYS A CB  1 
ATOM   362  S SG  . CYS A 1 44  ? -1.822  5.246   -2.977  1.00 24.17 ? 44  CYS A SG  1 
ATOM   363  N N   . LEU A 1 45  ? -2.068  2.576   -0.919  1.00 11.19 ? 45  LEU A N   1 
ATOM   364  C CA  . LEU A 1 45  ? -1.117  1.499   -0.675  1.00 11.60 ? 45  LEU A CA  1 
ATOM   365  C C   . LEU A 1 45  ? -0.155  1.496   -1.852  1.00 10.06 ? 45  LEU A C   1 
ATOM   366  O O   . LEU A 1 45  ? -0.510  1.120   -2.976  1.00 9.03  ? 45  LEU A O   1 
ATOM   367  C CB  . LEU A 1 45  ? -1.826  0.137   -0.581  1.00 10.55 ? 45  LEU A CB  1 
ATOM   368  C CG  . LEU A 1 45  ? -0.932  -1.114  -0.631  1.00 10.67 ? 45  LEU A CG  1 
ATOM   369  C CD1 . LEU A 1 45  ? 0.030   -1.182  0.595   1.00 9.20  ? 45  LEU A CD1 1 
ATOM   370  C CD2 . LEU A 1 45  ? -1.819  -2.365  -0.718  1.00 11.41 ? 45  LEU A CD2 1 
ATOM   371  N N   . SER A 1 46  ? 1.072   1.944   -1.603  1.00 8.22  ? 46  SER A N   1 
ATOM   372  C CA  . SER A 1 46  ? 2.073   2.004   -2.655  1.00 8.31  ? 46  SER A CA  1 
ATOM   373  C C   . SER A 1 46  ? 2.995   0.799   -2.451  1.00 8.34  ? 46  SER A C   1 
ATOM   374  O O   . SER A 1 46  ? 3.558   0.545   -1.384  1.00 8.60  ? 46  SER A O   1 
ATOM   375  C CB  . SER A 1 46  ? 2.801   3.360   -2.609  1.00 7.22  ? 46  SER A CB  1 
ATOM   376  O OG  . SER A 1 46  ? 1.852   4.425   -2.614  1.00 6.55  ? 46  SER A OG  1 
ATOM   377  N N   . VAL A 1 47  ? 3.174   0.070   -3.537  1.00 7.84  ? 47  VAL A N   1 
ATOM   378  C CA  . VAL A 1 47  ? 3.903   -1.195  -3.540  1.00 10.55 ? 47  VAL A CA  1 
ATOM   379  C C   . VAL A 1 47  ? 4.921   -1.294  -4.649  1.00 9.66  ? 47  VAL A C   1 
ATOM   380  O O   . VAL A 1 47  ? 4.597   -0.962  -5.800  1.00 11.71 ? 47  VAL A O   1 
ATOM   381  C CB  . VAL A 1 47  ? 2.887   -2.362  -3.792  1.00 9.18  ? 47  VAL A CB  1 
ATOM   382  C CG1 . VAL A 1 47  ? 3.541   -3.722  -3.538  1.00 13.18 ? 47  VAL A CG1 1 
ATOM   383  C CG2 . VAL A 1 47  ? 1.618   -2.157  -2.977  1.00 9.20  ? 47  VAL A CG2 1 
ATOM   384  N N   . SER A 1 48  ? 6.096   -1.831  -4.342  1.00 9.16  ? 48  SER A N   1 
ATOM   385  C CA  . SER A 1 48  ? 7.103   -1.977  -5.363  1.00 10.43 ? 48  SER A CA  1 
ATOM   386  C C   . SER A 1 48  ? 6.912   -3.332  -6.092  1.00 11.74 ? 48  SER A C   1 
ATOM   387  O O   . SER A 1 48  ? 6.360   -4.298  -5.522  1.00 7.78  ? 48  SER A O   1 
ATOM   388  C CB  . SER A 1 48  ? 8.533   -1.847  -4.774  1.00 9.97  ? 48  SER A CB  1 
ATOM   389  O OG  . SER A 1 48  ? 8.920   -3.033  -4.117  1.00 9.60  ? 48  SER A OG  1 
ATOM   390  N N   . ASP A 1 49  ? 7.347   -3.360  -7.354  1.00 11.95 ? 49  ASP A N   1 
ATOM   391  C CA  . ASP A 1 49  ? 7.270   -4.549  -8.194  1.00 13.38 ? 49  ASP A CA  1 
ATOM   392  C C   . ASP A 1 49  ? 8.546   -4.649  -9.022  1.00 13.18 ? 49  ASP A C   1 
ATOM   393  O O   . ASP A 1 49  ? 9.415   -3.764  -8.994  1.00 13.99 ? 49  ASP A O   1 
ATOM   394  C CB  . ASP A 1 49  ? 6.043   -4.463  -9.122  1.00 14.40 ? 49  ASP A CB  1 
ATOM   395  C CG  . ASP A 1 49  ? 5.707   -5.794  -9.798  1.00 15.15 ? 49  ASP A CG  1 
ATOM   396  O OD1 . ASP A 1 49  ? 6.095   -6.893  -9.345  1.00 14.70 ? 49  ASP A OD1 1 
ATOM   397  O OD2 . ASP A 1 49  ? 4.952   -5.723  -10.762 1.00 21.38 ? 49  ASP A OD2 1 
ATOM   398  N N   . PHE A 1 50  ? 8.696   -5.790  -9.677  1.00 13.02 ? 50  PHE A N   1 
ATOM   399  C CA  . PHE A 1 50  ? 9.830   -6.040  -10.549 1.00 13.89 ? 50  PHE A CA  1 
ATOM   400  C C   . PHE A 1 50  ? 9.504   -7.150  -11.527 1.00 14.49 ? 50  PHE A C   1 
ATOM   401  O O   . PHE A 1 50  ? 9.035   -8.221  -11.149 1.00 14.92 ? 50  PHE A O   1 
ATOM   402  C CB  . PHE A 1 50  ? 11.084  -6.465  -9.754  1.00 14.26 ? 50  PHE A CB  1 
ATOM   403  C CG  . PHE A 1 50  ? 12.318  -6.566  -10.590 1.00 12.42 ? 50  PHE A CG  1 
ATOM   404  C CD1 . PHE A 1 50  ? 12.599  -7.735  -11.296 1.00 13.51 ? 50  PHE A CD1 1 
ATOM   405  C CD2 . PHE A 1 50  ? 13.166  -5.461  -10.730 1.00 12.74 ? 50  PHE A CD2 1 
ATOM   406  C CE1 . PHE A 1 50  ? 13.708  -7.805  -12.152 1.00 13.30 ? 50  PHE A CE1 1 
ATOM   407  C CE2 . PHE A 1 50  ? 14.252  -5.519  -11.557 1.00 10.91 ? 50  PHE A CE2 1 
ATOM   408  C CZ  . PHE A 1 50  ? 14.530  -6.697  -12.283 1.00 12.21 ? 50  PHE A CZ  1 
ATOM   409  N N   . ASP A 1 51  ? 9.649   -6.849  -12.807 1.00 16.66 ? 51  ASP A N   1 
ATOM   410  C CA  . ASP A 1 51  ? 9.485   -7.859  -13.836 1.00 18.31 ? 51  ASP A CA  1 
ATOM   411  C C   . ASP A 1 51  ? 10.418  -7.508  -14.985 1.00 19.90 ? 51  ASP A C   1 
ATOM   412  O O   . ASP A 1 51  ? 10.983  -6.406  -15.004 1.00 19.44 ? 51  ASP A O   1 
ATOM   413  C CB  . ASP A 1 51  ? 8.014   -8.168  -14.223 1.00 20.37 ? 51  ASP A CB  1 
ATOM   414  C CG  . ASP A 1 51  ? 7.296   -7.037  -14.954 1.00 21.38 ? 51  ASP A CG  1 
ATOM   415  O OD1 . ASP A 1 51  ? 6.052   -7.052  -14.921 1.00 18.04 ? 51  ASP A OD1 1 
ATOM   416  O OD2 . ASP A 1 51  ? 7.936   -6.187  -15.592 1.00 24.06 ? 51  ASP A OD2 1 
ATOM   417  N N   . ASN A 1 52  ? 10.694  -8.463  -15.864 1.00 22.37 ? 52  ASN A N   1 
ATOM   418  C CA  . ASN A 1 52  ? 11.626  -8.186  -16.948 1.00 25.26 ? 52  ASN A CA  1 
ATOM   419  C C   . ASN A 1 52  ? 11.208  -7.084  -17.896 1.00 25.08 ? 52  ASN A C   1 
ATOM   420  O O   . ASN A 1 52  ? 12.067  -6.363  -18.374 1.00 26.43 ? 52  ASN A O   1 
ATOM   421  C CB  . ASN A 1 52  ? 11.953  -9.462  -17.707 1.00 28.49 ? 52  ASN A CB  1 
ATOM   422  C CG  . ASN A 1 52  ? 12.812  -10.404 -16.896 1.00 30.37 ? 52  ASN A CG  1 
ATOM   423  O OD1 . ASN A 1 52  ? 13.611  -9.972  -16.035 1.00 32.24 ? 52  ASN A OD1 1 
ATOM   424  N ND2 . ASN A 1 52  ? 12.681  -11.690 -17.172 1.00 30.35 ? 52  ASN A ND2 1 
ATOM   425  N N   . ALA A 1 53  ? 9.911   -6.933  -18.121 1.00 23.57 ? 53  ALA A N   1 
ATOM   426  C CA  . ALA A 1 53  ? 9.399   -5.901  -19.017 1.00 22.96 ? 53  ALA A CA  1 
ATOM   427  C C   . ALA A 1 53  ? 9.589   -4.482  -18.451 1.00 23.31 ? 53  ALA A C   1 
ATOM   428  O O   . ALA A 1 53  ? 10.212  -3.609  -19.088 1.00 22.63 ? 53  ALA A O   1 
ATOM   429  C CB  . ALA A 1 53  ? 7.917   -6.150  -19.307 1.00 21.02 ? 53  ALA A CB  1 
ATOM   430  N N   . LYS A 1 54  ? 9.064   -4.258  -17.250 1.00 21.23 ? 54  LYS A N   1 
ATOM   431  C CA  . LYS A 1 54  ? 9.150   -2.949  -16.624 1.00 21.09 ? 54  LYS A CA  1 
ATOM   432  C C   . LYS A 1 54  ? 10.335  -2.754  -15.688 1.00 20.93 ? 54  LYS A C   1 
ATOM   433  O O   . LYS A 1 54  ? 10.581  -1.615  -15.289 1.00 21.73 ? 54  LYS A O   1 
ATOM   434  C CB  . LYS A 1 54  ? 7.878   -2.690  -15.818 1.00 20.67 ? 54  LYS A CB  1 
ATOM   435  C CG  . LYS A 1 54  ? 6.624   -2.795  -16.596 1.00 21.34 ? 54  LYS A CG  1 
ATOM   436  C CD  . LYS A 1 54  ? 5.500   -2.519  -15.717 1.00 24.50 ? 54  LYS A CD  1 
ATOM   437  C CE  . LYS A 1 54  ? 4.267   -2.077  -16.497 1.00 29.46 ? 54  LYS A CE  1 
ATOM   438  N NZ  . LYS A 1 54  ? 3.124   -1.752  -15.560 1.00 30.65 ? 54  LYS A NZ  1 
ATOM   439  N N   . GLY A 1 55  ? 11.023  -3.824  -15.300 1.00 20.82 ? 55  GLY A N   1 
ATOM   440  C CA  . GLY A 1 55  ? 12.102  -3.662  -14.337 1.00 17.35 ? 55  GLY A CA  1 
ATOM   441  C C   . GLY A 1 55  ? 11.452  -3.222  -13.024 1.00 14.15 ? 55  GLY A C   1 
ATOM   442  O O   . GLY A 1 55  ? 10.296  -3.553  -12.752 1.00 12.95 ? 55  GLY A O   1 
ATOM   443  N N   . LEU A 1 56  ? 12.172  -2.445  -12.225 1.00 13.86 ? 56  LEU A N   1 
ATOM   444  C CA  . LEU A 1 56  ? 11.661  -1.969  -10.936 1.00 15.10 ? 56  LEU A CA  1 
ATOM   445  C C   . LEU A 1 56  ? 10.617  -0.878  -11.169 1.00 15.34 ? 56  LEU A C   1 
ATOM   446  O O   . LEU A 1 56  ? 10.900  0.070   -11.898 1.00 15.24 ? 56  LEU A O   1 
ATOM   447  C CB  . LEU A 1 56  ? 12.811  -1.445  -10.038 1.00 16.55 ? 56  LEU A CB  1 
ATOM   448  C CG  . LEU A 1 56  ? 12.570  -0.868  -8.624  1.00 16.81 ? 56  LEU A CG  1 
ATOM   449  C CD1 . LEU A 1 56  ? 12.081  -1.907  -7.616  1.00 15.63 ? 56  LEU A CD1 1 
ATOM   450  C CD2 . LEU A 1 56  ? 13.869  -0.241  -8.131  1.00 18.55 ? 56  LEU A CD2 1 
ATOM   451  N N   . ASN A 1 57  ? 9.430   -1.032  -10.583 1.00 13.42 ? 57  ASN A N   1 
ATOM   452  C CA  . ASN A 1 57  ? 8.346   -0.078  -10.783 1.00 15.15 ? 57  ASN A CA  1 
ATOM   453  C C   . ASN A 1 57  ? 7.449   -0.077  -9.547  1.00 14.79 ? 57  ASN A C   1 
ATOM   454  O O   . ASN A 1 57  ? 7.587   -0.956  -8.679  1.00 14.37 ? 57  ASN A O   1 
ATOM   455  C CB  . ASN A 1 57  ? 7.525   -0.453  -12.048 1.00 15.91 ? 57  ASN A CB  1 
ATOM   456  C CG  . ASN A 1 57  ? 6.843   -1.823  -11.933 1.00 14.11 ? 57  ASN A CG  1 
ATOM   457  O OD1 . ASN A 1 57  ? 5.644   -1.918  -11.689 1.00 17.43 ? 57  ASN A OD1 1 
ATOM   458  N ND2 . ASN A 1 57  ? 7.604   -2.879  -12.155 1.00 13.35 ? 57  ASN A ND2 1 
ATOM   459  N N   . VAL A 1 58  ? 6.539   0.901   -9.477  1.00 11.76 ? 58  VAL A N   1 
ATOM   460  C CA  . VAL A 1 58  ? 5.629   1.057   -8.340  1.00 11.50 ? 58  VAL A CA  1 
ATOM   461  C C   . VAL A 1 58  ? 4.167   1.104   -8.789  1.00 10.65 ? 58  VAL A C   1 
ATOM   462  O O   . VAL A 1 58  ? 3.850   1.726   -9.814  1.00 8.78  ? 58  VAL A O   1 
ATOM   463  C CB  . VAL A 1 58  ? 5.907   2.393   -7.597  1.00 8.81  ? 58  VAL A CB  1 
ATOM   464  C CG1 . VAL A 1 58  ? 5.030   2.550   -6.316  1.00 9.85  ? 58  VAL A CG1 1 
ATOM   465  C CG2 . VAL A 1 58  ? 7.357   2.493   -7.283  1.00 10.90 ? 58  VAL A CG2 1 
ATOM   466  N N   . LYS A 1 59  ? 3.296   0.495   -7.988  1.00 10.23 ? 59  LYS A N   1 
ATOM   467  C CA  . LYS A 1 59  ? 1.844   0.492   -8.222  1.00 10.78 ? 59  LYS A CA  1 
ATOM   468  C C   . LYS A 1 59  ? 1.183   1.119   -6.995  1.00 11.80 ? 59  LYS A C   1 
ATOM   469  O O   . LYS A 1 59  ? 1.683   0.989   -5.875  1.00 12.95 ? 59  LYS A O   1 
ATOM   470  C CB  . LYS A 1 59  ? 1.350   -0.918  -8.476  1.00 12.63 ? 59  LYS A CB  1 
ATOM   471  C CG  . LYS A 1 59  ? 1.769   -1.508  -9.806  1.00 14.83 ? 59  LYS A CG  1 
ATOM   472  C CD  . LYS A 1 59  ? 0.982   -0.824  -10.976 1.00 21.43 ? 59  LYS A CD  1 
ATOM   473  C CE  . LYS A 1 59  ? 1.313   -1.559  -12.360 1.00 24.59 ? 59  LYS A CE  1 
ATOM   474  N NZ  . LYS A 1 59  ? 0.329   -1.349  -13.491 1.00 25.74 ? 59  LYS A NZ  1 
ATOM   475  N N   . HIS A 1 60  ? 0.091   1.853   -7.192  1.00 10.70 ? 60  HIS A N   1 
ATOM   476  C CA  . HIS A 1 60  ? -0.581  2.507   -6.100  1.00 9.32  ? 60  HIS A CA  1 
ATOM   477  C C   . HIS A 1 60  ? -2.016  2.058   -6.074  1.00 10.55 ? 60  HIS A C   1 
ATOM   478  O O   . HIS A 1 60  ? -2.653  2.101   -7.099  1.00 11.25 ? 60  HIS A O   1 
ATOM   479  C CB  . HIS A 1 60  ? -0.547  4.034   -6.276  1.00 10.39 ? 60  HIS A CB  1 
ATOM   480  C CG  . HIS A 1 60  ? 0.842   4.563   -6.489  1.00 12.25 ? 60  HIS A CG  1 
ATOM   481  N ND1 . HIS A 1 60  ? 1.640   4.997   -5.462  1.00 11.34 ? 60  HIS A ND1 1 
ATOM   482  C CD2 . HIS A 1 60  ? 1.565   4.735   -7.625  1.00 11.34 ? 60  HIS A CD2 1 
ATOM   483  C CE1 . HIS A 1 60  ? 2.783   5.440   -5.956  1.00 11.92 ? 60  HIS A CE1 1 
ATOM   484  N NE2 . HIS A 1 60  ? 2.764   5.290   -7.266  1.00 10.89 ? 60  HIS A NE2 1 
ATOM   485  N N   . TYR A 1 61  ? -2.477  1.601   -4.927  1.00 10.20 ? 61  TYR A N   1 
ATOM   486  C CA  . TYR A 1 61  ? -3.831  1.099   -4.741  1.00 12.26 ? 61  TYR A CA  1 
ATOM   487  C C   . TYR A 1 61  ? -4.576  1.957   -3.749  1.00 12.32 ? 61  TYR A C   1 
ATOM   488  O O   . TYR A 1 61  ? -4.182  2.148   -2.596  1.00 11.47 ? 61  TYR A O   1 
ATOM   489  C CB  . TYR A 1 61  ? -3.810  -0.362  -4.246  1.00 12.34 ? 61  TYR A CB  1 
ATOM   490  C CG  . TYR A 1 61  ? -3.034  -1.264  -5.162  1.00 12.91 ? 61  TYR A CG  1 
ATOM   491  C CD1 . TYR A 1 61  ? -1.678  -1.522  -4.915  1.00 11.57 ? 61  TYR A CD1 1 
ATOM   492  C CD2 . TYR A 1 61  ? -3.609  -1.796  -6.331  1.00 10.84 ? 61  TYR A CD2 1 
ATOM   493  C CE1 . TYR A 1 61  ? -0.922  -2.260  -5.785  1.00 9.37  ? 61  TYR A CE1 1 
ATOM   494  C CE2 . TYR A 1 61  ? -2.848  -2.546  -7.205  1.00 10.90 ? 61  TYR A CE2 1 
ATOM   495  C CZ  . TYR A 1 61  ? -1.494  -2.766  -6.909  1.00 9.40  ? 61  TYR A CZ  1 
ATOM   496  O OH  . TYR A 1 61  ? -0.696  -3.483  -7.737  1.00 8.46  ? 61  TYR A OH  1 
ATOM   497  N N   . LYS A 1 62  ? -5.724  2.452   -4.196  1.00 11.92 ? 62  LYS A N   1 
ATOM   498  C CA  . LYS A 1 62  ? -6.542  3.289   -3.369  1.00 13.05 ? 62  LYS A CA  1 
ATOM   499  C C   . LYS A 1 62  ? -7.296  2.449   -2.353  1.00 13.99 ? 62  LYS A C   1 
ATOM   500  O O   . LYS A 1 62  ? -7.885  1.431   -2.733  1.00 13.77 ? 62  LYS A O   1 
ATOM   501  C CB  . LYS A 1 62  ? -7.532  4.096   -4.236  1.00 14.42 ? 62  LYS A CB  1 
ATOM   502  C CG  . LYS A 1 62  ? -8.301  5.042   -3.428  1.00 21.29 ? 62  LYS A CG  1 
ATOM   503  C CD  . LYS A 1 62  ? -9.118  6.032   -4.226  1.00 27.37 ? 62  LYS A CD  1 
ATOM   504  C CE  . LYS A 1 62  ? -8.239  6.956   -5.025  1.00 32.54 ? 62  LYS A CE  1 
ATOM   505  N NZ  . LYS A 1 62  ? -8.782  8.391   -5.225  1.00 37.16 ? 62  LYS A NZ  1 
ATOM   506  N N   . ILE A 1 63  ? -7.212  2.808   -1.072  1.00 11.81 ? 63  ILE A N   1 
ATOM   507  C CA  . ILE A 1 63  ? -7.917  2.070   -0.040  1.00 12.85 ? 63  ILE A CA  1 
ATOM   508  C C   . ILE A 1 63  ? -9.051  2.952   0.453   1.00 16.46 ? 63  ILE A C   1 
ATOM   509  O O   . ILE A 1 63  ? -8.841  4.068   0.938   1.00 16.45 ? 63  ILE A O   1 
ATOM   510  C CB  . ILE A 1 63  ? -7.029  1.737   1.188   1.00 13.10 ? 63  ILE A CB  1 
ATOM   511  C CG1 . ILE A 1 63  ? -5.904  0.743   0.814   1.00 13.05 ? 63  ILE A CG1 1 
ATOM   512  C CG2 . ILE A 1 63  ? -7.926  1.256   2.343   1.00 11.15 ? 63  ILE A CG2 1 
ATOM   513  C CD1 . ILE A 1 63  ? -4.787  0.574   1.931   1.00 12.21 ? 63  ILE A CD1 1 
ATOM   514  N N   . ARG A 1 64  ? -10.271 2.468   0.326   1.00 18.43 ? 64  ARG A N   1 
ATOM   515  C CA  . ARG A 1 64  ? -11.383 3.236   0.809   1.00 22.97 ? 64  ARG A CA  1 
ATOM   516  C C   . ARG A 1 64  ? -11.853 2.775   2.176   1.00 22.65 ? 64  ARG A C   1 
ATOM   517  O O   . ARG A 1 64  ? -11.610 1.652   2.611   1.00 18.39 ? 64  ARG A O   1 
ATOM   518  C CB  . ARG A 1 64  ? -12.502 3.270   -0.228  1.00 25.31 ? 64  ARG A CB  1 
ATOM   519  C CG  . ARG A 1 64  ? -12.427 4.557   -1.037  1.00 31.81 ? 64  ARG A CG  1 
ATOM   520  C CD  . ARG A 1 64  ? -12.967 4.393   -2.336  1.00 35.77 ? 64  ARG A CD  1 
ATOM   521  N NE  . ARG A 1 64  ? -11.958 3.804   -3.191  1.00 39.56 ? 64  ARG A NE  1 
ATOM   522  C CZ  . ARG A 1 64  ? -12.056 3.787   -4.510  1.00 40.05 ? 64  ARG A CZ  1 
ATOM   523  N NH1 . ARG A 1 64  ? -13.128 4.318   -5.085  1.00 41.79 ? 64  ARG A NH1 1 
ATOM   524  N NH2 . ARG A 1 64  ? -11.058 3.335   -5.247  1.00 38.52 ? 64  ARG A NH2 1 
ATOM   525  N N   . LYS A 1 65  ? -12.479 3.711   2.878   1.00 27.75 ? 65  LYS A N   1 
ATOM   526  C CA  . LYS A 1 65  ? -12.999 3.472   4.216   1.00 31.95 ? 65  LYS A CA  1 
ATOM   527  C C   . LYS A 1 65  ? -14.385 4.051   4.317   1.00 34.90 ? 65  LYS A C   1 
ATOM   528  O O   . LYS A 1 65  ? -14.578 5.265   4.213   1.00 36.00 ? 65  LYS A O   1 
ATOM   529  C CB  . LYS A 1 65  ? -12.088 4.118   5.266   1.00 32.80 ? 65  LYS A CB  1 
ATOM   530  C CG  . LYS A 1 65  ? -12.745 4.301   6.634   1.00 35.23 ? 65  LYS A CG  1 
ATOM   531  C CD  . LYS A 1 65  ? -13.118 2.959   7.258   1.00 39.10 ? 65  LYS A CD  1 
ATOM   532  C CE  . LYS A 1 65  ? -13.849 3.134   8.583   1.00 41.26 ? 65  LYS A CE  1 
ATOM   533  N NZ  . LYS A 1 65  ? -13.171 4.117   9.484   1.00 45.97 ? 65  LYS A NZ  1 
ATOM   534  N N   . LEU A 1 66  ? -15.350 3.166   4.515   1.00 38.06 ? 66  LEU A N   1 
ATOM   535  C CA  . LEU A 1 66  ? -16.753 3.546   4.650   1.00 42.65 ? 66  LEU A CA  1 
ATOM   536  C C   . LEU A 1 66  ? -17.066 4.061   6.055   1.00 45.03 ? 66  LEU A C   1 
ATOM   537  O O   . LEU A 1 66  ? -16.277 3.900   6.983   1.00 46.20 ? 66  LEU A O   1 
ATOM   538  C CB  . LEU A 1 66  ? -17.628 2.315   4.430   1.00 42.26 ? 66  LEU A CB  1 
ATOM   539  C CG  . LEU A 1 66  ? -17.395 1.465   3.197   1.00 43.26 ? 66  LEU A CG  1 
ATOM   540  C CD1 . LEU A 1 66  ? -17.254 0.016   3.620   1.00 44.28 ? 66  LEU A CD1 1 
ATOM   541  C CD2 . LEU A 1 66  ? -18.546 1.654   2.219   1.00 43.75 ? 66  LEU A CD2 1 
ATOM   542  N N   . ASP A 1 67  ? -18.256 4.634   6.213   1.00 47.85 ? 67  ASP A N   1 
ATOM   543  C CA  . ASP A 1 67  ? -18.739 5.101   7.516   1.00 49.11 ? 67  ASP A CA  1 
ATOM   544  C C   . ASP A 1 67  ? -19.437 3.891   8.124   1.00 49.08 ? 67  ASP A C   1 
ATOM   545  O O   . ASP A 1 67  ? -19.680 3.811   9.327   1.00 49.26 ? 67  ASP A O   1 
ATOM   546  C CB  . ASP A 1 67  ? -19.696 6.243   7.314   1.00 52.44 ? 67  ASP A CB  1 
ATOM   547  C CG  . ASP A 1 67  ? -19.083 7.329   6.468   1.00 56.71 ? 67  ASP A CG  1 
ATOM   548  O OD1 . ASP A 1 67  ? -18.523 8.276   7.067   1.00 58.94 ? 67  ASP A OD1 1 
ATOM   549  O OD2 . ASP A 1 67  ? -19.103 7.204   5.211   1.00 58.64 ? 67  ASP A OD2 1 
ATOM   550  N N   . SER A 1 68  ? -19.752 2.938   7.239   1.00 48.57 ? 68  SER A N   1 
ATOM   551  C CA  . SER A 1 68  ? -20.345 1.649   7.590   1.00 48.40 ? 68  SER A CA  1 
ATOM   552  C C   . SER A 1 68  ? -19.257 0.977   8.442   1.00 47.57 ? 68  SER A C   1 
ATOM   553  O O   . SER A 1 68  ? -19.542 0.071   9.245   1.00 47.75 ? 68  SER A O   1 
ATOM   554  C CB  . SER A 1 68  ? -20.573 0.799   6.329   1.00 49.82 ? 68  SER A CB  1 
ATOM   555  O OG  . SER A 1 68  ? -20.978 1.595   5.217   1.00 52.56 ? 68  SER A OG  1 
ATOM   556  N N   . GLY A 1 69  ? -17.996 1.323   8.139   1.00 44.74 ? 69  GLY A N   1 
ATOM   557  C CA  . GLY A 1 69  ? -16.870 0.831   8.914   1.00 40.36 ? 69  GLY A CA  1 
ATOM   558  C C   . GLY A 1 69  ? -15.736 0.056   8.293   1.00 36.09 ? 69  GLY A C   1 
ATOM   559  O O   . GLY A 1 69  ? -14.658 -0.022  8.881   1.00 38.62 ? 69  GLY A O   1 
ATOM   560  N N   . GLY A 1 70  ? -15.943 -0.512  7.120   1.00 32.49 ? 70  GLY A N   1 
ATOM   561  C CA  . GLY A 1 70  ? -14.872 -1.300  6.542   1.00 26.12 ? 70  GLY A CA  1 
ATOM   562  C C   . GLY A 1 70  ? -13.887 -0.584  5.664   1.00 23.12 ? 70  GLY A C   1 
ATOM   563  O O   . GLY A 1 70  ? -14.197 0.442   5.045   1.00 24.45 ? 70  GLY A O   1 
ATOM   564  N N   . PHE A 1 71  ? -12.687 -1.146  5.621   1.00 20.97 ? 71  PHE A N   1 
ATOM   565  C CA  . PHE A 1 71  ? -11.590 -0.667  4.780   1.00 18.22 ? 71  PHE A CA  1 
ATOM   566  C C   . PHE A 1 71  ? -11.497 -1.660  3.618   1.00 16.15 ? 71  PHE A C   1 
ATOM   567  O O   . PHE A 1 71  ? -11.675 -2.859  3.851   1.00 16.28 ? 71  PHE A O   1 
ATOM   568  C CB  . PHE A 1 71  ? -10.263 -0.730  5.550   1.00 17.51 ? 71  PHE A CB  1 
ATOM   569  C CG  . PHE A 1 71  ? -10.136 0.281   6.653   1.00 18.28 ? 71  PHE A CG  1 
ATOM   570  C CD1 . PHE A 1 71  ? -10.715 0.056   7.901   1.00 18.94 ? 71  PHE A CD1 1 
ATOM   571  C CD2 . PHE A 1 71  ? -9.380  1.427   6.460   1.00 18.33 ? 71  PHE A CD2 1 
ATOM   572  C CE1 . PHE A 1 71  ? -10.537 0.949   8.931   1.00 20.08 ? 71  PHE A CE1 1 
ATOM   573  C CE2 . PHE A 1 71  ? -9.195  2.331   7.490   1.00 19.65 ? 71  PHE A CE2 1 
ATOM   574  C CZ  . PHE A 1 71  ? -9.770  2.098   8.726   1.00 20.79 ? 71  PHE A CZ  1 
ATOM   575  N N   . TYR A 1 72  ? -11.193 -1.214  2.411   1.00 14.03 ? 72  TYR A N   1 
ATOM   576  C CA  . TYR A 1 72  ? -11.062 -2.148  1.283   1.00 13.51 ? 72  TYR A CA  1 
ATOM   577  C C   . TYR A 1 72  ? -10.421 -1.490  0.063   1.00 12.08 ? 72  TYR A C   1 
ATOM   578  O O   . TYR A 1 72  ? -10.411 -0.248  -0.060  1.00 12.48 ? 72  TYR A O   1 
ATOM   579  C CB  . TYR A 1 72  ? -12.438 -2.697  0.851   1.00 13.11 ? 72  TYR A CB  1 
ATOM   580  C CG  . TYR A 1 72  ? -13.383 -1.619  0.353   1.00 15.60 ? 72  TYR A CG  1 
ATOM   581  C CD1 . TYR A 1 72  ? -13.348 -1.177  -0.989  1.00 17.43 ? 72  TYR A CD1 1 
ATOM   582  C CD2 . TYR A 1 72  ? -14.265 -0.997  1.230   1.00 17.40 ? 72  TYR A CD2 1 
ATOM   583  C CE1 . TYR A 1 72  ? -14.174 -0.125  -1.432  1.00 19.70 ? 72  TYR A CE1 1 
ATOM   584  C CE2 . TYR A 1 72  ? -15.101 0.052   0.808   1.00 23.80 ? 72  TYR A CE2 1 
ATOM   585  C CZ  . TYR A 1 72  ? -15.045 0.488   -0.521  1.00 22.31 ? 72  TYR A CZ  1 
ATOM   586  O OH  . TYR A 1 72  ? -15.823 1.563   -0.888  1.00 25.26 ? 72  TYR A OH  1 
ATOM   587  N N   . ILE A 1 73  ? -9.848  -2.328  -0.794  1.00 12.28 ? 73  ILE A N   1 
ATOM   588  C CA  . ILE A 1 73  ? -9.309  -1.895  -2.079  1.00 12.60 ? 73  ILE A CA  1 
ATOM   589  C C   . ILE A 1 73  ? -10.480 -2.199  -3.032  1.00 13.68 ? 73  ILE A C   1 
ATOM   590  O O   . ILE A 1 73  ? -10.885 -1.330  -3.813  1.00 15.03 ? 73  ILE A O   1 
ATOM   591  C CB  . ILE A 1 73  ? -8.050  -2.622  -2.464  1.00 11.28 ? 73  ILE A CB  1 
ATOM   592  C CG1 . ILE A 1 73  ? -6.892  -2.100  -1.595  1.00 9.19  ? 73  ILE A CG1 1 
ATOM   593  C CG2 . ILE A 1 73  ? -7.725  -2.356  -3.960  1.00 11.67 ? 73  ILE A CG2 1 
ATOM   594  C CD1 . ILE A 1 73  ? -5.644  -2.905  -1.791  1.00 10.79 ? 73  ILE A CD1 1 
ATOM   595  N N   . THR A 1 74  ? -11.038 -3.409  -2.950  1.00 14.36 ? 74  THR A N   1 
ATOM   596  C CA  . THR A 1 74  ? -12.240 -3.731  -3.729  1.00 14.48 ? 74  THR A CA  1 
ATOM   597  C C   . THR A 1 74  ? -13.371 -3.941  -2.736  1.00 14.53 ? 74  THR A C   1 
ATOM   598  O O   . THR A 1 74  ? -13.212 -4.665  -1.768  1.00 12.39 ? 74  THR A O   1 
ATOM   599  C CB  . THR A 1 74  ? -12.109 -4.959  -4.646  1.00 17.32 ? 74  THR A CB  1 
ATOM   600  O OG1 . THR A 1 74  ? -13.390 -5.200  -5.266  1.00 16.99 ? 74  THR A OG1 1 
ATOM   601  C CG2 . THR A 1 74  ? -11.608 -6.224  -3.885  1.00 14.88 ? 74  THR A CG2 1 
ATOM   602  N N   . SER A 1 75  ? -14.527 -3.331  -2.971  1.00 16.78 ? 75  SER A N   1 
ATOM   603  C CA  . SER A 1 75  ? -15.653 -3.435  -2.035  1.00 19.09 ? 75  SER A CA  1 
ATOM   604  C C   . SER A 1 75  ? -16.050 -4.865  -1.706  1.00 20.04 ? 75  SER A C   1 
ATOM   605  O O   . SER A 1 75  ? -16.713 -5.108  -0.692  1.00 18.47 ? 75  SER A O   1 
ATOM   606  C CB  . SER A 1 75  ? -16.886 -2.690  -2.567  1.00 20.88 ? 75  SER A CB  1 
ATOM   607  O OG  . SER A 1 75  ? -17.306 -3.253  -3.802  1.00 21.44 ? 75  SER A OG  1 
ATOM   608  N N   . ARG A 1 76  ? -15.641 -5.797  -2.561  1.00 21.98 ? 76  ARG A N   1 
ATOM   609  C CA  . ARG A 1 76  ? -15.974 -7.197  -2.373  1.00 25.49 ? 76  ARG A CA  1 
ATOM   610  C C   . ARG A 1 76  ? -15.240 -7.822  -1.196  1.00 24.29 ? 76  ARG A C   1 
ATOM   611  O O   . ARG A 1 76  ? -15.739 -8.769  -0.584  1.00 26.09 ? 76  ARG A O   1 
ATOM   612  C CB  . ARG A 1 76  ? -15.619 -7.986  -3.630  1.00 28.69 ? 76  ARG A CB  1 
ATOM   613  C CG  . ARG A 1 76  ? -16.128 -7.366  -4.917  1.00 38.37 ? 76  ARG A CG  1 
ATOM   614  C CD  . ARG A 1 76  ? -17.638 -7.722  -5.230  1.00 44.20 ? 76  ARG A CD  1 
ATOM   615  N NE  . ARG A 1 76  ? -17.934 -7.498  -6.656  1.00 49.51 ? 76  ARG A NE  1 
ATOM   616  C CZ  . ARG A 1 76  ? -18.399 -8.431  -7.492  1.00 50.47 ? 76  ARG A CZ  1 
ATOM   617  N NH1 . ARG A 1 76  ? -18.633 -9.665  -7.040  1.00 50.34 ? 76  ARG A NH1 1 
ATOM   618  N NH2 . ARG A 1 76  ? -18.581 -8.145  -8.789  1.00 50.10 ? 76  ARG A NH2 1 
ATOM   619  N N   . THR A 1 77  ? -14.075 -7.267  -0.879  1.00 21.42 ? 77  THR A N   1 
ATOM   620  C CA  . THR A 1 77  ? -13.192 -7.785  0.175   1.00 18.59 ? 77  THR A CA  1 
ATOM   621  C C   . THR A 1 77  ? -12.913 -6.704  1.234   1.00 16.27 ? 77  THR A C   1 
ATOM   622  O O   . THR A 1 77  ? -12.003 -5.889  1.070   1.00 15.15 ? 77  THR A O   1 
ATOM   623  C CB  . THR A 1 77  ? -11.892 -8.257  -0.524  1.00 15.88 ? 77  THR A CB  1 
ATOM   624  O OG1 . THR A 1 77  ? -12.272 -9.128  -1.586  1.00 17.33 ? 77  THR A OG1 1 
ATOM   625  C CG2 . THR A 1 77  ? -10.951 -9.008  0.390   1.00 16.00 ? 77  THR A CG2 1 
ATOM   626  N N   . GLN A 1 78  ? -13.692 -6.704  2.306   1.00 14.42 ? 78  GLN A N   1 
ATOM   627  C CA  . GLN A 1 78  ? -13.550 -5.698  3.332   1.00 15.44 ? 78  GLN A CA  1 
ATOM   628  C C   . GLN A 1 78  ? -12.927 -6.178  4.626   1.00 15.13 ? 78  GLN A C   1 
ATOM   629  O O   . GLN A 1 78  ? -12.934 -7.368  4.919   1.00 15.36 ? 78  GLN A O   1 
ATOM   630  C CB  . GLN A 1 78  ? -14.897 -5.074  3.597   1.00 15.21 ? 78  GLN A CB  1 
ATOM   631  C CG  . GLN A 1 78  ? -15.478 -4.445  2.346   1.00 21.57 ? 78  GLN A CG  1 
ATOM   632  C CD  . GLN A 1 78  ? -16.765 -3.659  2.610   1.00 23.08 ? 78  GLN A CD  1 
ATOM   633  O OE1 . GLN A 1 78  ? -17.635 -3.581  1.756   1.00 25.27 ? 78  GLN A OE1 1 
ATOM   634  N NE2 . GLN A 1 78  ? -16.874 -3.072  3.789   1.00 22.33 ? 78  GLN A NE2 1 
ATOM   635  N N   . PHE A 1 79  ? -12.396 -5.232  5.403   1.00 16.26 ? 79  PHE A N   1 
ATOM   636  C CA  . PHE A 1 79  ? -11.721 -5.506  6.665   1.00 16.30 ? 79  PHE A CA  1 
ATOM   637  C C   . PHE A 1 79  ? -12.140 -4.464  7.681   1.00 19.18 ? 79  PHE A C   1 
ATOM   638  O O   . PHE A 1 79  ? -12.615 -3.383  7.339   1.00 17.89 ? 79  PHE A O   1 
ATOM   639  C CB  . PHE A 1 79  ? -10.200 -5.463  6.457   1.00 15.07 ? 79  PHE A CB  1 
ATOM   640  C CG  . PHE A 1 79  ? -9.724  -6.352  5.331   1.00 15.11 ? 79  PHE A CG  1 
ATOM   641  C CD1 . PHE A 1 79  ? -9.573  -5.847  4.047   1.00 11.16 ? 79  PHE A CD1 1 
ATOM   642  C CD2 . PHE A 1 79  ? -9.528  -7.716  5.534   1.00 14.49 ? 79  PHE A CD2 1 
ATOM   643  C CE1 . PHE A 1 79  ? -9.247  -6.680  2.989   1.00 14.18 ? 79  PHE A CE1 1 
ATOM   644  C CE2 . PHE A 1 79  ? -9.199  -8.560  4.471   1.00 15.23 ? 79  PHE A CE2 1 
ATOM   645  C CZ  . PHE A 1 79  ? -9.059  -8.045  3.192   1.00 14.28 ? 79  PHE A CZ  1 
ATOM   646  N N   . ASN A 1 80  ? -12.012 -4.807  8.954   1.00 21.75 ? 80  ASN A N   1 
ATOM   647  C CA  . ASN A 1 80  ? -12.393 -3.862  10.020  1.00 25.47 ? 80  ASN A CA  1 
ATOM   648  C C   . ASN A 1 80  ? -11.345 -2.778  10.291  1.00 24.36 ? 80  ASN A C   1 
ATOM   649  O O   . ASN A 1 80  ? -11.592 -1.761  10.919  1.00 26.35 ? 80  ASN A O   1 
ATOM   650  C CB  . ASN A 1 80  ? -12.675 -4.611  11.332  1.00 28.02 ? 80  ASN A CB  1 
ATOM   651  C CG  . ASN A 1 80  ? -13.821 -5.587  11.202  1.00 30.65 ? 80  ASN A CG  1 
ATOM   652  O OD1 . ASN A 1 80  ? -14.797 -5.329  10.485  1.00 32.53 ? 80  ASN A OD1 1 
ATOM   653  N ND2 . ASN A 1 80  ? -13.694 -6.737  11.859  1.00 33.98 ? 80  ASN A ND2 1 
ATOM   654  N N   . SER A 1 81  ? -10.149 -2.983  9.779   1.00 23.86 ? 81  SER A N   1 
ATOM   655  C CA  . SER A 1 81  ? -9.105  -2.026  10.033  1.00 22.86 ? 81  SER A CA  1 
ATOM   656  C C   . SER A 1 81  ? -8.064  -2.104  8.930   1.00 22.53 ? 81  SER A C   1 
ATOM   657  O O   . SER A 1 81  ? -7.915  -3.124  8.250   1.00 21.37 ? 81  SER A O   1 
ATOM   658  C CB  . SER A 1 81  ? -8.441  -2.369  11.372  1.00 21.62 ? 81  SER A CB  1 
ATOM   659  O OG  . SER A 1 81  ? -7.733  -3.603  11.287  1.00 19.79 ? 81  SER A OG  1 
ATOM   660  N N   . LEU A 1 82  ? -7.291  -1.024  8.844   1.00 23.00 ? 82  LEU A N   1 
ATOM   661  C CA  . LEU A 1 82  ? -6.202  -0.894  7.896   1.00 22.79 ? 82  LEU A CA  1 
ATOM   662  C C   . LEU A 1 82  ? -5.147  -1.991  8.163   1.00 22.11 ? 82  LEU A C   1 
ATOM   663  O O   . LEU A 1 82  ? -4.621  -2.642  7.236   1.00 22.06 ? 82  LEU A O   1 
ATOM   664  C CB  . LEU A 1 82  ? -5.621  0.508   8.042   1.00 24.27 ? 82  LEU A CB  1 
ATOM   665  C CG  . LEU A 1 82  ? -4.853  1.092   6.870   1.00 25.41 ? 82  LEU A CG  1 
ATOM   666  C CD1 . LEU A 1 82  ? -5.663  0.995   5.573   1.00 23.44 ? 82  LEU A CD1 1 
ATOM   667  C CD2 . LEU A 1 82  ? -4.530  2.557   7.229   1.00 26.89 ? 82  LEU A CD2 1 
ATOM   668  N N   . GLN A 1 83  ? -4.875  -2.226  9.448   1.00 21.99 ? 83  GLN A N   1 
ATOM   669  C CA  . GLN A 1 83  ? -3.922  -3.258  9.868   1.00 21.12 ? 83  GLN A CA  1 
ATOM   670  C C   . GLN A 1 83  ? -4.373  -4.615  9.346   1.00 20.05 ? 83  GLN A C   1 
ATOM   671  O O   . GLN A 1 83  ? -3.577  -5.383  8.784   1.00 20.33 ? 83  GLN A O   1 
ATOM   672  C CB  . GLN A 1 83  ? -3.822  -3.325  11.399  1.00 23.40 ? 83  GLN A CB  1 
ATOM   673  C CG  . GLN A 1 83  ? -3.247  -2.063  12.074  1.00 27.64 ? 83  GLN A CG  1 
ATOM   674  C CD  . GLN A 1 83  ? -4.215  -0.861  12.205  1.00 31.68 ? 83  GLN A CD  1 
ATOM   675  O OE1 . GLN A 1 83  ? -3.803  0.226   12.656  1.00 35.60 ? 83  GLN A OE1 1 
ATOM   676  N NE2 . GLN A 1 83  ? -5.489  -1.055  11.858  1.00 30.05 ? 83  GLN A NE2 1 
ATOM   677  N N   . GLN A 1 84  ? -5.651  -4.941  9.542   1.00 18.15 ? 84  GLN A N   1 
ATOM   678  C CA  . GLN A 1 84  ? -6.178  -6.209  9.052   1.00 17.53 ? 84  GLN A CA  1 
ATOM   679  C C   . GLN A 1 84  ? -6.057  -6.350  7.541   1.00 13.62 ? 84  GLN A C   1 
ATOM   680  O O   . GLN A 1 84  ? -5.773  -7.410  7.057   1.00 12.24 ? 84  GLN A O   1 
ATOM   681  C CB  . GLN A 1 84  ? -7.634  -6.384  9.483   1.00 22.02 ? 84  GLN A CB  1 
ATOM   682  C CG  . GLN A 1 84  ? -7.805  -6.887  10.928  1.00 28.02 ? 84  GLN A CG  1 
ATOM   683  C CD  . GLN A 1 84  ? -9.279  -6.948  11.358  1.00 32.50 ? 84  GLN A CD  1 
ATOM   684  O OE1 . GLN A 1 84  ? -9.978  -5.929  11.374  1.00 33.88 ? 84  GLN A OE1 1 
ATOM   685  N NE2 . GLN A 1 84  ? -9.771  -8.151  11.633  1.00 34.47 ? 84  GLN A NE2 1 
ATOM   686  N N   . LEU A 1 85  ? -6.269  -5.259  6.816   1.00 14.71 ? 85  LEU A N   1 
ATOM   687  C CA  . LEU A 1 85  ? -6.170  -5.233  5.356   1.00 12.28 ? 85  LEU A CA  1 
ATOM   688  C C   . LEU A 1 85  ? -4.743  -5.536  4.958   1.00 11.81 ? 85  LEU A C   1 
ATOM   689  O O   . LEU A 1 85  ? -4.477  -6.391  4.119   1.00 10.84 ? 85  LEU A O   1 
ATOM   690  C CB  . LEU A 1 85  ? -6.613  -3.851  4.837   1.00 12.94 ? 85  LEU A CB  1 
ATOM   691  C CG  . LEU A 1 85  ? -6.656  -3.620  3.320   1.00 12.51 ? 85  LEU A CG  1 
ATOM   692  C CD1 . LEU A 1 85  ? -7.639  -2.534  3.026   1.00 13.85 ? 85  LEU A CD1 1 
ATOM   693  C CD2 . LEU A 1 85  ? -5.276  -3.268  2.766   1.00 12.66 ? 85  LEU A CD2 1 
ATOM   694  N N   . VAL A 1 86  ? -3.807  -4.829  5.589   1.00 14.46 ? 86  VAL A N   1 
ATOM   695  C CA  . VAL A 1 86  ? -2.378  -5.035  5.310   1.00 13.96 ? 86  VAL A CA  1 
ATOM   696  C C   . VAL A 1 86  ? -1.959  -6.493  5.540   1.00 12.25 ? 86  VAL A C   1 
ATOM   697  O O   . VAL A 1 86  ? -1.267  -7.121  4.741   1.00 13.37 ? 86  VAL A O   1 
ATOM   698  C CB  . VAL A 1 86  ? -1.522  -4.072  6.159   1.00 14.81 ? 86  VAL A CB  1 
ATOM   699  C CG1 . VAL A 1 86  ? -0.022  -4.382  5.993   1.00 14.82 ? 86  VAL A CG1 1 
ATOM   700  C CG2 . VAL A 1 86  ? -1.812  -2.626  5.739   1.00 15.83 ? 86  VAL A CG2 1 
ATOM   701  N N   . ALA A 1 87  ? -2.418  -7.054  6.655   1.00 14.64 ? 87  ALA A N   1 
ATOM   702  C CA  . ALA A 1 87  ? -2.101  -8.452  7.014   1.00 14.58 ? 87  ALA A CA  1 
ATOM   703  C C   . ALA A 1 87  ? -2.664  -9.396  5.955   1.00 13.19 ? 87  ALA A C   1 
ATOM   704  O O   . ALA A 1 87  ? -1.955  -10.302 5.498   1.00 11.72 ? 87  ALA A O   1 
ATOM   705  C CB  . ALA A 1 87  ? -2.666  -8.797  8.441   1.00 13.36 ? 87  ALA A CB  1 
ATOM   706  N N   . TYR A 1 88  ? -3.900  -9.147  5.511   1.00 13.23 ? 88  TYR A N   1 
ATOM   707  C CA  . TYR A 1 88  ? -4.516  -10.003 4.490   1.00 13.83 ? 88  TYR A CA  1 
ATOM   708  C C   . TYR A 1 88  ? -3.735  -9.966  3.172   1.00 12.22 ? 88  TYR A C   1 
ATOM   709  O O   . TYR A 1 88  ? -3.450  -11.008 2.570   1.00 10.32 ? 88  TYR A O   1 
ATOM   710  C CB  . TYR A 1 88  ? -5.977  -9.598  4.247   1.00 16.70 ? 88  TYR A CB  1 
ATOM   711  C CG  . TYR A 1 88  ? -6.660  -10.452 3.213   1.00 20.06 ? 88  TYR A CG  1 
ATOM   712  C CD1 . TYR A 1 88  ? -7.292  -11.646 3.570   1.00 21.86 ? 88  TYR A CD1 1 
ATOM   713  C CD2 . TYR A 1 88  ? -6.630  -10.091 1.862   1.00 22.59 ? 88  TYR A CD2 1 
ATOM   714  C CE1 . TYR A 1 88  ? -7.876  -12.467 2.600   1.00 24.89 ? 88  TYR A CE1 1 
ATOM   715  C CE2 . TYR A 1 88  ? -7.204  -10.895 0.891   1.00 25.54 ? 88  TYR A CE2 1 
ATOM   716  C CZ  . TYR A 1 88  ? -7.818  -12.074 1.262   1.00 27.56 ? 88  TYR A CZ  1 
ATOM   717  O OH  . TYR A 1 88  ? -8.353  -12.864 0.268   1.00 34.71 ? 88  TYR A OH  1 
ATOM   718  N N   . TYR A 1 89  ? -3.359  -8.771  2.730   1.00 11.84 ? 89  TYR A N   1 
ATOM   719  C CA  . TYR A 1 89  ? -2.607  -8.664  1.485   1.00 10.57 ? 89  TYR A CA  1 
ATOM   720  C C   . TYR A 1 89  ? -1.131  -9.095  1.575   1.00 10.88 ? 89  TYR A C   1 
ATOM   721  O O   . TYR A 1 89  ? -0.468  -9.239  0.557   1.00 11.93 ? 89  TYR A O   1 
ATOM   722  C CB  . TYR A 1 89  ? -2.842  -7.296  0.828   1.00 10.00 ? 89  TYR A CB  1 
ATOM   723  C CG  . TYR A 1 89  ? -4.251  -7.200  0.241   1.00 10.09 ? 89  TYR A CG  1 
ATOM   724  C CD1 . TYR A 1 89  ? -5.207  -6.360  0.804   1.00 9.49  ? 89  TYR A CD1 1 
ATOM   725  C CD2 . TYR A 1 89  ? -4.638  -8.016  -0.844  1.00 10.57 ? 89  TYR A CD2 1 
ATOM   726  C CE1 . TYR A 1 89  ? -6.511  -6.325  0.339   1.00 11.83 ? 89  TYR A CE1 1 
ATOM   727  C CE2 . TYR A 1 89  ? -5.965  -7.979  -1.344  1.00 10.80 ? 89  TYR A CE2 1 
ATOM   728  C CZ  . TYR A 1 89  ? -6.890  -7.128  -0.732  1.00 12.07 ? 89  TYR A CZ  1 
ATOM   729  O OH  . TYR A 1 89  ? -8.200  -7.043  -1.155  1.00 12.88 ? 89  TYR A OH  1 
ATOM   730  N N   . SER A 1 90  ? -0.638  -9.353  2.783   1.00 11.75 ? 90  SER A N   1 
ATOM   731  C CA  . SER A 1 90  ? 0.730   -9.875  2.942   1.00 14.51 ? 90  SER A CA  1 
ATOM   732  C C   . SER A 1 90  ? 0.717   -11.393 2.711   1.00 16.68 ? 90  SER A C   1 
ATOM   733  O O   . SER A 1 90  ? 1.772   -12.006 2.498   1.00 17.56 ? 90  SER A O   1 
ATOM   734  C CB  . SER A 1 90  ? 1.271   -9.592  4.324   1.00 11.11 ? 90  SER A CB  1 
ATOM   735  O OG  . SER A 1 90  ? 1.171   -8.209  4.612   1.00 15.65 ? 90  SER A OG  1 
ATOM   736  N N   . LYS A 1 91  ? -0.488  -11.987 2.663   1.00 18.57 ? 91  LYS A N   1 
ATOM   737  C CA  . LYS A 1 91  ? -0.672  -13.435 2.425   1.00 17.77 ? 91  LYS A CA  1 
ATOM   738  C C   . LYS A 1 91  ? -1.317  -13.745 1.087   1.00 16.86 ? 91  LYS A C   1 
ATOM   739  O O   . LYS A 1 91  ? -1.235  -14.870 0.643   1.00 17.60 ? 91  LYS A O   1 
ATOM   740  C CB  . LYS A 1 91  ? -1.575  -14.050 3.504   1.00 22.32 ? 91  LYS A CB  1 
ATOM   741  C CG  . LYS A 1 91  ? -1.179  -13.762 4.907   1.00 27.23 ? 91  LYS A CG  1 
ATOM   742  C CD  . LYS A 1 91  ? 0.141   -14.500 5.349   1.00 33.02 ? 91  LYS A CD  1 
ATOM   743  C CE  . LYS A 1 91  ? -0.031  -16.050 5.690   1.00 33.97 ? 91  LYS A CE  1 
ATOM   744  N NZ  . LYS A 1 91  ? -0.119  -16.933 4.478   1.00 35.15 ? 91  LYS A NZ  1 
ATOM   745  N N   . HIS A 1 92  ? -2.021  -12.786 0.491   1.00 15.54 ? 92  HIS A N   1 
ATOM   746  C CA  . HIS A 1 92  ? -2.703  -12.997 -0.804  1.00 14.79 ? 92  HIS A CA  1 
ATOM   747  C C   . HIS A 1 92  ? -2.340  -11.940 -1.838  1.00 12.03 ? 92  HIS A C   1 
ATOM   748  O O   . HIS A 1 92  ? -2.499  -10.771 -1.520  1.00 13.92 ? 92  HIS A O   1 
ATOM   749  C CB  . HIS A 1 92  ? -4.230  -12.917 -0.610  1.00 16.17 ? 92  HIS A CB  1 
ATOM   750  C CG  . HIS A 1 92  ? -4.737  -13.795 0.485   1.00 16.04 ? 92  HIS A CG  1 
ATOM   751  N ND1 . HIS A 1 92  ? -5.184  -15.073 0.247   1.00 18.11 ? 92  HIS A ND1 1 
ATOM   752  C CD2 . HIS A 1 92  ? -4.790  -13.608 1.821   1.00 16.54 ? 92  HIS A CD2 1 
ATOM   753  C CE1 . HIS A 1 92  ? -5.487  -15.641 1.401   1.00 16.15 ? 92  HIS A CE1 1 
ATOM   754  N NE2 . HIS A 1 92  ? -5.259  -14.778 2.367   1.00 17.62 ? 92  HIS A NE2 1 
ATOM   755  N N   . ALA A 1 93  ? -1.904  -12.326 -3.027  1.00 11.82 ? 93  ALA A N   1 
ATOM   756  C CA  . ALA A 1 93  ? -1.595  -11.338 -4.038  1.00 11.78 ? 93  ALA A CA  1 
ATOM   757  C C   . ALA A 1 93  ? -2.939  -10.810 -4.587  1.00 13.37 ? 93  ALA A C   1 
ATOM   758  O O   . ALA A 1 93  ? -3.113  -9.594  -4.692  1.00 11.94 ? 93  ALA A O   1 
ATOM   759  C CB  . ALA A 1 93  ? -0.754  -11.962 -5.158  1.00 10.48 ? 93  ALA A CB  1 
ATOM   760  N N   . ASP A 1 94  ? -3.897  -11.704 -4.863  1.00 12.84 ? 94  ASP A N   1 
ATOM   761  C CA  . ASP A 1 94  ? -5.194  -11.301 -5.433  1.00 11.58 ? 94  ASP A CA  1 
ATOM   762  C C   . ASP A 1 94  ? -5.002  -10.381 -6.655  1.00 10.80 ? 94  ASP A C   1 
ATOM   763  O O   . ASP A 1 94  ? -4.380  -10.829 -7.623  1.00 12.30 ? 94  ASP A O   1 
ATOM   764  C CB  . ASP A 1 94  ? -6.100  -10.654 -4.368  1.00 11.98 ? 94  ASP A CB  1 
ATOM   765  C CG  . ASP A 1 94  ? -6.660  -11.675 -3.365  1.00 12.51 ? 94  ASP A CG  1 
ATOM   766  O OD1 . ASP A 1 94  ? -6.303  -12.889 -3.462  1.00 13.26 ? 94  ASP A OD1 1 
ATOM   767  O OD2 . ASP A 1 94  ? -7.457  -11.250 -2.480  1.00 12.61 ? 94  ASP A OD2 1 
ATOM   768  N N   . GLY A 1 95  ? -5.501  -9.144  -6.616  1.00 11.25 ? 95  GLY A N   1 
ATOM   769  C CA  . GLY A 1 95  ? -5.352  -8.213  -7.743  1.00 10.79 ? 95  GLY A CA  1 
ATOM   770  C C   . GLY A 1 95  ? -4.145  -7.296  -7.630  1.00 12.57 ? 95  GLY A C   1 
ATOM   771  O O   . GLY A 1 95  ? -3.919  -6.455  -8.501  1.00 12.91 ? 95  GLY A O   1 
ATOM   772  N N   . LEU A 1 96  ? -3.328  -7.477  -6.578  1.00 10.95 ? 96  LEU A N   1 
ATOM   773  C CA  . LEU A 1 96  ? -2.110  -6.654  -6.390  1.00 10.77 ? 96  LEU A CA  1 
ATOM   774  C C   . LEU A 1 96  ? -0.949  -7.125  -7.289  1.00 8.92  ? 96  LEU A C   1 
ATOM   775  O O   . LEU A 1 96  ? -0.880  -8.263  -7.801  1.00 10.88 ? 96  LEU A O   1 
ATOM   776  C CB  . LEU A 1 96  ? -1.662  -6.694  -4.906  1.00 6.94  ? 96  LEU A CB  1 
ATOM   777  C CG  . LEU A 1 96  ? -2.572  -6.234  -3.777  1.00 8.94  ? 96  LEU A CG  1 
ATOM   778  C CD1 . LEU A 1 96  ? -1.773  -6.274  -2.475  1.00 12.29 ? 96  LEU A CD1 1 
ATOM   779  C CD2 . LEU A 1 96  ? -3.071  -4.803  -4.025  1.00 11.01 ? 96  LEU A CD2 1 
ATOM   780  N N   . CYS A 1 97  ? 0.022   -6.239  -7.497  1.00 9.93  ? 97  CYS A N   1 
ATOM   781  C CA  . CYS A 1 97  ? 1.188   -6.599  -8.290  1.00 8.41  ? 97  CYS A CA  1 
ATOM   782  C C   . CYS A 1 97  ? 2.042   -7.680  -7.601  1.00 9.77  ? 97  CYS A C   1 
ATOM   783  O O   . CYS A 1 97  ? 2.781   -8.374  -8.314  1.00 10.24 ? 97  CYS A O   1 
ATOM   784  C CB  . CYS A 1 97  ? 2.047   -5.359  -8.600  1.00 10.35 ? 97  CYS A CB  1 
ATOM   785  S SG  . CYS A 1 97  ? 2.715   -4.482  -7.134  1.00 13.64 ? 97  CYS A SG  1 
ATOM   786  N N   . HIS A 1 98  ? 1.928   -7.838  -6.277  1.00 10.08 ? 98  HIS A N   1 
ATOM   787  C CA  . HIS A 1 98  ? 2.670   -8.852  -5.503  1.00 10.01 ? 98  HIS A CA  1 
ATOM   788  C C   . HIS A 1 98  ? 2.095   -8.803  -4.095  1.00 9.85  ? 98  HIS A C   1 
ATOM   789  O O   . HIS A 1 98  ? 1.495   -7.773  -3.685  1.00 9.59  ? 98  HIS A O   1 
ATOM   790  C CB  . HIS A 1 98  ? 4.162   -8.472  -5.416  1.00 8.53  ? 98  HIS A CB  1 
ATOM   791  C CG  . HIS A 1 98  ? 5.049   -9.605  -4.984  1.00 10.59 ? 98  HIS A CG  1 
ATOM   792  N ND1 . HIS A 1 98  ? 5.365   -9.850  -3.659  1.00 8.84  ? 98  HIS A ND1 1 
ATOM   793  C CD2 . HIS A 1 98  ? 5.694   -10.555 -5.708  1.00 7.00  ? 98  HIS A CD2 1 
ATOM   794  C CE1 . HIS A 1 98  ? 6.171   -10.893 -3.590  1.00 10.10 ? 98  HIS A CE1 1 
ATOM   795  N NE2 . HIS A 1 98  ? 6.384   -11.338 -4.820  1.00 10.38 ? 98  HIS A NE2 1 
ATOM   796  N N   . ARG A 1 99  ? 2.225   -9.902  -3.345  1.00 9.52  ? 99  ARG A N   1 
ATOM   797  C CA  . ARG A 1 99  ? 1.742   -9.871  -1.953  1.00 10.75 ? 99  ARG A CA  1 
ATOM   798  C C   . ARG A 1 99  ? 2.645   -8.862  -1.199  1.00 9.92  ? 99  ARG A C   1 
ATOM   799  O O   . ARG A 1 99  ? 3.796   -8.690  -1.624  1.00 12.09 ? 99  ARG A O   1 
ATOM   800  C CB  . ARG A 1 99  ? 1.832   -11.252 -1.289  1.00 10.15 ? 99  ARG A CB  1 
ATOM   801  C CG  . ARG A 1 99  ? 3.192   -11.770 -1.129  1.00 13.25 ? 99  ARG A CG  1 
ATOM   802  C CD  . ARG A 1 99  ? 3.231   -13.057 -0.150  1.00 15.82 ? 99  ARG A CD  1 
ATOM   803  N NE  . ARG A 1 99  ? 4.611   -13.394 0.211   1.00 17.28 ? 99  ARG A NE  1 
ATOM   804  C CZ  . ARG A 1 99  ? 5.238   -13.018 1.332   1.00 19.32 ? 99  ARG A CZ  1 
ATOM   805  N NH1 . ARG A 1 99  ? 4.624   -12.292 2.270   1.00 18.91 ? 99  ARG A NH1 1 
ATOM   806  N NH2 . ARG A 1 99  ? 6.525   -13.311 1.477   1.00 19.76 ? 99  ARG A NH2 1 
ATOM   807  N N   . LEU A 1 100 ? 2.143   -8.218  -0.155  1.00 7.77  ? 100 LEU A N   1 
ATOM   808  C CA  . LEU A 1 100 ? 2.934   -7.254  0.603   1.00 8.84  ? 100 LEU A CA  1 
ATOM   809  C C   . LEU A 1 100 ? 4.033   -8.054  1.320   1.00 10.43 ? 100 LEU A C   1 
ATOM   810  O O   . LEU A 1 100 ? 3.695   -9.103  1.864   1.00 10.76 ? 100 LEU A O   1 
ATOM   811  C CB  . LEU A 1 100 ? 2.027   -6.514  1.576   1.00 6.37  ? 100 LEU A CB  1 
ATOM   812  C CG  . LEU A 1 100 ? 0.876   -5.752  0.874   1.00 4.53  ? 100 LEU A CG  1 
ATOM   813  C CD1 . LEU A 1 100 ? 0.128   -4.861  1.832   1.00 4.64  ? 100 LEU A CD1 1 
ATOM   814  C CD2 . LEU A 1 100 ? 1.446   -4.941  -0.321  1.00 4.86  ? 100 LEU A CD2 1 
ATOM   815  N N   . THR A 1 101 ? 5.300   -7.632  1.254   1.00 10.09 ? 101 THR A N   1 
ATOM   816  C CA  . THR A 1 101 ? 6.388   -8.380  1.905   1.00 9.71  ? 101 THR A CA  1 
ATOM   817  C C   . THR A 1 101 ? 6.922   -7.586  3.099   1.00 11.13 ? 101 THR A C   1 
ATOM   818  O O   . THR A 1 101 ? 6.477   -7.848  4.210   1.00 13.28 ? 101 THR A O   1 
ATOM   819  C CB  . THR A 1 101 ? 7.506   -8.773  0.891   1.00 9.71  ? 101 THR A CB  1 
ATOM   820  O OG1 . THR A 1 101 ? 7.961   -7.598  0.200   1.00 12.82 ? 101 THR A OG1 1 
ATOM   821  C CG2 . THR A 1 101 ? 6.999   -9.805  -0.144  1.00 7.58  ? 101 THR A CG2 1 
ATOM   822  N N   . THR A 1 102 ? 7.757   -6.563  2.890   1.00 11.18 ? 102 THR A N   1 
ATOM   823  C CA  . THR A 1 102 ? 8.261   -5.774  4.027   1.00 13.34 ? 102 THR A CA  1 
ATOM   824  C C   . THR A 1 102 ? 8.117   -4.257  3.828   1.00 12.44 ? 102 THR A C   1 
ATOM   825  O O   . THR A 1 102 ? 8.010   -3.751  2.708   1.00 12.39 ? 102 THR A O   1 
ATOM   826  C CB  . THR A 1 102 ? 9.741   -6.103  4.354   1.00 16.09 ? 102 THR A CB  1 
ATOM   827  O OG1 . THR A 1 102 ? 10.536  -5.816  3.200   1.00 18.66 ? 102 THR A OG1 1 
ATOM   828  C CG2 . THR A 1 102 ? 9.919   -7.605  4.750   1.00 16.62 ? 102 THR A CG2 1 
ATOM   829  N N   . VAL A 1 103 ? 8.141   -3.548  4.949   1.00 12.54 ? 103 VAL A N   1 
ATOM   830  C CA  . VAL A 1 103 ? 7.997   -2.108  4.995   1.00 14.33 ? 103 VAL A CA  1 
ATOM   831  C C   . VAL A 1 103 ? 9.120   -1.426  4.243   1.00 11.79 ? 103 VAL A C   1 
ATOM   832  O O   . VAL A 1 103 ? 10.282  -1.805  4.377   1.00 11.16 ? 103 VAL A O   1 
ATOM   833  C CB  . VAL A 1 103 ? 7.997   -1.610  6.438   1.00 15.40 ? 103 VAL A CB  1 
ATOM   834  C CG1 . VAL A 1 103 ? 7.669   -0.120  6.474   1.00 18.78 ? 103 VAL A CG1 1 
ATOM   835  C CG2 . VAL A 1 103 ? 6.977   -2.397  7.250   1.00 20.50 ? 103 VAL A CG2 1 
ATOM   836  N N   . CYS A 1 104 ? 8.781   -0.387  3.483   1.00 11.69 ? 104 CYS A N   1 
ATOM   837  C CA  . CYS A 1 104 ? 9.773   0.338   2.703   1.00 11.39 ? 104 CYS A CA  1 
ATOM   838  C C   . CYS A 1 104 ? 10.773  1.099   3.597   1.00 12.44 ? 104 CYS A C   1 
ATOM   839  O O   . CYS A 1 104 ? 10.402  1.674   4.620   1.00 9.86  ? 104 CYS A O   1 
ATOM   840  C CB  . CYS A 1 104 ? 9.064   1.344   1.803   1.00 11.19 ? 104 CYS A CB  1 
ATOM   841  S SG  . CYS A 1 104 ? 10.127  2.221   0.663   1.00 13.92 ? 104 CYS A SG  1 
ATOM   842  N N   . PRO A 1 105 ? 12.054  1.053   3.227   1.00 15.12 ? 105 PRO A N   1 
ATOM   843  C CA  . PRO A 1 105 ? 13.079  1.762   3.984   1.00 20.53 ? 105 PRO A CA  1 
ATOM   844  C C   . PRO A 1 105 ? 12.891  3.268   3.719   1.00 24.79 ? 105 PRO A C   1 
ATOM   845  O O   . PRO A 1 105 ? 12.313  3.675   2.693   1.00 24.87 ? 105 PRO A O   1 
ATOM   846  C CB  . PRO A 1 105 ? 14.386  1.297   3.303   1.00 19.73 ? 105 PRO A CB  1 
ATOM   847  C CG  . PRO A 1 105 ? 14.060  -0.049  2.751   1.00 20.15 ? 105 PRO A CG  1 
ATOM   848  C CD  . PRO A 1 105 ? 12.654  0.142   2.239   1.00 16.73 ? 105 PRO A CD  1 
ATOM   849  N N   . THR A 1 106 ? 13.379  4.064   4.669   1.00 29.77 ? 106 THR A N   1 
ATOM   850  C CA  . THR A 1 106 ? 13.403  5.529   4.660   1.00 34.08 ? 106 THR A CA  1 
ATOM   851  C C   . THR A 1 106 ? 14.802  6.002   4.239   1.00 34.60 ? 106 THR A C   1 
ATOM   852  O O   . THR A 1 106 ? 15.809  5.250   4.388   1.00 33.93 ? 106 THR A O   1 
ATOM   853  C CB  . THR A 1 106 ? 13.066  6.051   6.071   1.00 36.88 ? 106 THR A CB  1 
ATOM   854  O OG1 . THR A 1 106 ? 11.652  5.945   6.274   1.00 41.51 ? 106 THR A OG1 1 
ATOM   855  C CG2 . THR A 1 106 ? 13.530  7.478   6.305   1.00 37.02 ? 106 THR A CG2 1 
HETATM 856  C C1  A 876 B 2 .   ? -5.155  5.841   -6.323  0.50 51.49 ? 300 876 A C1  1 
HETATM 857  C C1  B 876 B 2 .   ? -3.843  6.021   -6.930  0.50 60.30 ? 300 876 A C1  1 
HETATM 858  C C2  A 876 B 2 .   ? -5.339  6.886   -5.471  0.50 51.81 ? 300 876 A C2  1 
HETATM 859  C C2  B 876 B 2 .   ? -3.824  6.967   -5.931  0.50 61.01 ? 300 876 A C2  1 
HETATM 860  C C3  A 876 B 2 .   ? -4.363  7.819   -5.415  0.50 51.80 ? 300 876 A C3  1 
HETATM 861  C C3  B 876 B 2 .   ? -4.703  8.043   -6.048  0.50 60.50 ? 300 876 A C3  1 
HETATM 862  C C4  A 876 B 2 .   ? -3.196  7.757   -6.143  0.50 50.15 ? 300 876 A C4  1 
HETATM 863  C C4  B 876 B 2 .   ? -5.506  8.266   -7.193  0.50 59.56 ? 300 876 A C4  1 
HETATM 864  C C5  A 876 B 2 .   ? -2.944  6.689   -7.076  0.50 51.01 ? 300 876 A C5  1 
HETATM 865  C C5  B 876 B 2 .   ? -5.475  7.381   -8.238  0.50 59.06 ? 300 876 A C5  1 
HETATM 866  C C6  A 876 B 2 .   ? -4.053  5.731   -7.132  0.50 50.73 ? 300 876 A C6  1 
HETATM 867  C C6  B 876 B 2 .   ? -4.671  6.252   -8.045  0.50 59.01 ? 300 876 A C6  1 
HETATM 868  C C7  A 876 B 2 .   ? -4.512  4.595   -8.023  0.50 48.65 ? 300 876 A C7  1 
HETATM 869  C C7  B 876 B 2 .   ? -4.806  5.173   -9.046  0.50 56.45 ? 300 876 A C7  1 
HETATM 870  C C8  A 876 B 2 .   ? -3.496  4.481   -9.165  0.50 47.30 ? 300 876 A C8  1 
HETATM 871  C C8  B 876 B 2 .   ? -3.743  4.083   -8.944  0.50 53.22 ? 300 876 A C8  1 
HETATM 872  C C9  A 876 B 2 .   ? -3.875  3.283   -10.024 0.50 45.57 ? 300 876 A C9  1 
HETATM 873  C C9  B 876 B 2 .   ? -3.998  3.040   -10.010 0.50 50.26 ? 300 876 A C9  1 
HETATM 874  N N10 A 876 B 2 .   ? -3.340  2.084   -9.711  0.50 42.26 ? 300 876 A N10 1 
HETATM 875  N N10 B 876 B 2 .   ? -3.404  1.873   -9.757  0.50 45.54 ? 300 876 A N10 1 
HETATM 876  N N11 A 876 B 2 .   ? -3.394  5.715   -9.945  0.50 48.44 ? 300 876 A N11 1 
HETATM 877  N N11 B 876 B 2 .   ? -2.392  4.543   -9.174  0.50 55.08 ? 300 876 A N11 1 
HETATM 878  C C12 A 876 B 2 .   ? -2.241  6.328   -10.223 0.50 49.14 ? 300 876 A C12 1 
HETATM 879  C C12 B 876 B 2 .   ? -2.047  5.410   -10.157 0.50 55.25 ? 300 876 A C12 1 
HETATM 880  C C13 A 876 B 2 .   ? -2.542  7.552   -11.007 0.50 48.49 ? 300 876 A C13 1 
HETATM 881  C C13 B 876 B 2 .   ? -2.864  6.572   -9.836  0.50 54.49 ? 300 876 A C13 1 
HETATM 882  O O14 A 876 B 2 .   ? -1.108  5.962   -9.889  0.50 48.39 ? 300 876 A O14 1 
HETATM 883  O O14 B 876 B 2 .   ? -1.278  5.331   -11.121 0.50 55.19 ? 300 876 A O14 1 
HETATM 884  O O15 A 876 B 2 .   ? -4.629  3.489   -11.016 0.50 44.86 ? 300 876 A O15 1 
HETATM 885  O O15 B 876 B 2 .   ? -4.669  3.341   -10.991 0.50 49.75 ? 300 876 A O15 1 
HETATM 886  C C16 A 876 B 2 .   ? -3.742  0.870   -10.429 0.50 39.31 ? 300 876 A C16 1 
HETATM 887  C C16 B 876 B 2 .   ? -3.795  0.688   -10.492 0.50 41.38 ? 300 876 A C16 1 
HETATM 888  C C17 A 876 B 2 .   ? -2.882  -0.240  -9.804  0.50 38.79 ? 300 876 A C17 1 
HETATM 889  C C17 B 876 B 2 .   ? -2.908  -0.410  -9.883  0.50 40.88 ? 300 876 A C17 1 
HETATM 890  C C18 A 876 B 2 .   ? -3.064  -1.706  -10.384 0.50 38.75 ? 300 876 A C18 1 
HETATM 891  C C18 B 876 B 2 .   ? -3.133  -1.885  -10.417 0.50 39.97 ? 300 876 A C18 1 
HETATM 892  C C19 A 876 B 2 .   ? -3.637  -1.731  -11.782 0.50 38.76 ? 300 876 A C19 1 
HETATM 893  C C19 B 876 B 2 .   ? -3.695  -1.940  -11.812 0.50 39.48 ? 300 876 A C19 1 
HETATM 894  C C20 A 876 B 2 .   ? -5.156  -1.578  -11.766 0.50 38.26 ? 300 876 A C20 1 
HETATM 895  C C20 B 876 B 2 .   ? -5.211  -1.799  -11.796 0.50 38.00 ? 300 876 A C20 1 
HETATM 896  N N21 A 876 B 2 .   ? -5.815  -0.473  -11.000 0.50 37.75 ? 300 876 A N21 1 
HETATM 897  N N21 B 876 B 2 .   ? -5.850  -0.690  -11.019 0.50 36.88 ? 300 876 A N21 1 
HETATM 898  C C22 A 876 B 2 .   ? -5.255  0.611   -10.298 0.50 37.88 ? 300 876 A C22 1 
HETATM 899  C C22 B 876 B 2 .   ? -5.299  0.414   -10.341 0.50 38.59 ? 300 876 A C22 1 
HETATM 900  C C23 A 876 B 2 .   ? -7.269  -0.755  -10.933 0.50 35.97 ? 300 876 A C23 1 
HETATM 901  C C23 B 876 B 2 .   ? -7.295  -0.939  -10.880 0.50 32.21 ? 300 876 A C23 1 
HETATM 902  C C24 A 876 B 2 .   ? -7.480  -1.942  -10.067 0.50 34.54 ? 300 876 A C24 1 
HETATM 903  C C24 B 876 B 2 .   ? -7.440  -2.008  -9.870  0.50 28.26 ? 300 876 A C24 1 
HETATM 904  O O25 A 876 B 2 .   ? -5.932  1.375   -9.599  0.50 35.45 ? 300 876 A O25 1 
HETATM 905  O O25 B 876 B 2 .   ? -5.982  1.180   -9.648  0.50 36.40 ? 300 876 A O25 1 
HETATM 906  P P26 A 876 B 2 .   ? -4.681  9.086   -4.241  0.50 52.68 ? 300 876 A P26 1 
HETATM 907  P P26 B 876 B 2 .   ? -4.720  8.993   -4.539  0.50 61.28 ? 300 876 A P26 1 
HETATM 908  C C27 A 876 B 2 .   ? -7.300  -1.720  -8.689  0.50 34.72 ? 300 876 A C27 1 
HETATM 909  C C27 B 876 B 2 .   ? -7.206  -1.672  -8.516  0.50 27.20 ? 300 876 A C27 1 
HETATM 910  C C28 A 876 B 2 .   ? -7.273  -2.829  -7.815  0.50 34.08 ? 300 876 A C28 1 
HETATM 911  C C28 B 876 B 2 .   ? -7.147  -2.709  -7.561  0.50 24.66 ? 300 876 A C28 1 
HETATM 912  C C29 A 876 B 2 .   ? -7.461  -4.144  -8.319  0.50 33.74 ? 300 876 A C29 1 
HETATM 913  C C29 B 876 B 2 .   ? -7.348  -4.053  -7.964  0.50 22.87 ? 300 876 A C29 1 
HETATM 914  C C30 A 876 B 2 .   ? -7.727  -4.355  -9.705  0.50 33.74 ? 300 876 A C30 1 
HETATM 915  C C30 B 876 B 2 .   ? -7.660  -4.378  -9.321  0.50 24.45 ? 300 876 A C30 1 
HETATM 916  C C31 A 876 B 2 .   ? -7.730  -3.243  -10.588 0.50 34.31 ? 300 876 A C31 1 
HETATM 917  C C31 B 876 B 2 .   ? -7.700  -3.341  -10.287 0.50 26.82 ? 300 876 A C31 1 
HETATM 918  C C32 A 876 B 2 .   ? -7.427  -5.258  -7.336  0.50 33.08 ? 300 876 A C32 1 
HETATM 919  C C32 B 876 B 2 .   ? -7.258  -5.110  -6.920  0.50 20.69 ? 300 876 A C32 1 
HETATM 920  C C59 A 876 B 2 .   ? -8.368  -6.312  -7.445  0.50 32.92 ? 300 876 A C59 1 
HETATM 921  C C59 B 876 B 2 .   ? -8.256  -6.119  -6.914  0.50 19.68 ? 300 876 A C59 1 
HETATM 922  C C60 A 876 B 2 .   ? -8.491  -7.267  -6.401  0.50 32.15 ? 300 876 A C60 1 
HETATM 923  C C60 B 876 B 2 .   ? -8.254  -7.116  -5.919  0.50 17.20 ? 300 876 A C60 1 
HETATM 924  C C61 A 876 B 2 .   ? -7.669  -7.168  -5.265  0.50 31.03 ? 300 876 A C61 1 
HETATM 925  C C61 B 876 B 2 .   ? -7.266  -7.102  -4.937  0.50 17.09 ? 300 876 A C61 1 
HETATM 926  C C62 A 876 B 2 .   ? -6.663  -6.185  -5.180  0.50 31.77 ? 300 876 A C62 1 
HETATM 927  C C62 B 876 B 2 .   ? -6.269  -6.098  -4.896  0.50 17.65 ? 300 876 A C62 1 
HETATM 928  C C63 A 876 B 2 .   ? -6.546  -5.234  -6.213  0.50 32.43 ? 300 876 A C63 1 
HETATM 929  C C63 B 876 B 2 .   ? -6.262  -5.110  -5.889  0.50 18.55 ? 300 876 A C63 1 
HETATM 930  P P69 A 876 B 2 .   ? -2.225  9.169   -5.842  0.50 46.78 ? 300 876 A P69 1 
HETATM 931  P P69 B 876 B 2 .   ? -6.726  9.494   -7.355  0.50 58.01 ? 300 876 A P69 1 
HETATM 932  O O70 A 876 B 2 .   ? -2.099  9.652   -4.456  0.50 46.18 ? 300 876 A O70 1 
HETATM 933  O O70 B 876 B 2 .   ? -6.680  10.440  -6.182  0.50 59.37 ? 300 876 A O70 1 
HETATM 934  O O71 A 876 B 2 .   ? -2.456  10.214  -6.822  0.50 48.29 ? 300 876 A O71 1 
HETATM 935  O O71 B 876 B 2 .   ? -8.016  8.893   -7.553  0.50 57.83 ? 300 876 A O71 1 
HETATM 936  O O72 A 876 B 2 .   ? -0.998  8.483   -6.023  0.50 47.82 ? 300 876 A O72 1 
HETATM 937  O O72 B 876 B 2 .   ? -6.342  10.293  -8.614  0.50 59.35 ? 300 876 A O72 1 
HETATM 938  O O73 A 876 B 2 .   ? -3.861  8.920   -3.055  0.50 53.58 ? 300 876 A O73 1 
HETATM 939  O O73 B 876 B 2 .   ? -4.034  10.249  -4.730  0.50 62.67 ? 300 876 A O73 1 
HETATM 940  O O74 A 876 B 2 .   ? -6.173  9.325   -3.766  0.50 52.77 ? 300 876 A O74 1 
HETATM 941  O O74 B 876 B 2 .   ? -3.980  8.224   -3.334  0.50 62.00 ? 300 876 A O74 1 
HETATM 942  O O75 A 876 B 2 .   ? -4.684  10.441  -4.984  0.50 54.18 ? 300 876 A O75 1 
HETATM 943  O O75 B 876 B 2 .   ? -6.124  9.144   -3.836  0.50 61.52 ? 300 876 A O75 1 
HETATM 944  O O   . HOH C 3 .   ? 9.505   -10.341 -2.553  1.00 8.47  ? 301 HOH A O   1 
HETATM 945  O O   . HOH C 3 .   ? 2.744   -8.385  -11.031 1.00 14.27 ? 302 HOH A O   1 
HETATM 946  O O   . HOH C 3 .   ? -8.806  -9.068  -2.864  1.00 13.37 ? 303 HOH A O   1 
HETATM 947  O O   . HOH C 3 .   ? 6.159   13.908  0.233   1.00 18.17 ? 304 HOH A O   1 
HETATM 948  O O   . HOH C 3 .   ? 10.171  -4.509  -6.210  1.00 10.04 ? 305 HOH A O   1 
HETATM 949  O O   . HOH C 3 .   ? 13.054  -5.490  -6.944  1.00 18.47 ? 306 HOH A O   1 
HETATM 950  O O   . HOH C 3 .   ? 2.994   -3.999  11.569  1.00 25.96 ? 307 HOH A O   1 
HETATM 951  O O   . HOH C 3 .   ? 0.550   13.552  -8.247  1.00 30.60 ? 308 HOH A O   1 
HETATM 952  O O   . HOH C 3 .   ? -10.041 1.238   -4.149  1.00 16.61 ? 309 HOH A O   1 
HETATM 953  O O   . HOH C 3 .   ? -2.765  15.325  -6.389  1.00 25.29 ? 310 HOH A O   1 
HETATM 954  O O   . HOH C 3 .   ? -13.429 -11.679 -0.668  1.00 32.50 ? 311 HOH A O   1 
HETATM 955  O O   . HOH C 3 .   ? -11.002 -12.814 0.613   1.00 29.75 ? 312 HOH A O   1 
HETATM 956  O O   . HOH C 3 .   ? -0.092  -11.524 6.876   1.00 30.54 ? 313 HOH A O   1 
HETATM 957  O O   . HOH C 3 .   ? -11.272 -9.712  -3.957  1.00 18.99 ? 314 HOH A O   1 
HETATM 958  O O   . HOH C 3 .   ? -2.017  -7.120  -10.735 1.00 15.31 ? 315 HOH A O   1 
HETATM 959  O O   . HOH C 3 .   ? 14.219  6.256   -6.321  1.00 30.67 ? 316 HOH A O   1 
HETATM 960  O O   . HOH C 3 .   ? 3.578   -7.390  6.016   1.00 36.00 ? 317 HOH A O   1 
HETATM 961  O O   . HOH C 3 .   ? 7.015   3.308   -11.361 1.00 16.85 ? 318 HOH A O   1 
HETATM 962  O O   . HOH C 3 .   ? 8.335   9.827   -9.582  1.00 31.96 ? 319 HOH A O   1 
HETATM 963  O O   . HOH C 3 .   ? 10.383  9.606   -7.927  1.00 18.89 ? 320 HOH A O   1 
HETATM 964  O O   . HOH C 3 .   ? -0.189  11.652  0.878   1.00 36.60 ? 321 HOH A O   1 
HETATM 965  O O   . HOH C 3 .   ? 4.593   -9.916  4.809   1.00 32.47 ? 322 HOH A O   1 
HETATM 966  O O   . HOH C 3 .   ? -5.887  -9.343  10.440  1.00 40.35 ? 323 HOH A O   1 
HETATM 967  O O   . HOH C 3 .   ? -1.540  13.742  0.080   1.00 46.07 ? 324 HOH A O   1 
HETATM 968  O O   . HOH C 3 .   ? -3.982  13.961  1.828   1.00 23.61 ? 325 HOH A O   1 
HETATM 969  O O   . HOH C 3 .   ? 4.578   -7.651  -12.656 1.00 44.98 ? 326 HOH A O   1 
HETATM 970  O O   . HOH C 3 .   ? 7.768   -4.247  9.494   1.00 41.53 ? 327 HOH A O   1 
HETATM 971  O O   . HOH C 3 .   ? 9.735   13.642  -3.273  1.00 31.41 ? 328 HOH A O   1 
HETATM 972  O O   . HOH C 3 .   ? 15.600  5.679   -2.649  1.00 28.06 ? 329 HOH A O   1 
HETATM 973  O O   . HOH C 3 .   ? 9.944   3.746   -12.649 1.00 88.46 ? 330 HOH A O   1 
HETATM 974  O O   . HOH C 3 .   ? 3.791   5.669   11.541  1.00 33.36 ? 331 HOH A O   1 
HETATM 975  O O   . HOH C 3 .   ? 3.670   -3.604  -11.949 1.00 21.85 ? 332 HOH A O   1 
HETATM 976  O O   . HOH C 3 .   ? 11.216  2.406   7.216   1.00 26.61 ? 333 HOH A O   1 
HETATM 977  O O   . HOH C 3 .   ? 4.953   -14.114 -3.009  1.00 15.47 ? 334 HOH A O   1 
HETATM 978  O O   . HOH C 3 .   ? 1.970   3.556   -11.351 1.00 34.50 ? 335 HOH A O   1 
HETATM 979  O O   . HOH C 3 .   ? -0.477  -5.593  9.488   1.00 44.93 ? 336 HOH A O   1 
HETATM 980  O O   . HOH C 3 .   ? 8.422   -5.206  7.305   1.00 23.77 ? 337 HOH A O   1 
HETATM 981  O O   . HOH C 3 .   ? 18.826  1.911   -5.768  1.00 30.27 ? 338 HOH A O   1 
HETATM 982  O O   . HOH C 3 .   ? 4.301   0.238   -12.465 1.00 21.74 ? 339 HOH A O   1 
HETATM 983  O O   . HOH C 3 .   ? 9.542   -2.481  10.770  1.00 25.52 ? 340 HOH A O   1 
HETATM 984  O O   . HOH C 3 .   ? 9.280   2.095   9.031   1.00 27.57 ? 341 HOH A O   1 
HETATM 985  O O   . HOH C 3 .   ? -15.790 -6.140  -9.231  1.00 42.14 ? 342 HOH A O   1 
HETATM 986  O O   . HOH C 3 .   ? -4.148  -7.316  11.823  1.00 49.37 ? 343 HOH A O   1 
HETATM 987  O O   . HOH C 3 .   ? 3.288   8.705   9.907   1.00 45.30 ? 344 HOH A O   1 
HETATM 988  O O   . HOH C 3 .   ? 4.867   -13.476 -6.783  1.00 36.55 ? 345 HOH A O   1 
HETATM 989  O O   . HOH C 3 .   ? 4.440   15.912  5.496   1.00 80.65 ? 346 HOH A O   1 
HETATM 990  O O   . HOH C 3 .   ? 17.882  4.578   -5.167  1.00 37.66 ? 347 HOH A O   1 
HETATM 991  O O   . HOH C 3 .   ? 10.184  0.308   10.947  1.00 31.10 ? 348 HOH A O   1 
HETATM 992  O O   . HOH C 3 .   ? 9.697   10.227  3.702   1.00 38.14 ? 349 HOH A O   1 
HETATM 993  O O   . HOH C 3 .   ? -3.867  15.972  4.477   1.00 31.89 ? 350 HOH A O   1 
HETATM 994  O O   . HOH C 3 .   ? 11.533  13.611  -5.449  1.00 34.26 ? 351 HOH A O   1 
HETATM 995  O O   . HOH C 3 .   ? -6.563  14.375  -9.420  1.00 50.04 ? 352 HOH A O   1 
HETATM 996  O O   . HOH C 3 .   ? 1.894   -4.051  -14.102 1.00 30.20 ? 353 HOH A O   1 
HETATM 997  O O   . HOH C 3 .   ? 11.072  -11.354 -13.657 1.00 35.52 ? 354 HOH A O   1 
HETATM 998  O O   . HOH C 3 .   ? -2.977  15.014  7.943   1.00 51.49 ? 355 HOH A O   1 
HETATM 999  O O   . HOH C 3 .   ? 19.810  1.359   -3.212  1.00 32.33 ? 356 HOH A O   1 
HETATM 1000 O O   . HOH C 3 .   ? -1.087  -13.510 8.164   1.00 56.97 ? 357 HOH A O   1 
HETATM 1001 O O   . HOH C 3 .   ? -15.956 -8.389  2.096   1.00 12.07 ? 358 HOH A O   1 
HETATM 1002 O O   . HOH C 3 .   ? -1.874  -0.436  -14.300 1.00 39.18 ? 359 HOH A O   1 
HETATM 1003 O O   . HOH C 3 .   ? -1.774  -4.580  -9.969  1.00 23.60 ? 360 HOH A O   1 
HETATM 1004 O O   . HOH C 3 .   ? 15.545  -4.714  -6.958  1.00 39.84 ? 361 HOH A O   1 
HETATM 1005 O O   . HOH C 3 .   ? 16.576  9.066   -3.659  1.00 54.12 ? 362 HOH A O   1 
HETATM 1006 O O   . HOH C 3 .   ? -6.647  1.456   -6.782  1.00 11.58 ? 363 HOH A O   1 
HETATM 1007 O O   . HOH C 3 .   ? 8.151   -12.954 -5.692  1.00 28.01 ? 364 HOH A O   1 
HETATM 1008 O O   . HOH C 3 .   ? 1.759   12.858  7.980   1.00 29.57 ? 365 HOH A O   1 
HETATM 1009 O O   . HOH C 3 .   ? -2.103  10.994  7.953   1.00 27.94 ? 366 HOH A O   1 
HETATM 1010 O O   . HOH C 3 .   ? 3.006   18.004  3.731   1.00 38.45 ? 367 HOH A O   1 
HETATM 1011 O O   . HOH C 3 .   ? 14.973  -1.875  -12.959 1.00 22.33 ? 368 HOH A O   1 
HETATM 1012 O O   . HOH C 3 .   ? -12.217 -9.157  7.070   1.00 13.97 ? 369 HOH A O   1 
HETATM 1013 O O   . HOH C 3 .   ? 15.214  5.171   0.149   1.00 46.33 ? 370 HOH A O   1 
HETATM 1014 O O   . HOH C 3 .   ? 17.574  -6.467  -0.335  1.00 16.89 ? 371 HOH A O   1 
HETATM 1015 O O   . HOH C 3 .   ? 6.230   -5.110  -12.930 1.00 46.45 ? 372 HOH A O   1 
HETATM 1016 O O   . HOH C 3 .   ? 9.644   -10.956 -15.875 1.00 25.18 ? 373 HOH A O   1 
HETATM 1017 O O   . HOH C 3 .   ? -0.377  2.657   -10.071 1.00 12.29 ? 374 HOH A O   1 
HETATM 1018 O O   . HOH C 3 .   ? -10.045 -5.120  -0.812  1.00 8.82  ? 375 HOH A O   1 
HETATM 1019 O O   . HOH C 3 .   ? -2.475  -9.653  -9.319  1.00 12.42 ? 376 HOH A O   1 
HETATM 1020 O O   . HOH C 3 .   ? 12.162  11.719  -7.179  1.00 37.83 ? 377 HOH A O   1 
HETATM 1021 O O   . HOH C 3 .   ? -6.827  12.551  2.739   1.00 41.65 ? 378 HOH A O   1 
HETATM 1022 O O   . HOH C 3 .   ? 9.405   0.931   -15.168 1.00 32.44 ? 379 HOH A O   1 
HETATM 1023 O O   . HOH C 3 .   ? -8.665  4.998   -8.510  1.00 50.33 ? 380 HOH A O   1 
HETATM 1024 O O   . HOH C 3 .   ? -11.618 -7.634  9.468   1.00 22.26 ? 381 HOH A O   1 
HETATM 1025 O O   . HOH C 3 .   ? 5.713   -9.828  -9.629  1.00 26.77 ? 382 HOH A O   1 
HETATM 1026 O O   . HOH C 3 .   ? 0.888   15.980  9.277   1.00 69.78 ? 383 HOH A O   1 
HETATM 1027 O O   . HOH C 3 .   ? 16.512  -1.486  -10.742 1.00 34.28 ? 384 HOH A O   1 
HETATM 1028 O O   . HOH C 3 .   ? 5.660   2.177   -14.614 1.00 58.71 ? 385 HOH A O   1 
HETATM 1029 O O   . HOH C 3 .   ? -7.741  14.790  0.852   1.00 43.77 ? 386 HOH A O   1 
HETATM 1030 O O   . HOH C 3 .   ? 7.337   5.314   8.484   1.00 34.18 ? 387 HOH A O   1 
HETATM 1031 O O   . HOH C 3 .   ? -18.071 -11.556 -5.158  1.00 43.84 ? 388 HOH A O   1 
HETATM 1032 O O   . HOH C 3 .   ? -7.238  15.544  3.346   1.00 49.38 ? 389 HOH A O   1 
HETATM 1033 O O   . HOH C 3 .   ? 14.519  14.044  -2.612  1.00 65.87 ? 390 HOH A O   1 
HETATM 1034 O O   . HOH C 3 .   ? -1.380  1.727   -12.574 1.00 43.72 ? 391 HOH A O   1 
HETATM 1035 O O   . HOH C 3 .   ? -9.740  0.458   12.749  1.00 77.62 ? 392 HOH A O   1 
HETATM 1036 O O   . HOH C 3 .   ? -6.154  -4.591  14.212  1.00 52.40 ? 393 HOH A O   1 
HETATM 1037 O O   . HOH C 3 .   ? 6.425   -15.567 -10.117 1.00 26.50 ? 394 HOH A O   1 
HETATM 1038 O O   . HOH C 3 .   ? 3.952   -15.353 -9.399  1.00 31.86 ? 395 HOH A O   1 
HETATM 1039 O O   . HOH C 3 .   ? -21.123 4.146   4.286   1.00 62.68 ? 396 HOH A O   1 
HETATM 1040 O O   . HOH C 3 .   ? 7.518   0.797   -17.248 1.00 44.57 ? 397 HOH A O   1 
HETATM 1041 O O   . HOH C 3 .   ? -0.886  -4.068  -13.030 1.00 42.52 ? 398 HOH A O   1 
HETATM 1042 O O   . HOH C 3 .   ? 10.625  -10.900 -10.976 1.00 21.52 ? 399 HOH A O   1 
HETATM 1043 O O   . HOH C 3 .   ? 5.891   -15.886 -6.312  1.00 33.26 ? 400 HOH A O   1 
HETATM 1044 O O   . HOH C 3 .   ? 7.946   -12.588 -2.107  1.00 41.80 ? 401 HOH A O   1 
HETATM 1045 O O   . HOH C 3 .   ? 17.044  1.768   -9.005  1.00 42.74 ? 402 HOH A O   1 
HETATM 1046 O O   . HOH C 3 .   ? -0.928  11.285  -9.713  1.00 42.51 ? 403 HOH A O   1 
HETATM 1047 O O   . HOH C 3 .   ? -7.075  10.100  -13.496 1.00 39.02 ? 404 HOH A O   1 
HETATM 1048 O O   . HOH C 3 .   ? -6.660  10.609  5.253   1.00 41.87 ? 405 HOH A O   1 
HETATM 1049 O O   . HOH C 3 .   ? -13.341 1.777   11.843  1.00 59.48 ? 406 HOH A O   1 
HETATM 1050 O O   . HOH C 3 .   ? -15.081 -8.420  14.486  1.00 65.39 ? 407 HOH A O   1 
HETATM 1051 O O   . HOH C 3 .   ? 1.234   9.665   11.325  1.00 32.68 ? 408 HOH A O   1 
HETATM 1052 O O   . HOH C 3 .   ? 4.171   10.728  -8.960  1.00 63.59 ? 409 HOH A O   1 
HETATM 1053 O O   . HOH C 3 .   ? 12.507  14.240  -0.800  1.00 59.57 ? 410 HOH A O   1 
HETATM 1054 O O   . HOH C 3 .   ? 15.065  3.538   -9.884  1.00 59.20 ? 411 HOH A O   1 
HETATM 1055 O O   . HOH C 3 .   ? -8.202  7.481   -1.931  1.00 52.68 ? 412 HOH A O   1 
HETATM 1056 O O   . HOH C 3 .   ? 16.202  -3.808  -9.300  1.00 34.10 ? 413 HOH A O   1 
HETATM 1057 O O   . HOH C 3 .   ? -11.845 6.728   10.402  1.00 40.21 ? 414 HOH A O   1 
HETATM 1058 O O   . HOH C 3 .   ? -0.311  12.117  10.052  1.00 48.61 ? 415 HOH A O   1 
HETATM 1059 O O   . HOH C 3 .   ? -11.485 7.229   -7.485  1.00 51.72 ? 416 HOH A O   1 
HETATM 1060 O O   . HOH C 3 .   ? -11.757 9.297   -11.638 1.00 53.51 ? 417 HOH A O   1 
HETATM 1061 O O   . HOH C 3 .   ? 4.358   5.051   -14.233 1.00 79.22 ? 418 HOH A O   1 
HETATM 1062 O O   . HOH C 3 .   ? -2.267  11.776  -13.409 1.00 83.91 ? 419 HOH A O   1 
HETATM 1063 O O   . HOH C 3 .   ? -8.713  5.750   9.823   1.00 75.26 ? 420 HOH A O   1 
HETATM 1064 O O   . HOH C 3 .   ? -0.371  9.749   -12.433 1.00 63.57 ? 421 HOH A O   1 
HETATM 1065 O O   . HOH C 3 .   ? -13.427 6.664   1.583   1.00 52.33 ? 422 HOH A O   1 
HETATM 1066 O O   . HOH C 3 .   ? -15.614 9.953   -3.689  1.00 58.51 ? 423 HOH A O   1 
HETATM 1067 O O   . HOH C 3 .   ? 18.914  3.351   -7.872  1.00 65.57 ? 424 HOH A O   1 
HETATM 1068 O O   . HOH C 3 .   ? 10.615  -7.070  1.142   1.00 19.60 ? 425 HOH A O   1 
HETATM 1069 O O   . HOH C 3 .   ? -0.754  5.125   -14.716 1.00 56.93 ? 426 HOH A O   1 
HETATM 1070 O O   . HOH C 3 .   ? 1.578   1.161   -13.045 1.00 45.24 ? 427 HOH A O   1 
HETATM 1071 O O   . HOH C 3 .   ? 9.460   0.412   -19.244 1.00 51.07 ? 428 HOH A O   1 
# 
loop_
_pdbx_poly_seq_scheme.asym_id 
_pdbx_poly_seq_scheme.entity_id 
_pdbx_poly_seq_scheme.seq_id 
_pdbx_poly_seq_scheme.mon_id 
_pdbx_poly_seq_scheme.ndb_seq_num 
_pdbx_poly_seq_scheme.pdb_seq_num 
_pdbx_poly_seq_scheme.auth_seq_num 
_pdbx_poly_seq_scheme.pdb_mon_id 
_pdbx_poly_seq_scheme.auth_mon_id 
_pdbx_poly_seq_scheme.pdb_strand_id 
_pdbx_poly_seq_scheme.pdb_ins_code 
_pdbx_poly_seq_scheme.hetero 
A 1 1   SER 1   1   1   SER SER A . n 
A 1 2   ILE 2   2   2   ILE ILE A . n 
A 1 3   GLN 3   3   3   GLN GLN A . n 
A 1 4   ALA 4   4   4   ALA ALA A . n 
A 1 5   GLU 5   5   5   GLU GLU A . n 
A 1 6   GLU 6   6   6   GLU GLU A . n 
A 1 7   TRP 7   7   7   TRP TRP A . n 
A 1 8   TYR 8   8   8   TYR TYR A . n 
A 1 9   PHE 9   9   9   PHE PHE A . n 
A 1 10  GLY 10  10  10  GLY GLY A . n 
A 1 11  LYS 11  11  11  LYS LYS A . n 
A 1 12  ILE 12  12  12  ILE ILE A . n 
A 1 13  THR 13  13  13  THR THR A . n 
A 1 14  ARG 14  14  14  ARG ARG A . n 
A 1 15  ARG 15  15  15  ARG ARG A . n 
A 1 16  GLU 16  16  16  GLU GLU A . n 
A 1 17  SER 17  17  17  SER SER A . n 
A 1 18  GLU 18  18  18  GLU GLU A . n 
A 1 19  ARG 19  19  19  ARG ARG A . n 
A 1 20  LEU 20  20  20  LEU LEU A . n 
A 1 21  LEU 21  21  21  LEU LEU A . n 
A 1 22  LEU 22  22  22  LEU LEU A . n 
A 1 23  ASN 23  23  23  ASN ASN A . n 
A 1 24  ALA 24  24  24  ALA ALA A . n 
A 1 25  GLU 25  25  25  GLU GLU A . n 
A 1 26  ASN 26  26  26  ASN ASN A . n 
A 1 27  PRO 27  27  27  PRO PRO A . n 
A 1 28  ARG 28  28  28  ARG ARG A . n 
A 1 29  GLY 29  29  29  GLY GLY A . n 
A 1 30  THR 30  30  30  THR THR A . n 
A 1 31  PHE 31  31  31  PHE PHE A . n 
A 1 32  LEU 32  32  32  LEU LEU A . n 
A 1 33  VAL 33  33  33  VAL VAL A . n 
A 1 34  ARG 34  34  34  ARG ARG A . n 
A 1 35  GLU 35  35  35  GLU GLU A . n 
A 1 36  SER 36  36  36  SER SER A . n 
A 1 37  GLU 37  37  37  GLU GLU A . n 
A 1 38  THR 38  38  38  THR THR A . n 
A 1 39  THR 39  39  39  THR THR A . n 
A 1 40  LYS 40  40  40  LYS LYS A . n 
A 1 41  GLY 41  41  41  GLY GLY A . n 
A 1 42  ALA 42  42  42  ALA ALA A . n 
A 1 43  TYR 43  43  43  TYR TYR A . n 
A 1 44  CYS 44  44  44  CYS CYS A . n 
A 1 45  LEU 45  45  45  LEU LEU A . n 
A 1 46  SER 46  46  46  SER SER A . n 
A 1 47  VAL 47  47  47  VAL VAL A . n 
A 1 48  SER 48  48  48  SER SER A . n 
A 1 49  ASP 49  49  49  ASP ASP A . n 
A 1 50  PHE 50  50  50  PHE PHE A . n 
A 1 51  ASP 51  51  51  ASP ASP A . n 
A 1 52  ASN 52  52  52  ASN ASN A . n 
A 1 53  ALA 53  53  53  ALA ALA A . n 
A 1 54  LYS 54  54  54  LYS LYS A . n 
A 1 55  GLY 55  55  55  GLY GLY A . n 
A 1 56  LEU 56  56  56  LEU LEU A . n 
A 1 57  ASN 57  57  57  ASN ASN A . n 
A 1 58  VAL 58  58  58  VAL VAL A . n 
A 1 59  LYS 59  59  59  LYS LYS A . n 
A 1 60  HIS 60  60  60  HIS HIS A . n 
A 1 61  TYR 61  61  61  TYR TYR A . n 
A 1 62  LYS 62  62  62  LYS LYS A . n 
A 1 63  ILE 63  63  63  ILE ILE A . n 
A 1 64  ARG 64  64  64  ARG ARG A . n 
A 1 65  LYS 65  65  65  LYS LYS A . n 
A 1 66  LEU 66  66  66  LEU LEU A . n 
A 1 67  ASP 67  67  67  ASP ASP A . n 
A 1 68  SER 68  68  68  SER SER A . n 
A 1 69  GLY 69  69  69  GLY GLY A . n 
A 1 70  GLY 70  70  70  GLY GLY A . n 
A 1 71  PHE 71  71  71  PHE PHE A . n 
A 1 72  TYR 72  72  72  TYR TYR A . n 
A 1 73  ILE 73  73  73  ILE ILE A . n 
A 1 74  THR 74  74  74  THR THR A . n 
A 1 75  SER 75  75  75  SER SER A . n 
A 1 76  ARG 76  76  76  ARG ARG A . n 
A 1 77  THR 77  77  77  THR THR A . n 
A 1 78  GLN 78  78  78  GLN GLN A . n 
A 1 79  PHE 79  79  79  PHE PHE A . n 
A 1 80  ASN 80  80  80  ASN ASN A . n 
A 1 81  SER 81  81  81  SER SER A . n 
A 1 82  LEU 82  82  82  LEU LEU A . n 
A 1 83  GLN 83  83  83  GLN GLN A . n 
A 1 84  GLN 84  84  84  GLN GLN A . n 
A 1 85  LEU 85  85  85  LEU LEU A . n 
A 1 86  VAL 86  86  86  VAL VAL A . n 
A 1 87  ALA 87  87  87  ALA ALA A . n 
A 1 88  TYR 88  88  88  TYR TYR A . n 
A 1 89  TYR 89  89  89  TYR TYR A . n 
A 1 90  SER 90  90  90  SER SER A . n 
A 1 91  LYS 91  91  91  LYS LYS A . n 
A 1 92  HIS 92  92  92  HIS HIS A . n 
A 1 93  ALA 93  93  93  ALA ALA A . n 
A 1 94  ASP 94  94  94  ASP ASP A . n 
A 1 95  GLY 95  95  95  GLY GLY A . n 
A 1 96  LEU 96  96  96  LEU LEU A . n 
A 1 97  CYS 97  97  97  CYS CYS A . n 
A 1 98  HIS 98  98  98  HIS HIS A . n 
A 1 99  ARG 99  99  99  ARG ARG A . n 
A 1 100 LEU 100 100 100 LEU LEU A . n 
A 1 101 THR 101 101 101 THR THR A . n 
A 1 102 THR 102 102 102 THR THR A . n 
A 1 103 VAL 103 103 103 VAL VAL A . n 
A 1 104 CYS 104 104 104 CYS CYS A . n 
A 1 105 PRO 105 105 105 PRO PRO A . n 
A 1 106 THR 106 106 106 THR THR A . n 
A 1 107 SER 107 107 ?   ?   ?   A . n 
A 1 108 LYS 108 108 ?   ?   ?   A . n 
# 
loop_
_pdbx_nonpoly_scheme.asym_id 
_pdbx_nonpoly_scheme.entity_id 
_pdbx_nonpoly_scheme.mon_id 
_pdbx_nonpoly_scheme.ndb_seq_num 
_pdbx_nonpoly_scheme.pdb_seq_num 
_pdbx_nonpoly_scheme.auth_seq_num 
_pdbx_nonpoly_scheme.pdb_mon_id 
_pdbx_nonpoly_scheme.auth_mon_id 
_pdbx_nonpoly_scheme.pdb_strand_id 
_pdbx_nonpoly_scheme.pdb_ins_code 
B 2 876 1   300 1   876 INH A . 
C 3 HOH 1   301 1   HOH HOH A . 
C 3 HOH 2   302 2   HOH HOH A . 
C 3 HOH 3   303 3   HOH HOH A . 
C 3 HOH 4   304 4   HOH HOH A . 
C 3 HOH 5   305 5   HOH HOH A . 
C 3 HOH 6   306 6   HOH HOH A . 
C 3 HOH 7   307 7   HOH HOH A . 
C 3 HOH 8   308 8   HOH HOH A . 
C 3 HOH 9   309 9   HOH HOH A . 
C 3 HOH 10  310 10  HOH HOH A . 
C 3 HOH 11  311 11  HOH HOH A . 
C 3 HOH 12  312 12  HOH HOH A . 
C 3 HOH 13  313 13  HOH HOH A . 
C 3 HOH 14  314 14  HOH HOH A . 
C 3 HOH 15  315 15  HOH HOH A . 
C 3 HOH 16  316 16  HOH HOH A . 
C 3 HOH 17  317 17  HOH HOH A . 
C 3 HOH 18  318 18  HOH HOH A . 
C 3 HOH 19  319 19  HOH HOH A . 
C 3 HOH 20  320 20  HOH HOH A . 
C 3 HOH 21  321 21  HOH HOH A . 
C 3 HOH 22  322 22  HOH HOH A . 
C 3 HOH 23  323 23  HOH HOH A . 
C 3 HOH 24  324 24  HOH HOH A . 
C 3 HOH 25  325 25  HOH HOH A . 
C 3 HOH 26  326 26  HOH HOH A . 
C 3 HOH 27  327 28  HOH HOH A . 
C 3 HOH 28  328 30  HOH HOH A . 
C 3 HOH 29  329 32  HOH HOH A . 
C 3 HOH 30  330 33  HOH HOH A . 
C 3 HOH 31  331 35  HOH HOH A . 
C 3 HOH 32  332 37  HOH HOH A . 
C 3 HOH 33  333 38  HOH HOH A . 
C 3 HOH 34  334 39  HOH HOH A . 
C 3 HOH 35  335 41  HOH HOH A . 
C 3 HOH 36  336 43  HOH HOH A . 
C 3 HOH 37  337 45  HOH HOH A . 
C 3 HOH 38  338 46  HOH HOH A . 
C 3 HOH 39  339 47  HOH HOH A . 
C 3 HOH 40  340 48  HOH HOH A . 
C 3 HOH 41  341 49  HOH HOH A . 
C 3 HOH 42  342 50  HOH HOH A . 
C 3 HOH 43  343 52  HOH HOH A . 
C 3 HOH 44  344 59  HOH HOH A . 
C 3 HOH 45  345 60  HOH HOH A . 
C 3 HOH 46  346 62  HOH HOH A . 
C 3 HOH 47  347 64  HOH HOH A . 
C 3 HOH 48  348 71  HOH HOH A . 
C 3 HOH 49  349 72  HOH HOH A . 
C 3 HOH 50  350 74  HOH HOH A . 
C 3 HOH 51  351 78  HOH HOH A . 
C 3 HOH 52  352 79  HOH HOH A . 
C 3 HOH 53  353 80  HOH HOH A . 
C 3 HOH 54  354 81  HOH HOH A . 
C 3 HOH 55  355 82  HOH HOH A . 
C 3 HOH 56  356 85  HOH HOH A . 
C 3 HOH 57  357 87  HOH HOH A . 
C 3 HOH 58  358 89  HOH HOH A . 
C 3 HOH 59  359 91  HOH HOH A . 
C 3 HOH 60  360 92  HOH HOH A . 
C 3 HOH 61  361 94  HOH HOH A . 
C 3 HOH 62  362 98  HOH HOH A . 
C 3 HOH 63  363 99  HOH HOH A . 
C 3 HOH 64  364 100 HOH HOH A . 
C 3 HOH 65  365 101 HOH HOH A . 
C 3 HOH 66  366 102 HOH HOH A . 
C 3 HOH 67  367 103 HOH HOH A . 
C 3 HOH 68  368 104 HOH HOH A . 
C 3 HOH 69  369 105 HOH HOH A . 
C 3 HOH 70  370 106 HOH HOH A . 
C 3 HOH 71  371 107 HOH HOH A . 
C 3 HOH 72  372 108 HOH HOH A . 
C 3 HOH 73  373 109 HOH HOH A . 
C 3 HOH 74  374 110 HOH HOH A . 
C 3 HOH 75  375 111 HOH HOH A . 
C 3 HOH 76  376 114 HOH HOH A . 
C 3 HOH 77  377 118 HOH HOH A . 
C 3 HOH 78  378 122 HOH HOH A . 
C 3 HOH 79  379 124 HOH HOH A . 
C 3 HOH 80  380 127 HOH HOH A . 
C 3 HOH 81  381 128 HOH HOH A . 
C 3 HOH 82  382 134 HOH HOH A . 
C 3 HOH 83  383 148 HOH HOH A . 
C 3 HOH 84  384 151 HOH HOH A . 
C 3 HOH 85  385 152 HOH HOH A . 
C 3 HOH 86  386 156 HOH HOH A . 
C 3 HOH 87  387 160 HOH HOH A . 
C 3 HOH 88  388 163 HOH HOH A . 
C 3 HOH 89  389 167 HOH HOH A . 
C 3 HOH 90  390 173 HOH HOH A . 
C 3 HOH 91  391 179 HOH HOH A . 
C 3 HOH 92  392 181 HOH HOH A . 
C 3 HOH 93  393 182 HOH HOH A . 
C 3 HOH 94  394 186 HOH HOH A . 
C 3 HOH 95  395 187 HOH HOH A . 
C 3 HOH 96  396 190 HOH HOH A . 
C 3 HOH 97  397 191 HOH HOH A . 
C 3 HOH 98  398 192 HOH HOH A . 
C 3 HOH 99  399 193 HOH HOH A . 
C 3 HOH 100 400 194 HOH HOH A . 
C 3 HOH 101 401 195 HOH HOH A . 
C 3 HOH 102 402 196 HOH HOH A . 
C 3 HOH 103 403 197 HOH HOH A . 
C 3 HOH 104 404 198 HOH HOH A . 
C 3 HOH 105 405 199 HOH HOH A . 
C 3 HOH 106 406 200 HOH HOH A . 
C 3 HOH 107 407 201 HOH HOH A . 
C 3 HOH 108 408 202 HOH HOH A . 
C 3 HOH 109 409 203 HOH HOH A . 
C 3 HOH 110 410 204 HOH HOH A . 
C 3 HOH 111 411 205 HOH HOH A . 
C 3 HOH 112 412 206 HOH HOH A . 
C 3 HOH 113 413 207 HOH HOH A . 
C 3 HOH 114 414 208 HOH HOH A . 
C 3 HOH 115 415 209 HOH HOH A . 
C 3 HOH 116 416 210 HOH HOH A . 
C 3 HOH 117 417 211 HOH HOH A . 
C 3 HOH 118 418 212 HOH HOH A . 
C 3 HOH 119 419 213 HOH HOH A . 
C 3 HOH 120 420 214 HOH HOH A . 
C 3 HOH 121 421 215 HOH HOH A . 
C 3 HOH 122 422 216 HOH HOH A . 
C 3 HOH 123 423 217 HOH HOH A . 
C 3 HOH 124 424 218 HOH HOH A . 
C 3 HOH 125 425 219 HOH HOH A . 
C 3 HOH 126 426 220 HOH HOH A . 
C 3 HOH 127 427 221 HOH HOH A . 
C 3 HOH 128 428 222 HOH HOH A . 
# 
_pdbx_struct_assembly.id                   1 
_pdbx_struct_assembly.details              author_defined_assembly 
_pdbx_struct_assembly.method_details       ? 
_pdbx_struct_assembly.oligomeric_details   monomeric 
_pdbx_struct_assembly.oligomeric_count     1 
# 
_pdbx_struct_assembly_gen.assembly_id       1 
_pdbx_struct_assembly_gen.oper_expression   1 
_pdbx_struct_assembly_gen.asym_id_list      A,B,C 
# 
_pdbx_struct_oper_list.id                   1 
_pdbx_struct_oper_list.type                 'identity operation' 
_pdbx_struct_oper_list.name                 1_555 
_pdbx_struct_oper_list.symmetry_operation   x,y,z 
_pdbx_struct_oper_list.matrix[1][1]         1.0000000000 
_pdbx_struct_oper_list.matrix[1][2]         0.0000000000 
_pdbx_struct_oper_list.matrix[1][3]         0.0000000000 
_pdbx_struct_oper_list.vector[1]            0.0000000000 
_pdbx_struct_oper_list.matrix[2][1]         0.0000000000 
_pdbx_struct_oper_list.matrix[2][2]         1.0000000000 
_pdbx_struct_oper_list.matrix[2][3]         0.0000000000 
_pdbx_struct_oper_list.vector[2]            0.0000000000 
_pdbx_struct_oper_list.matrix[3][1]         0.0000000000 
_pdbx_struct_oper_list.matrix[3][2]         0.0000000000 
_pdbx_struct_oper_list.matrix[3][3]         1.0000000000 
_pdbx_struct_oper_list.vector[3]            0.0000000000 
# 
loop_
_pdbx_audit_revision_history.ordinal 
_pdbx_audit_revision_history.data_content_type 
_pdbx_audit_revision_history.major_revision 
_pdbx_audit_revision_history.minor_revision 
_pdbx_audit_revision_history.revision_date 
1 'Structure model' 1 0 2004-02-17 
2 'Structure model' 1 1 2008-04-26 
3 'Structure model' 1 2 2011-07-13 
4 'Structure model' 1 3 2023-08-16 
# 
_pdbx_audit_revision_details.ordinal             1 
_pdbx_audit_revision_details.revision_ordinal    1 
_pdbx_audit_revision_details.data_content_type   'Structure model' 
_pdbx_audit_revision_details.provider            repository 
_pdbx_audit_revision_details.type                'Initial release' 
_pdbx_audit_revision_details.description         ? 
_pdbx_audit_revision_details.details             ? 
# 
loop_
_pdbx_audit_revision_group.ordinal 
_pdbx_audit_revision_group.revision_ordinal 
_pdbx_audit_revision_group.data_content_type 
_pdbx_audit_revision_group.group 
1 2 'Structure model' 'Version format compliance' 
2 3 'Structure model' 'Version format compliance' 
3 4 'Structure model' 'Data collection'           
4 4 'Structure model' 'Database references'       
5 4 'Structure model' 'Derived calculations'      
6 4 'Structure model' 'Refinement description'    
# 
loop_
_pdbx_audit_revision_category.ordinal 
_pdbx_audit_revision_category.revision_ordinal 
_pdbx_audit_revision_category.data_content_type 
_pdbx_audit_revision_category.category 
1 4 'Structure model' chem_comp_atom                
2 4 'Structure model' chem_comp_bond                
3 4 'Structure model' database_2                    
4 4 'Structure model' pdbx_initial_refinement_model 
5 4 'Structure model' struct_site                   
# 
loop_
_pdbx_audit_revision_item.ordinal 
_pdbx_audit_revision_item.revision_ordinal 
_pdbx_audit_revision_item.data_content_type 
_pdbx_audit_revision_item.item 
1 4 'Structure model' '_database_2.pdbx_DOI'                
2 4 'Structure model' '_database_2.pdbx_database_accession' 
3 4 'Structure model' '_struct_site.pdbx_auth_asym_id'      
4 4 'Structure model' '_struct_site.pdbx_auth_comp_id'      
5 4 'Structure model' '_struct_site.pdbx_auth_seq_id'       
# 
loop_
_software.name 
_software.classification 
_software.version 
_software.citation_id 
_software.pdbx_ordinal 
XDS    'data scaling'   .     ? 1 
XDS    'data reduction' .     ? 2 
X-PLOR 'model building' 3.851 ? 3 
X-PLOR refinement       3.851 ? 4 
X-PLOR phasing          3.851 ? 5 
# 
_pdbx_validate_rmsd_bond.id                        1 
_pdbx_validate_rmsd_bond.PDB_model_num             1 
_pdbx_validate_rmsd_bond.auth_atom_id_1            CB 
_pdbx_validate_rmsd_bond.auth_asym_id_1            A 
_pdbx_validate_rmsd_bond.auth_comp_id_1            CYS 
_pdbx_validate_rmsd_bond.auth_seq_id_1             44 
_pdbx_validate_rmsd_bond.PDB_ins_code_1            ? 
_pdbx_validate_rmsd_bond.label_alt_id_1            ? 
_pdbx_validate_rmsd_bond.auth_atom_id_2            SG 
_pdbx_validate_rmsd_bond.auth_asym_id_2            A 
_pdbx_validate_rmsd_bond.auth_comp_id_2            CYS 
_pdbx_validate_rmsd_bond.auth_seq_id_2             44 
_pdbx_validate_rmsd_bond.PDB_ins_code_2            ? 
_pdbx_validate_rmsd_bond.label_alt_id_2            ? 
_pdbx_validate_rmsd_bond.bond_value                1.716 
_pdbx_validate_rmsd_bond.bond_target_value         1.812 
_pdbx_validate_rmsd_bond.bond_deviation            -0.096 
_pdbx_validate_rmsd_bond.bond_standard_deviation   0.016 
_pdbx_validate_rmsd_bond.linker_flag               N 
# 
loop_
_pdbx_validate_torsion.id 
_pdbx_validate_torsion.PDB_model_num 
_pdbx_validate_torsion.auth_comp_id 
_pdbx_validate_torsion.auth_asym_id 
_pdbx_validate_torsion.auth_seq_id 
_pdbx_validate_torsion.PDB_ins_code 
_pdbx_validate_torsion.label_alt_id 
_pdbx_validate_torsion.phi 
_pdbx_validate_torsion.psi 
1 1 ASP A 94  ? ? 49.58   -119.11 
2 1 THR A 101 ? ? -110.40 -78.44  
# 
loop_
_pdbx_unobs_or_zero_occ_residues.id 
_pdbx_unobs_or_zero_occ_residues.PDB_model_num 
_pdbx_unobs_or_zero_occ_residues.polymer_flag 
_pdbx_unobs_or_zero_occ_residues.occupancy_flag 
_pdbx_unobs_or_zero_occ_residues.auth_asym_id 
_pdbx_unobs_or_zero_occ_residues.auth_comp_id 
_pdbx_unobs_or_zero_occ_residues.auth_seq_id 
_pdbx_unobs_or_zero_occ_residues.PDB_ins_code 
_pdbx_unobs_or_zero_occ_residues.label_asym_id 
_pdbx_unobs_or_zero_occ_residues.label_comp_id 
_pdbx_unobs_or_zero_occ_residues.label_seq_id 
1 1 Y 1 A SER 107 ? A SER 107 
2 1 Y 1 A LYS 108 ? A LYS 108 
# 
loop_
_chem_comp_atom.comp_id 
_chem_comp_atom.atom_id 
_chem_comp_atom.type_symbol 
_chem_comp_atom.pdbx_aromatic_flag 
_chem_comp_atom.pdbx_stereo_config 
_chem_comp_atom.pdbx_ordinal 
876 C1   C Y N 1   
876 C2   C Y N 2   
876 C3   C Y N 3   
876 C4   C Y N 4   
876 C5   C Y N 5   
876 C6   C Y N 6   
876 C7   C N N 7   
876 C8   C N S 8   
876 C9   C N N 9   
876 N10  N N N 10  
876 N11  N N N 11  
876 C12  C N N 12  
876 C13  C N N 13  
876 O14  O N N 14  
876 O15  O N N 15  
876 C16  C N S 16  
876 C17  C N N 17  
876 C18  C N N 18  
876 C19  C N N 19  
876 C20  C N N 20  
876 N21  N N N 21  
876 C22  C N N 22  
876 C23  C N N 23  
876 C24  C Y N 24  
876 O25  O N N 25  
876 P26  P N N 26  
876 C27  C Y N 27  
876 C28  C Y N 28  
876 C29  C Y N 29  
876 C30  C Y N 30  
876 C31  C Y N 31  
876 C32  C Y N 32  
876 C59  C Y N 33  
876 C60  C Y N 34  
876 C61  C Y N 35  
876 C62  C Y N 36  
876 C63  C Y N 37  
876 P69  P N N 38  
876 O70  O N N 39  
876 O71  O N N 40  
876 O72  O N N 41  
876 O73  O N N 42  
876 O74  O N N 43  
876 O75  O N N 44  
876 H1   H N N 45  
876 H2   H N N 46  
876 H5   H N N 47  
876 H71  H N N 48  
876 H72A H N N 49  
876 H8   H N N 50  
876 H10  H N N 51  
876 H11  H N N 52  
876 H131 H N N 53  
876 H132 H N N 54  
876 H133 H N N 55  
876 H16  H N N 56  
876 H171 H N N 57  
876 H172 H N N 58  
876 H181 H N N 59  
876 H182 H N N 60  
876 H191 H N N 61  
876 H192 H N N 62  
876 H201 H N N 63  
876 H202 H N N 64  
876 H231 H N N 65  
876 H232 H N N 66  
876 H27  H N N 67  
876 H28  H N N 68  
876 H30  H N N 69  
876 H31  H N N 70  
876 H59  H N N 71  
876 H60  H N N 72  
876 H61  H N N 73  
876 H62  H N N 74  
876 H63  H N N 75  
876 H70  H N N 76  
876 H72  H N N 77  
876 H74  H N N 78  
876 H75  H N N 79  
ALA N    N N N 80  
ALA CA   C N S 81  
ALA C    C N N 82  
ALA O    O N N 83  
ALA CB   C N N 84  
ALA OXT  O N N 85  
ALA H    H N N 86  
ALA H2   H N N 87  
ALA HA   H N N 88  
ALA HB1  H N N 89  
ALA HB2  H N N 90  
ALA HB3  H N N 91  
ALA HXT  H N N 92  
ARG N    N N N 93  
ARG CA   C N S 94  
ARG C    C N N 95  
ARG O    O N N 96  
ARG CB   C N N 97  
ARG CG   C N N 98  
ARG CD   C N N 99  
ARG NE   N N N 100 
ARG CZ   C N N 101 
ARG NH1  N N N 102 
ARG NH2  N N N 103 
ARG OXT  O N N 104 
ARG H    H N N 105 
ARG H2   H N N 106 
ARG HA   H N N 107 
ARG HB2  H N N 108 
ARG HB3  H N N 109 
ARG HG2  H N N 110 
ARG HG3  H N N 111 
ARG HD2  H N N 112 
ARG HD3  H N N 113 
ARG HE   H N N 114 
ARG HH11 H N N 115 
ARG HH12 H N N 116 
ARG HH21 H N N 117 
ARG HH22 H N N 118 
ARG HXT  H N N 119 
ASN N    N N N 120 
ASN CA   C N S 121 
ASN C    C N N 122 
ASN O    O N N 123 
ASN CB   C N N 124 
ASN CG   C N N 125 
ASN OD1  O N N 126 
ASN ND2  N N N 127 
ASN OXT  O N N 128 
ASN H    H N N 129 
ASN H2   H N N 130 
ASN HA   H N N 131 
ASN HB2  H N N 132 
ASN HB3  H N N 133 
ASN HD21 H N N 134 
ASN HD22 H N N 135 
ASN HXT  H N N 136 
ASP N    N N N 137 
ASP CA   C N S 138 
ASP C    C N N 139 
ASP O    O N N 140 
ASP CB   C N N 141 
ASP CG   C N N 142 
ASP OD1  O N N 143 
ASP OD2  O N N 144 
ASP OXT  O N N 145 
ASP H    H N N 146 
ASP H2   H N N 147 
ASP HA   H N N 148 
ASP HB2  H N N 149 
ASP HB3  H N N 150 
ASP HD2  H N N 151 
ASP HXT  H N N 152 
CYS N    N N N 153 
CYS CA   C N R 154 
CYS C    C N N 155 
CYS O    O N N 156 
CYS CB   C N N 157 
CYS SG   S N N 158 
CYS OXT  O N N 159 
CYS H    H N N 160 
CYS H2   H N N 161 
CYS HA   H N N 162 
CYS HB2  H N N 163 
CYS HB3  H N N 164 
CYS HG   H N N 165 
CYS HXT  H N N 166 
GLN N    N N N 167 
GLN CA   C N S 168 
GLN C    C N N 169 
GLN O    O N N 170 
GLN CB   C N N 171 
GLN CG   C N N 172 
GLN CD   C N N 173 
GLN OE1  O N N 174 
GLN NE2  N N N 175 
GLN OXT  O N N 176 
GLN H    H N N 177 
GLN H2   H N N 178 
GLN HA   H N N 179 
GLN HB2  H N N 180 
GLN HB3  H N N 181 
GLN HG2  H N N 182 
GLN HG3  H N N 183 
GLN HE21 H N N 184 
GLN HE22 H N N 185 
GLN HXT  H N N 186 
GLU N    N N N 187 
GLU CA   C N S 188 
GLU C    C N N 189 
GLU O    O N N 190 
GLU CB   C N N 191 
GLU CG   C N N 192 
GLU CD   C N N 193 
GLU OE1  O N N 194 
GLU OE2  O N N 195 
GLU OXT  O N N 196 
GLU H    H N N 197 
GLU H2   H N N 198 
GLU HA   H N N 199 
GLU HB2  H N N 200 
GLU HB3  H N N 201 
GLU HG2  H N N 202 
GLU HG3  H N N 203 
GLU HE2  H N N 204 
GLU HXT  H N N 205 
GLY N    N N N 206 
GLY CA   C N N 207 
GLY C    C N N 208 
GLY O    O N N 209 
GLY OXT  O N N 210 
GLY H    H N N 211 
GLY H2   H N N 212 
GLY HA2  H N N 213 
GLY HA3  H N N 214 
GLY HXT  H N N 215 
HIS N    N N N 216 
HIS CA   C N S 217 
HIS C    C N N 218 
HIS O    O N N 219 
HIS CB   C N N 220 
HIS CG   C Y N 221 
HIS ND1  N Y N 222 
HIS CD2  C Y N 223 
HIS CE1  C Y N 224 
HIS NE2  N Y N 225 
HIS OXT  O N N 226 
HIS H    H N N 227 
HIS H2   H N N 228 
HIS HA   H N N 229 
HIS HB2  H N N 230 
HIS HB3  H N N 231 
HIS HD1  H N N 232 
HIS HD2  H N N 233 
HIS HE1  H N N 234 
HIS HE2  H N N 235 
HIS HXT  H N N 236 
HOH O    O N N 237 
HOH H1   H N N 238 
HOH H2   H N N 239 
ILE N    N N N 240 
ILE CA   C N S 241 
ILE C    C N N 242 
ILE O    O N N 243 
ILE CB   C N S 244 
ILE CG1  C N N 245 
ILE CG2  C N N 246 
ILE CD1  C N N 247 
ILE OXT  O N N 248 
ILE H    H N N 249 
ILE H2   H N N 250 
ILE HA   H N N 251 
ILE HB   H N N 252 
ILE HG12 H N N 253 
ILE HG13 H N N 254 
ILE HG21 H N N 255 
ILE HG22 H N N 256 
ILE HG23 H N N 257 
ILE HD11 H N N 258 
ILE HD12 H N N 259 
ILE HD13 H N N 260 
ILE HXT  H N N 261 
LEU N    N N N 262 
LEU CA   C N S 263 
LEU C    C N N 264 
LEU O    O N N 265 
LEU CB   C N N 266 
LEU CG   C N N 267 
LEU CD1  C N N 268 
LEU CD2  C N N 269 
LEU OXT  O N N 270 
LEU H    H N N 271 
LEU H2   H N N 272 
LEU HA   H N N 273 
LEU HB2  H N N 274 
LEU HB3  H N N 275 
LEU HG   H N N 276 
LEU HD11 H N N 277 
LEU HD12 H N N 278 
LEU HD13 H N N 279 
LEU HD21 H N N 280 
LEU HD22 H N N 281 
LEU HD23 H N N 282 
LEU HXT  H N N 283 
LYS N    N N N 284 
LYS CA   C N S 285 
LYS C    C N N 286 
LYS O    O N N 287 
LYS CB   C N N 288 
LYS CG   C N N 289 
LYS CD   C N N 290 
LYS CE   C N N 291 
LYS NZ   N N N 292 
LYS OXT  O N N 293 
LYS H    H N N 294 
LYS H2   H N N 295 
LYS HA   H N N 296 
LYS HB2  H N N 297 
LYS HB3  H N N 298 
LYS HG2  H N N 299 
LYS HG3  H N N 300 
LYS HD2  H N N 301 
LYS HD3  H N N 302 
LYS HE2  H N N 303 
LYS HE3  H N N 304 
LYS HZ1  H N N 305 
LYS HZ2  H N N 306 
LYS HZ3  H N N 307 
LYS HXT  H N N 308 
PHE N    N N N 309 
PHE CA   C N S 310 
PHE C    C N N 311 
PHE O    O N N 312 
PHE CB   C N N 313 
PHE CG   C Y N 314 
PHE CD1  C Y N 315 
PHE CD2  C Y N 316 
PHE CE1  C Y N 317 
PHE CE2  C Y N 318 
PHE CZ   C Y N 319 
PHE OXT  O N N 320 
PHE H    H N N 321 
PHE H2   H N N 322 
PHE HA   H N N 323 
PHE HB2  H N N 324 
PHE HB3  H N N 325 
PHE HD1  H N N 326 
PHE HD2  H N N 327 
PHE HE1  H N N 328 
PHE HE2  H N N 329 
PHE HZ   H N N 330 
PHE HXT  H N N 331 
PRO N    N N N 332 
PRO CA   C N S 333 
PRO C    C N N 334 
PRO O    O N N 335 
PRO CB   C N N 336 
PRO CG   C N N 337 
PRO CD   C N N 338 
PRO OXT  O N N 339 
PRO H    H N N 340 
PRO HA   H N N 341 
PRO HB2  H N N 342 
PRO HB3  H N N 343 
PRO HG2  H N N 344 
PRO HG3  H N N 345 
PRO HD2  H N N 346 
PRO HD3  H N N 347 
PRO HXT  H N N 348 
SER N    N N N 349 
SER CA   C N S 350 
SER C    C N N 351 
SER O    O N N 352 
SER CB   C N N 353 
SER OG   O N N 354 
SER OXT  O N N 355 
SER H    H N N 356 
SER H2   H N N 357 
SER HA   H N N 358 
SER HB2  H N N 359 
SER HB3  H N N 360 
SER HG   H N N 361 
SER HXT  H N N 362 
THR N    N N N 363 
THR CA   C N S 364 
THR C    C N N 365 
THR O    O N N 366 
THR CB   C N R 367 
THR OG1  O N N 368 
THR CG2  C N N 369 
THR OXT  O N N 370 
THR H    H N N 371 
THR H2   H N N 372 
THR HA   H N N 373 
THR HB   H N N 374 
THR HG1  H N N 375 
THR HG21 H N N 376 
THR HG22 H N N 377 
THR HG23 H N N 378 
THR HXT  H N N 379 
TRP N    N N N 380 
TRP CA   C N S 381 
TRP C    C N N 382 
TRP O    O N N 383 
TRP CB   C N N 384 
TRP CG   C Y N 385 
TRP CD1  C Y N 386 
TRP CD2  C Y N 387 
TRP NE1  N Y N 388 
TRP CE2  C Y N 389 
TRP CE3  C Y N 390 
TRP CZ2  C Y N 391 
TRP CZ3  C Y N 392 
TRP CH2  C Y N 393 
TRP OXT  O N N 394 
TRP H    H N N 395 
TRP H2   H N N 396 
TRP HA   H N N 397 
TRP HB2  H N N 398 
TRP HB3  H N N 399 
TRP HD1  H N N 400 
TRP HE1  H N N 401 
TRP HE3  H N N 402 
TRP HZ2  H N N 403 
TRP HZ3  H N N 404 
TRP HH2  H N N 405 
TRP HXT  H N N 406 
TYR N    N N N 407 
TYR CA   C N S 408 
TYR C    C N N 409 
TYR O    O N N 410 
TYR CB   C N N 411 
TYR CG   C Y N 412 
TYR CD1  C Y N 413 
TYR CD2  C Y N 414 
TYR CE1  C Y N 415 
TYR CE2  C Y N 416 
TYR CZ   C Y N 417 
TYR OH   O N N 418 
TYR OXT  O N N 419 
TYR H    H N N 420 
TYR H2   H N N 421 
TYR HA   H N N 422 
TYR HB2  H N N 423 
TYR HB3  H N N 424 
TYR HD1  H N N 425 
TYR HD2  H N N 426 
TYR HE1  H N N 427 
TYR HE2  H N N 428 
TYR HH   H N N 429 
TYR HXT  H N N 430 
VAL N    N N N 431 
VAL CA   C N S 432 
VAL C    C N N 433 
VAL O    O N N 434 
VAL CB   C N N 435 
VAL CG1  C N N 436 
VAL CG2  C N N 437 
VAL OXT  O N N 438 
VAL H    H N N 439 
VAL H2   H N N 440 
VAL HA   H N N 441 
VAL HB   H N N 442 
VAL HG11 H N N 443 
VAL HG12 H N N 444 
VAL HG13 H N N 445 
VAL HG21 H N N 446 
VAL HG22 H N N 447 
VAL HG23 H N N 448 
VAL HXT  H N N 449 
# 
loop_
_chem_comp_bond.comp_id 
_chem_comp_bond.atom_id_1 
_chem_comp_bond.atom_id_2 
_chem_comp_bond.value_order 
_chem_comp_bond.pdbx_aromatic_flag 
_chem_comp_bond.pdbx_stereo_config 
_chem_comp_bond.pdbx_ordinal 
876 C1  C2   sing Y N 1   
876 C1  C6   doub Y N 2   
876 C1  H1   sing N N 3   
876 C2  C3   doub Y N 4   
876 C2  H2   sing N N 5   
876 C3  C4   sing Y N 6   
876 C3  P26  sing N N 7   
876 C4  C5   doub Y N 8   
876 C4  P69  sing N N 9   
876 C5  C6   sing Y N 10  
876 C5  H5   sing N N 11  
876 C6  C7   sing N N 12  
876 C7  C8   sing N N 13  
876 C7  H71  sing N N 14  
876 C7  H72A sing N N 15  
876 C8  C9   sing N N 16  
876 C8  N11  sing N N 17  
876 C8  H8   sing N N 18  
876 C9  N10  sing N N 19  
876 C9  O15  doub N N 20  
876 N10 C16  sing N N 21  
876 N10 H10  sing N N 22  
876 N11 C12  sing N N 23  
876 N11 H11  sing N N 24  
876 C12 C13  sing N N 25  
876 C12 O14  doub N N 26  
876 C13 H131 sing N N 27  
876 C13 H132 sing N N 28  
876 C13 H133 sing N N 29  
876 C16 C17  sing N N 30  
876 C16 C22  sing N N 31  
876 C16 H16  sing N N 32  
876 C17 C18  sing N N 33  
876 C17 H171 sing N N 34  
876 C17 H172 sing N N 35  
876 C18 C19  sing N N 36  
876 C18 H181 sing N N 37  
876 C18 H182 sing N N 38  
876 C19 C20  sing N N 39  
876 C19 H191 sing N N 40  
876 C19 H192 sing N N 41  
876 C20 N21  sing N N 42  
876 C20 H201 sing N N 43  
876 C20 H202 sing N N 44  
876 N21 C22  sing N N 45  
876 N21 C23  sing N N 46  
876 C22 O25  doub N N 47  
876 C23 C24  sing N N 48  
876 C23 H231 sing N N 49  
876 C23 H232 sing N N 50  
876 C24 C27  sing Y N 51  
876 C24 C31  doub Y N 52  
876 P26 O73  doub N N 53  
876 P26 O74  sing N N 54  
876 P26 O75  sing N N 55  
876 C27 C28  doub Y N 56  
876 C27 H27  sing N N 57  
876 C28 C29  sing Y N 58  
876 C28 H28  sing N N 59  
876 C29 C30  doub Y N 60  
876 C29 C32  sing Y N 61  
876 C30 C31  sing Y N 62  
876 C30 H30  sing N N 63  
876 C31 H31  sing N N 64  
876 C32 C59  sing Y N 65  
876 C32 C63  doub Y N 66  
876 C59 C60  doub Y N 67  
876 C59 H59  sing N N 68  
876 C60 C61  sing Y N 69  
876 C60 H60  sing N N 70  
876 C61 C62  doub Y N 71  
876 C61 H61  sing N N 72  
876 C62 C63  sing Y N 73  
876 C62 H62  sing N N 74  
876 C63 H63  sing N N 75  
876 P69 O70  sing N N 76  
876 P69 O71  doub N N 77  
876 P69 O72  sing N N 78  
876 O70 H70  sing N N 79  
876 O72 H72  sing N N 80  
876 O74 H74  sing N N 81  
876 O75 H75  sing N N 82  
ALA N   CA   sing N N 83  
ALA N   H    sing N N 84  
ALA N   H2   sing N N 85  
ALA CA  C    sing N N 86  
ALA CA  CB   sing N N 87  
ALA CA  HA   sing N N 88  
ALA C   O    doub N N 89  
ALA C   OXT  sing N N 90  
ALA CB  HB1  sing N N 91  
ALA CB  HB2  sing N N 92  
ALA CB  HB3  sing N N 93  
ALA OXT HXT  sing N N 94  
ARG N   CA   sing N N 95  
ARG N   H    sing N N 96  
ARG N   H2   sing N N 97  
ARG CA  C    sing N N 98  
ARG CA  CB   sing N N 99  
ARG CA  HA   sing N N 100 
ARG C   O    doub N N 101 
ARG C   OXT  sing N N 102 
ARG CB  CG   sing N N 103 
ARG CB  HB2  sing N N 104 
ARG CB  HB3  sing N N 105 
ARG CG  CD   sing N N 106 
ARG CG  HG2  sing N N 107 
ARG CG  HG3  sing N N 108 
ARG CD  NE   sing N N 109 
ARG CD  HD2  sing N N 110 
ARG CD  HD3  sing N N 111 
ARG NE  CZ   sing N N 112 
ARG NE  HE   sing N N 113 
ARG CZ  NH1  sing N N 114 
ARG CZ  NH2  doub N N 115 
ARG NH1 HH11 sing N N 116 
ARG NH1 HH12 sing N N 117 
ARG NH2 HH21 sing N N 118 
ARG NH2 HH22 sing N N 119 
ARG OXT HXT  sing N N 120 
ASN N   CA   sing N N 121 
ASN N   H    sing N N 122 
ASN N   H2   sing N N 123 
ASN CA  C    sing N N 124 
ASN CA  CB   sing N N 125 
ASN CA  HA   sing N N 126 
ASN C   O    doub N N 127 
ASN C   OXT  sing N N 128 
ASN CB  CG   sing N N 129 
ASN CB  HB2  sing N N 130 
ASN CB  HB3  sing N N 131 
ASN CG  OD1  doub N N 132 
ASN CG  ND2  sing N N 133 
ASN ND2 HD21 sing N N 134 
ASN ND2 HD22 sing N N 135 
ASN OXT HXT  sing N N 136 
ASP N   CA   sing N N 137 
ASP N   H    sing N N 138 
ASP N   H2   sing N N 139 
ASP CA  C    sing N N 140 
ASP CA  CB   sing N N 141 
ASP CA  HA   sing N N 142 
ASP C   O    doub N N 143 
ASP C   OXT  sing N N 144 
ASP CB  CG   sing N N 145 
ASP CB  HB2  sing N N 146 
ASP CB  HB3  sing N N 147 
ASP CG  OD1  doub N N 148 
ASP CG  OD2  sing N N 149 
ASP OD2 HD2  sing N N 150 
ASP OXT HXT  sing N N 151 
CYS N   CA   sing N N 152 
CYS N   H    sing N N 153 
CYS N   H2   sing N N 154 
CYS CA  C    sing N N 155 
CYS CA  CB   sing N N 156 
CYS CA  HA   sing N N 157 
CYS C   O    doub N N 158 
CYS C   OXT  sing N N 159 
CYS CB  SG   sing N N 160 
CYS CB  HB2  sing N N 161 
CYS CB  HB3  sing N N 162 
CYS SG  HG   sing N N 163 
CYS OXT HXT  sing N N 164 
GLN N   CA   sing N N 165 
GLN N   H    sing N N 166 
GLN N   H2   sing N N 167 
GLN CA  C    sing N N 168 
GLN CA  CB   sing N N 169 
GLN CA  HA   sing N N 170 
GLN C   O    doub N N 171 
GLN C   OXT  sing N N 172 
GLN CB  CG   sing N N 173 
GLN CB  HB2  sing N N 174 
GLN CB  HB3  sing N N 175 
GLN CG  CD   sing N N 176 
GLN CG  HG2  sing N N 177 
GLN CG  HG3  sing N N 178 
GLN CD  OE1  doub N N 179 
GLN CD  NE2  sing N N 180 
GLN NE2 HE21 sing N N 181 
GLN NE2 HE22 sing N N 182 
GLN OXT HXT  sing N N 183 
GLU N   CA   sing N N 184 
GLU N   H    sing N N 185 
GLU N   H2   sing N N 186 
GLU CA  C    sing N N 187 
GLU CA  CB   sing N N 188 
GLU CA  HA   sing N N 189 
GLU C   O    doub N N 190 
GLU C   OXT  sing N N 191 
GLU CB  CG   sing N N 192 
GLU CB  HB2  sing N N 193 
GLU CB  HB3  sing N N 194 
GLU CG  CD   sing N N 195 
GLU CG  HG2  sing N N 196 
GLU CG  HG3  sing N N 197 
GLU CD  OE1  doub N N 198 
GLU CD  OE2  sing N N 199 
GLU OE2 HE2  sing N N 200 
GLU OXT HXT  sing N N 201 
GLY N   CA   sing N N 202 
GLY N   H    sing N N 203 
GLY N   H2   sing N N 204 
GLY CA  C    sing N N 205 
GLY CA  HA2  sing N N 206 
GLY CA  HA3  sing N N 207 
GLY C   O    doub N N 208 
GLY C   OXT  sing N N 209 
GLY OXT HXT  sing N N 210 
HIS N   CA   sing N N 211 
HIS N   H    sing N N 212 
HIS N   H2   sing N N 213 
HIS CA  C    sing N N 214 
HIS CA  CB   sing N N 215 
HIS CA  HA   sing N N 216 
HIS C   O    doub N N 217 
HIS C   OXT  sing N N 218 
HIS CB  CG   sing N N 219 
HIS CB  HB2  sing N N 220 
HIS CB  HB3  sing N N 221 
HIS CG  ND1  sing Y N 222 
HIS CG  CD2  doub Y N 223 
HIS ND1 CE1  doub Y N 224 
HIS ND1 HD1  sing N N 225 
HIS CD2 NE2  sing Y N 226 
HIS CD2 HD2  sing N N 227 
HIS CE1 NE2  sing Y N 228 
HIS CE1 HE1  sing N N 229 
HIS NE2 HE2  sing N N 230 
HIS OXT HXT  sing N N 231 
HOH O   H1   sing N N 232 
HOH O   H2   sing N N 233 
ILE N   CA   sing N N 234 
ILE N   H    sing N N 235 
ILE N   H2   sing N N 236 
ILE CA  C    sing N N 237 
ILE CA  CB   sing N N 238 
ILE CA  HA   sing N N 239 
ILE C   O    doub N N 240 
ILE C   OXT  sing N N 241 
ILE CB  CG1  sing N N 242 
ILE CB  CG2  sing N N 243 
ILE CB  HB   sing N N 244 
ILE CG1 CD1  sing N N 245 
ILE CG1 HG12 sing N N 246 
ILE CG1 HG13 sing N N 247 
ILE CG2 HG21 sing N N 248 
ILE CG2 HG22 sing N N 249 
ILE CG2 HG23 sing N N 250 
ILE CD1 HD11 sing N N 251 
ILE CD1 HD12 sing N N 252 
ILE CD1 HD13 sing N N 253 
ILE OXT HXT  sing N N 254 
LEU N   CA   sing N N 255 
LEU N   H    sing N N 256 
LEU N   H2   sing N N 257 
LEU CA  C    sing N N 258 
LEU CA  CB   sing N N 259 
LEU CA  HA   sing N N 260 
LEU C   O    doub N N 261 
LEU C   OXT  sing N N 262 
LEU CB  CG   sing N N 263 
LEU CB  HB2  sing N N 264 
LEU CB  HB3  sing N N 265 
LEU CG  CD1  sing N N 266 
LEU CG  CD2  sing N N 267 
LEU CG  HG   sing N N 268 
LEU CD1 HD11 sing N N 269 
LEU CD1 HD12 sing N N 270 
LEU CD1 HD13 sing N N 271 
LEU CD2 HD21 sing N N 272 
LEU CD2 HD22 sing N N 273 
LEU CD2 HD23 sing N N 274 
LEU OXT HXT  sing N N 275 
LYS N   CA   sing N N 276 
LYS N   H    sing N N 277 
LYS N   H2   sing N N 278 
LYS CA  C    sing N N 279 
LYS CA  CB   sing N N 280 
LYS CA  HA   sing N N 281 
LYS C   O    doub N N 282 
LYS C   OXT  sing N N 283 
LYS CB  CG   sing N N 284 
LYS CB  HB2  sing N N 285 
LYS CB  HB3  sing N N 286 
LYS CG  CD   sing N N 287 
LYS CG  HG2  sing N N 288 
LYS CG  HG3  sing N N 289 
LYS CD  CE   sing N N 290 
LYS CD  HD2  sing N N 291 
LYS CD  HD3  sing N N 292 
LYS CE  NZ   sing N N 293 
LYS CE  HE2  sing N N 294 
LYS CE  HE3  sing N N 295 
LYS NZ  HZ1  sing N N 296 
LYS NZ  HZ2  sing N N 297 
LYS NZ  HZ3  sing N N 298 
LYS OXT HXT  sing N N 299 
PHE N   CA   sing N N 300 
PHE N   H    sing N N 301 
PHE N   H2   sing N N 302 
PHE CA  C    sing N N 303 
PHE CA  CB   sing N N 304 
PHE CA  HA   sing N N 305 
PHE C   O    doub N N 306 
PHE C   OXT  sing N N 307 
PHE CB  CG   sing N N 308 
PHE CB  HB2  sing N N 309 
PHE CB  HB3  sing N N 310 
PHE CG  CD1  doub Y N 311 
PHE CG  CD2  sing Y N 312 
PHE CD1 CE1  sing Y N 313 
PHE CD1 HD1  sing N N 314 
PHE CD2 CE2  doub Y N 315 
PHE CD2 HD2  sing N N 316 
PHE CE1 CZ   doub Y N 317 
PHE CE1 HE1  sing N N 318 
PHE CE2 CZ   sing Y N 319 
PHE CE2 HE2  sing N N 320 
PHE CZ  HZ   sing N N 321 
PHE OXT HXT  sing N N 322 
PRO N   CA   sing N N 323 
PRO N   CD   sing N N 324 
PRO N   H    sing N N 325 
PRO CA  C    sing N N 326 
PRO CA  CB   sing N N 327 
PRO CA  HA   sing N N 328 
PRO C   O    doub N N 329 
PRO C   OXT  sing N N 330 
PRO CB  CG   sing N N 331 
PRO CB  HB2  sing N N 332 
PRO CB  HB3  sing N N 333 
PRO CG  CD   sing N N 334 
PRO CG  HG2  sing N N 335 
PRO CG  HG3  sing N N 336 
PRO CD  HD2  sing N N 337 
PRO CD  HD3  sing N N 338 
PRO OXT HXT  sing N N 339 
SER N   CA   sing N N 340 
SER N   H    sing N N 341 
SER N   H2   sing N N 342 
SER CA  C    sing N N 343 
SER CA  CB   sing N N 344 
SER CA  HA   sing N N 345 
SER C   O    doub N N 346 
SER C   OXT  sing N N 347 
SER CB  OG   sing N N 348 
SER CB  HB2  sing N N 349 
SER CB  HB3  sing N N 350 
SER OG  HG   sing N N 351 
SER OXT HXT  sing N N 352 
THR N   CA   sing N N 353 
THR N   H    sing N N 354 
THR N   H2   sing N N 355 
THR CA  C    sing N N 356 
THR CA  CB   sing N N 357 
THR CA  HA   sing N N 358 
THR C   O    doub N N 359 
THR C   OXT  sing N N 360 
THR CB  OG1  sing N N 361 
THR CB  CG2  sing N N 362 
THR CB  HB   sing N N 363 
THR OG1 HG1  sing N N 364 
THR CG2 HG21 sing N N 365 
THR CG2 HG22 sing N N 366 
THR CG2 HG23 sing N N 367 
THR OXT HXT  sing N N 368 
TRP N   CA   sing N N 369 
TRP N   H    sing N N 370 
TRP N   H2   sing N N 371 
TRP CA  C    sing N N 372 
TRP CA  CB   sing N N 373 
TRP CA  HA   sing N N 374 
TRP C   O    doub N N 375 
TRP C   OXT  sing N N 376 
TRP CB  CG   sing N N 377 
TRP CB  HB2  sing N N 378 
TRP CB  HB3  sing N N 379 
TRP CG  CD1  doub Y N 380 
TRP CG  CD2  sing Y N 381 
TRP CD1 NE1  sing Y N 382 
TRP CD1 HD1  sing N N 383 
TRP CD2 CE2  doub Y N 384 
TRP CD2 CE3  sing Y N 385 
TRP NE1 CE2  sing Y N 386 
TRP NE1 HE1  sing N N 387 
TRP CE2 CZ2  sing Y N 388 
TRP CE3 CZ3  doub Y N 389 
TRP CE3 HE3  sing N N 390 
TRP CZ2 CH2  doub Y N 391 
TRP CZ2 HZ2  sing N N 392 
TRP CZ3 CH2  sing Y N 393 
TRP CZ3 HZ3  sing N N 394 
TRP CH2 HH2  sing N N 395 
TRP OXT HXT  sing N N 396 
TYR N   CA   sing N N 397 
TYR N   H    sing N N 398 
TYR N   H2   sing N N 399 
TYR CA  C    sing N N 400 
TYR CA  CB   sing N N 401 
TYR CA  HA   sing N N 402 
TYR C   O    doub N N 403 
TYR C   OXT  sing N N 404 
TYR CB  CG   sing N N 405 
TYR CB  HB2  sing N N 406 
TYR CB  HB3  sing N N 407 
TYR CG  CD1  doub Y N 408 
TYR CG  CD2  sing Y N 409 
TYR CD1 CE1  sing Y N 410 
TYR CD1 HD1  sing N N 411 
TYR CD2 CE2  doub Y N 412 
TYR CD2 HD2  sing N N 413 
TYR CE1 CZ   doub Y N 414 
TYR CE1 HE1  sing N N 415 
TYR CE2 CZ   sing Y N 416 
TYR CE2 HE2  sing N N 417 
TYR CZ  OH   sing N N 418 
TYR OH  HH   sing N N 419 
TYR OXT HXT  sing N N 420 
VAL N   CA   sing N N 421 
VAL N   H    sing N N 422 
VAL N   H2   sing N N 423 
VAL CA  C    sing N N 424 
VAL CA  CB   sing N N 425 
VAL CA  HA   sing N N 426 
VAL C   O    doub N N 427 
VAL C   OXT  sing N N 428 
VAL CB  CG1  sing N N 429 
VAL CB  CG2  sing N N 430 
VAL CB  HB   sing N N 431 
VAL CG1 HG11 sing N N 432 
VAL CG1 HG12 sing N N 433 
VAL CG1 HG13 sing N N 434 
VAL CG2 HG21 sing N N 435 
VAL CG2 HG22 sing N N 436 
VAL CG2 HG23 sing N N 437 
VAL OXT HXT  sing N N 438 
# 
loop_
_pdbx_entity_nonpoly.entity_id 
_pdbx_entity_nonpoly.name 
_pdbx_entity_nonpoly.comp_id 
2 "N-ACETYL-N-[1-(1,1'-BIPHENYL-4-YLMETHYL)-2-OXOAZEPAN-3-YL]-3,4-DIPHOSPHONOPHENYLALANINAMIDE" 876 
3 water                                                                                         HOH 
# 
_pdbx_initial_refinement_model.id               1 
_pdbx_initial_refinement_model.entity_id_list   ? 
_pdbx_initial_refinement_model.type             'experimental model' 
_pdbx_initial_refinement_model.source_name      PDB 
_pdbx_initial_refinement_model.accession_code   1SHD 
_pdbx_initial_refinement_model.details          ? 
# 
